data_6IY3
#
_entry.id   6IY3
#
_cell.length_a   1.00
_cell.length_b   1.00
_cell.length_c   1.00
_cell.angle_alpha   90.00
_cell.angle_beta   90.00
_cell.angle_gamma   90.00
#
_symmetry.space_group_name_H-M   'P 1'
#
loop_
_entity.id
_entity.type
_entity.pdbx_description
1 polymer 'Histone H3'
2 polymer 'Histone H4'
3 polymer 'Histone H2A'
4 polymer 'Histone H2B'
5 polymer 'DNA (147-MER)'
6 polymer 'DNA (147-MER)'
7 polymer 'Transcription regulatory protein SNF2'
8 non-polymer "ADENOSINE-5'-DIPHOSPHATE"
#
loop_
_entity_poly.entity_id
_entity_poly.type
_entity_poly.pdbx_seq_one_letter_code
_entity_poly.pdbx_strand_id
1 'polypeptide(L)'
;KKPHRYRPGTVALREIRRYQKSTELLIRKLPFQRLVREIAQDFKTDLRFQSSAVMALQEASEAYLVALFEDTNLAAIHAK
RVTIMPKDIQLARRIRGERA
;
A,E
2 'polypeptide(L)'
;AKRHRKVLRDNIQGITKPAIRRLARRGGVKRISGLIYEETRGVLKVFLENVIRDAVTYTEHAKRKTVTAMDVVYALKRQG
RTLYGFGG
;
B,F
3 'polypeptide(L)'
;KTRAKAKTRSSRAGLQFPVGRVHRLLRKGNYAERVGAGAPVYLAAVLEYLTAEILELAGNAARDNKKTRIIPRHLQLAVR
NDEELNKLLGRVTIAQGGVLPNIQSVLLPKKTE
;
C,G
4 'polypeptide(L)'
;KRRKTRKESYAIYVYKVLKQVHPDTGISSKAMSIMNSFVNDVFERIAGEASRLAHYNKRSTITSREIQTAVRLLLPGELA
KHAVSEGTKAVTKYTSAK
;
D,H
5 'polydeoxyribonucleotide'
;(DA)(DT)(DC)(DT)(DG)(DC)(DA)(DA)(DC)(DA)(DG)(DT)(DC)(DC)(DT)(DA)(DA)(DC)(DA)(DT)
(DT)(DC)(DA)(DC)(DC)(DT)(DC)(DT)(DT)(DG)(DT)(DG)(DT)(DG)(DT)(DT)(DT)(DG)(DT)(DG)
(DT)(DC)(DT)(DG)(DT)(DT)(DC)(DG)(DC)(DC)(DA)(DT)(DC)(DC)(DC)(DG)(DT)(DC)(DT)(DC)
(DC)(DG)(DC)(DT)(DC)(DG)(DT)(DC)(DA)(DC)(DT)(DT)(DA)(DT)(DC)(DC)(DT)(DT)(DC)(DA)
(DC)(DT)(DT)(DT)(DC)(DC)(DA)(DG)(DA)(DG)(DG)(DG)(DT)(DC)(DC)(DC)(DC)(DC)(DC)(DG)
(DC)(DA)(DG)(DA)(DC)(DC)(DC)(DC)(DG)(DG)(DC)(DG)(DA)(DC)(DC)(DC)(DT)(DC)(DA)(DG)
(DG)(DT)(DC)(DG)(DG)(DC)(DC)(DG)(DA)(DC)(DT)(DG)(DC)(DG)(DG)(DC)(DA)(DC)(DA)(DG)
(DT)(DT)(DT)(DT)(DG)(DA)(DT)
;
J
6 'polydeoxyribonucleotide'
;(DA)(DT)(DC)(DA)(DA)(DA)(DA)(DC)(DT)(DG)(DT)(DG)(DC)(DC)(DG)(DC)(DA)(DG)(DT)(DC)
(DG)(DG)(DC)(DC)(DG)(DA)(DC)(DC)(DT)(DG)(DA)(DG)(DG)(DG)(DT)(DC)(DG)(DC)(DC)(DG)
(DG)(DG)(DG)(DT)(DC)(DT)(DG)(DC)(DG)(DG)(DG)(DG)(DG)(DG)(DA)(DC)(DC)(DC)(DT)(DC)
(DT)(DG)(DG)(DA)(DA)(DA)(DG)(DT)(DG)(DA)(DA)(DG)(DG)(DA)(DT)(DA)(DA)(DG)(DT)(DG)
(DA)(DC)(DG)(DA)(DG)(DC)(DG)(DG)(DA)(DG)(DA)(DC)(DG)(DG)(DG)(DA)(DT)(DG)(DG)(DC)
(DG)(DA)(DA)(DC)(DA)(DG)(DA)(DC)(DA)(DC)(DA)(DA)(DA)(DC)(DA)(DC)(DA)(DC)(DA)(DA)
(DG)(DA)(DG)(DG)(DT)(DG)(DA)(DA)(DT)(DG)(DT)(DT)(DA)(DG)(DG)(DA)(DC)(DT)(DG)(DT)
(DT)(DG)(DC)(DA)(DG)(DA)(DT)
;
I
7 'polypeptide(L)'
;LLDQTKDTRITHLLRQTNAFLDSLTRAVKDQQKYTKEMIDSHIKEASEEVDDLSMVPKMKDEEYDDDDDNSNVDYYNVAH
RIKEDIKKQPSILVGGTLKDYQIKGLQWMVSLFNNHLNGILADEMGLGKTIQTISLLTYLYEMKNIRGPYLVIVPLSTLS
NWSSEFAKWAPTLRTISFKGSPNERKAKQAKIRAGEFDVVLTTFEYIIKERALLSKVKWVHMIIDEGHRMKNAQSKLSLT
LNTHYHADYRLILTGTPLQNNLPELWALLNFVLPKIFNSVKSFDEWFNTPFANTGGQDKIELSEEETLLVIRRLHKVLRP
FLLRRLKKDVEKELPDKVEKVVKCKMSALQQIMYQQMLKYRRLFIGDQNNKKMVGLRGFNNQIMQLKKICNHPFVFEEVE
DQINPTRETNDDIWRVAGKFELLDRILPKLKATGHRVLIFFQMTQIMDIMEDFLRYINIKYLRLDGHTKSDERSELLRLF
NAPDSEYLCFILSTRAGGLGLNLQTADTVIIFDTDWNPHQDLQAQDRAHRIGQKNEVRILRLITTNSVEEVILERAYKKL
DIDGKVIQAGKFDNKSTSEEQEALLRSLLDAEEERRKKRESGVEEEEELKDSEINEILARNDEEMAVLTRMDEDRSKKEE
ELGVKSRLLEKSELPDIYSRDIGAELKREESESAAVYNG
;
O
#
# COMPACT_ATOMS: atom_id res chain seq x y z
N LYS A 1 -49.84 -61.83 -13.99
CA LYS A 1 -48.75 -61.16 -13.30
C LYS A 1 -48.66 -59.69 -13.70
N LYS A 2 -47.66 -58.99 -13.17
CA LYS A 2 -47.33 -57.64 -13.61
C LYS A 2 -45.81 -57.58 -13.75
N PRO A 3 -45.28 -57.22 -14.93
CA PRO A 3 -43.83 -57.09 -15.06
C PRO A 3 -43.32 -55.88 -14.29
N HIS A 4 -42.18 -56.05 -13.65
CA HIS A 4 -41.67 -55.04 -12.72
C HIS A 4 -41.09 -53.89 -13.51
N ARG A 5 -41.90 -52.87 -13.78
CA ARG A 5 -41.38 -51.61 -14.28
C ARG A 5 -40.89 -50.81 -13.08
N TYR A 6 -39.60 -50.48 -13.08
CA TYR A 6 -38.99 -49.74 -11.98
C TYR A 6 -39.61 -48.36 -11.84
N ARG A 7 -39.65 -47.89 -10.60
CA ARG A 7 -39.92 -46.49 -10.31
C ARG A 7 -38.92 -45.63 -11.08
N PRO A 8 -39.38 -44.62 -11.81
CA PRO A 8 -38.45 -43.85 -12.64
C PRO A 8 -37.53 -42.98 -11.79
N GLY A 9 -36.22 -43.12 -12.04
CA GLY A 9 -35.19 -42.48 -11.23
C GLY A 9 -34.20 -43.45 -10.63
N THR A 10 -34.67 -44.64 -10.23
CA THR A 10 -33.78 -45.61 -9.60
C THR A 10 -32.78 -46.18 -10.59
N VAL A 11 -33.19 -46.31 -11.86
CA VAL A 11 -32.27 -46.75 -12.89
C VAL A 11 -31.22 -45.68 -13.16
N ALA A 12 -31.61 -44.42 -13.07
CA ALA A 12 -30.65 -43.34 -13.19
C ALA A 12 -29.65 -43.35 -12.04
N LEU A 13 -30.12 -43.68 -10.83
CA LEU A 13 -29.18 -43.73 -9.70
C LEU A 13 -28.23 -44.91 -9.81
N ARG A 14 -28.71 -46.07 -10.28
CA ARG A 14 -27.77 -47.18 -10.43
C ARG A 14 -26.81 -46.95 -11.59
N GLU A 15 -27.20 -46.17 -12.59
CA GLU A 15 -26.23 -45.80 -13.61
C GLU A 15 -25.20 -44.82 -13.07
N ILE A 16 -25.61 -43.89 -12.19
CA ILE A 16 -24.63 -42.98 -11.57
C ILE A 16 -23.62 -43.77 -10.75
N ARG A 17 -24.09 -44.82 -10.07
CA ARG A 17 -23.14 -45.63 -9.31
C ARG A 17 -22.20 -46.42 -10.22
N ARG A 18 -22.71 -47.03 -11.30
CA ARG A 18 -21.78 -47.85 -12.07
C ARG A 18 -20.86 -47.03 -12.95
N TYR A 19 -21.25 -45.83 -13.37
CA TYR A 19 -20.31 -45.02 -14.13
C TYR A 19 -19.48 -44.10 -13.25
N GLN A 20 -19.69 -44.09 -11.94
CA GLN A 20 -18.63 -43.55 -11.11
C GLN A 20 -17.74 -44.64 -10.53
N LYS A 21 -18.15 -45.91 -10.60
CA LYS A 21 -17.20 -46.98 -10.29
C LYS A 21 -16.28 -47.27 -11.46
N SER A 22 -16.81 -47.32 -12.67
CA SER A 22 -16.01 -47.77 -13.79
C SER A 22 -15.14 -46.63 -14.33
N THR A 23 -14.32 -46.94 -15.32
CA THR A 23 -13.35 -45.95 -15.80
C THR A 23 -13.11 -45.96 -17.31
N GLU A 24 -13.92 -46.61 -18.13
CA GLU A 24 -13.57 -46.75 -19.52
C GLU A 24 -13.94 -45.48 -20.29
N LEU A 25 -13.76 -45.53 -21.61
CA LEU A 25 -14.23 -44.46 -22.48
C LEU A 25 -15.67 -44.71 -22.87
N LEU A 26 -16.41 -43.63 -23.10
CA LEU A 26 -17.84 -43.73 -23.30
C LEU A 26 -18.31 -43.41 -24.70
N ILE A 27 -17.56 -42.64 -25.45
CA ILE A 27 -17.86 -42.43 -26.86
C ILE A 27 -17.12 -43.50 -27.65
N ARG A 28 -17.79 -44.12 -28.60
CA ARG A 28 -17.19 -45.23 -29.30
C ARG A 28 -16.12 -44.76 -30.28
N LYS A 29 -15.11 -45.62 -30.46
CA LYS A 29 -13.81 -45.17 -30.92
C LYS A 29 -13.83 -44.81 -32.39
N LEU A 30 -14.45 -45.64 -33.21
CA LEU A 30 -14.54 -45.36 -34.63
C LEU A 30 -15.44 -44.18 -34.98
N PRO A 31 -16.62 -43.97 -34.34
CA PRO A 31 -17.34 -42.71 -34.61
C PRO A 31 -16.59 -41.47 -34.18
N PHE A 32 -15.93 -41.52 -33.01
CA PHE A 32 -15.13 -40.37 -32.60
C PHE A 32 -13.95 -40.12 -33.54
N GLN A 33 -13.38 -41.19 -34.09
CA GLN A 33 -12.27 -41.03 -35.02
C GLN A 33 -12.71 -40.40 -36.33
N ARG A 34 -13.89 -40.80 -36.85
CA ARG A 34 -14.40 -40.15 -38.05
C ARG A 34 -14.72 -38.68 -37.80
N LEU A 35 -15.17 -38.35 -36.59
CA LEU A 35 -15.39 -36.96 -36.21
C LEU A 35 -14.11 -36.14 -36.24
N VAL A 36 -13.05 -36.67 -35.61
CA VAL A 36 -11.78 -35.97 -35.54
C VAL A 36 -11.17 -35.79 -36.92
N ARG A 37 -11.32 -36.78 -37.79
CA ARG A 37 -10.76 -36.63 -39.13
C ARG A 37 -11.57 -35.64 -39.97
N GLU A 38 -12.87 -35.48 -39.71
CA GLU A 38 -13.59 -34.36 -40.33
C GLU A 38 -13.04 -33.01 -39.90
N ILE A 39 -12.92 -32.81 -38.58
CA ILE A 39 -12.54 -31.51 -38.06
C ILE A 39 -11.09 -31.18 -38.41
N ALA A 40 -10.26 -32.20 -38.62
CA ALA A 40 -8.93 -31.97 -39.15
C ALA A 40 -8.95 -31.75 -40.65
N GLN A 41 -9.92 -32.34 -41.35
CA GLN A 41 -10.07 -32.10 -42.78
C GLN A 41 -10.48 -30.67 -43.08
N ASP A 42 -11.02 -29.96 -42.07
CA ASP A 42 -11.27 -28.53 -42.24
C ASP A 42 -10.00 -27.73 -42.55
N PHE A 43 -8.84 -28.16 -42.06
CA PHE A 43 -7.65 -27.32 -42.11
C PHE A 43 -6.64 -27.78 -43.15
N LYS A 44 -6.46 -29.08 -43.29
CA LYS A 44 -5.39 -29.64 -44.10
C LYS A 44 -5.89 -30.95 -44.67
N THR A 45 -5.38 -31.33 -45.84
CA THR A 45 -6.00 -32.44 -46.55
C THR A 45 -5.39 -33.79 -46.17
N ASP A 46 -4.09 -33.95 -46.33
CA ASP A 46 -3.45 -35.28 -46.30
C ASP A 46 -2.89 -35.62 -44.94
N LEU A 47 -3.58 -35.26 -43.86
CA LEU A 47 -3.07 -35.51 -42.52
C LEU A 47 -3.17 -36.98 -42.17
N ARG A 48 -2.47 -37.35 -41.10
CA ARG A 48 -2.48 -38.71 -40.58
C ARG A 48 -2.54 -38.61 -39.07
N PHE A 49 -2.83 -39.72 -38.41
CA PHE A 49 -3.17 -39.70 -37.00
C PHE A 49 -2.66 -40.96 -36.34
N GLN A 50 -1.79 -40.80 -35.35
CA GLN A 50 -1.50 -41.91 -34.47
C GLN A 50 -2.72 -42.26 -33.65
N SER A 51 -2.84 -43.55 -33.33
CA SER A 51 -3.88 -44.01 -32.43
C SER A 51 -3.73 -43.40 -31.06
N SER A 52 -2.50 -43.10 -30.65
CA SER A 52 -2.27 -42.35 -29.42
C SER A 52 -2.81 -40.93 -29.52
N ALA A 53 -2.80 -40.33 -30.71
CA ALA A 53 -3.34 -38.99 -30.84
C ALA A 53 -4.86 -38.99 -30.79
N VAL A 54 -5.48 -39.95 -31.46
CA VAL A 54 -6.94 -40.05 -31.41
C VAL A 54 -7.41 -40.39 -30.00
N MET A 55 -6.75 -41.30 -29.31
CA MET A 55 -7.16 -41.57 -27.95
C MET A 55 -6.81 -40.43 -27.00
N ALA A 56 -5.83 -39.59 -27.34
CA ALA A 56 -5.58 -38.41 -26.53
C ALA A 56 -6.72 -37.42 -26.63
N LEU A 57 -7.19 -37.18 -27.85
CA LEU A 57 -8.37 -36.35 -28.04
C LEU A 57 -9.59 -36.93 -27.34
N GLN A 58 -9.71 -38.25 -27.33
CA GLN A 58 -10.89 -38.84 -26.73
C GLN A 58 -10.87 -38.72 -25.23
N GLU A 59 -9.70 -38.93 -24.60
CA GLU A 59 -9.58 -38.73 -23.16
C GLU A 59 -9.80 -37.27 -22.79
N ALA A 60 -9.29 -36.34 -23.60
CA ALA A 60 -9.40 -34.93 -23.28
C ALA A 60 -10.84 -34.44 -23.39
N SER A 61 -11.51 -34.78 -24.49
CA SER A 61 -12.85 -34.24 -24.68
C SER A 61 -13.88 -34.94 -23.81
N GLU A 62 -13.70 -36.22 -23.48
CA GLU A 62 -14.59 -36.79 -22.50
C GLU A 62 -14.37 -36.22 -21.12
N ALA A 63 -13.14 -35.88 -20.75
CA ALA A 63 -12.96 -35.24 -19.44
C ALA A 63 -13.54 -33.84 -19.40
N TYR A 64 -13.43 -33.11 -20.51
CA TYR A 64 -14.07 -31.80 -20.63
C TYR A 64 -15.59 -31.89 -20.50
N LEU A 65 -16.20 -32.88 -21.15
CA LEU A 65 -17.65 -32.94 -21.07
C LEU A 65 -18.16 -33.46 -19.73
N VAL A 66 -17.41 -34.34 -19.06
CA VAL A 66 -17.83 -34.75 -17.73
C VAL A 66 -17.74 -33.58 -16.74
N ALA A 67 -16.70 -32.74 -16.87
CA ALA A 67 -16.61 -31.56 -16.01
C ALA A 67 -17.74 -30.57 -16.29
N LEU A 68 -18.11 -30.44 -17.56
CA LEU A 68 -19.20 -29.54 -17.93
C LEU A 68 -20.53 -30.03 -17.39
N PHE A 69 -20.77 -31.34 -17.41
CA PHE A 69 -22.02 -31.82 -16.85
C PHE A 69 -22.05 -31.76 -15.33
N GLU A 70 -20.90 -31.80 -14.66
CA GLU A 70 -20.91 -31.56 -13.22
C GLU A 70 -21.30 -30.12 -12.90
N ASP A 71 -20.76 -29.14 -13.63
CA ASP A 71 -21.12 -27.76 -13.33
C ASP A 71 -22.52 -27.41 -13.82
N THR A 72 -22.99 -28.06 -14.89
CA THR A 72 -24.37 -27.95 -15.29
C THR A 72 -25.33 -28.50 -14.24
N ASN A 73 -24.97 -29.61 -13.59
CA ASN A 73 -25.82 -30.12 -12.52
C ASN A 73 -25.84 -29.19 -11.32
N LEU A 74 -24.72 -28.49 -11.05
CA LEU A 74 -24.75 -27.48 -9.99
C LEU A 74 -25.71 -26.34 -10.32
N ALA A 75 -25.68 -25.86 -11.56
CA ALA A 75 -26.61 -24.79 -11.92
C ALA A 75 -28.07 -25.26 -11.92
N ALA A 76 -28.33 -26.49 -12.35
CA ALA A 76 -29.71 -26.96 -12.39
C ALA A 76 -30.19 -27.50 -11.05
N ILE A 77 -29.33 -27.60 -10.06
CA ILE A 77 -29.86 -27.70 -8.70
C ILE A 77 -30.07 -26.30 -8.15
N HIS A 78 -29.28 -25.33 -8.62
CA HIS A 78 -29.44 -23.97 -8.13
C HIS A 78 -30.75 -23.34 -8.60
N ALA A 79 -31.27 -23.75 -9.75
CA ALA A 79 -32.57 -23.24 -10.17
C ALA A 79 -33.74 -24.05 -9.61
N LYS A 80 -33.52 -24.78 -8.51
CA LYS A 80 -34.53 -25.60 -7.83
C LYS A 80 -35.15 -26.64 -8.75
N ARG A 81 -34.29 -27.37 -9.47
CA ARG A 81 -34.75 -28.39 -10.40
C ARG A 81 -33.88 -29.62 -10.27
N VAL A 82 -34.15 -30.61 -11.11
CA VAL A 82 -33.29 -31.76 -11.32
C VAL A 82 -32.90 -31.90 -12.78
N THR A 83 -33.86 -31.71 -13.67
CA THR A 83 -33.65 -31.76 -15.11
C THR A 83 -32.70 -30.68 -15.58
N ILE A 84 -31.62 -31.07 -16.24
CA ILE A 84 -30.73 -30.07 -16.84
C ILE A 84 -31.32 -29.59 -18.15
N MET A 85 -30.92 -28.41 -18.58
CA MET A 85 -31.57 -27.69 -19.67
C MET A 85 -30.49 -26.94 -20.42
N PRO A 86 -30.76 -26.47 -21.66
CA PRO A 86 -29.69 -25.80 -22.41
C PRO A 86 -29.25 -24.46 -21.83
N LYS A 87 -30.13 -23.78 -21.11
CA LYS A 87 -29.73 -22.56 -20.42
C LYS A 87 -28.70 -22.82 -19.33
N ASP A 88 -28.67 -24.05 -18.78
CA ASP A 88 -27.68 -24.38 -17.77
C ASP A 88 -26.29 -24.54 -18.37
N ILE A 89 -26.20 -25.19 -19.52
CA ILE A 89 -24.92 -25.34 -20.20
C ILE A 89 -24.41 -23.99 -20.69
N GLN A 90 -25.32 -23.16 -21.22
CA GLN A 90 -24.91 -21.83 -21.67
C GLN A 90 -24.50 -20.94 -20.51
N LEU A 91 -25.16 -21.08 -19.36
CA LEU A 91 -24.75 -20.35 -18.17
C LEU A 91 -23.38 -20.81 -17.67
N ALA A 92 -23.13 -22.12 -17.69
CA ALA A 92 -21.85 -22.61 -17.19
C ALA A 92 -20.70 -22.18 -18.08
N ARG A 93 -20.90 -22.20 -19.40
CA ARG A 93 -19.87 -21.67 -20.30
C ARG A 93 -19.81 -20.15 -20.31
N ARG A 94 -20.80 -19.47 -19.76
CA ARG A 94 -20.75 -18.02 -19.63
C ARG A 94 -20.04 -17.58 -18.36
N ILE A 95 -20.21 -18.31 -17.27
CA ILE A 95 -19.49 -18.00 -16.04
C ILE A 95 -18.03 -18.38 -16.17
N ARG A 96 -17.75 -19.56 -16.75
CA ARG A 96 -16.38 -20.03 -16.85
C ARG A 96 -15.56 -19.18 -17.82
N GLY A 97 -16.18 -18.67 -18.87
CA GLY A 97 -15.53 -17.67 -19.70
C GLY A 97 -15.34 -18.07 -21.14
N GLU A 98 -15.98 -19.15 -21.57
CA GLU A 98 -15.73 -19.67 -22.90
C GLU A 98 -16.58 -18.99 -23.96
N ARG A 99 -17.75 -18.47 -23.57
CA ARG A 99 -18.69 -17.85 -24.50
C ARG A 99 -18.58 -16.33 -24.53
N ALA A 100 -18.89 -15.68 -23.42
CA ALA A 100 -18.91 -14.23 -23.35
C ALA A 100 -18.46 -13.72 -21.98
N LYS B 6 -21.92 -42.28 -42.44
CA LYS B 6 -21.92 -42.93 -43.75
C LYS B 6 -21.25 -42.07 -44.83
N VAL B 7 -21.86 -40.92 -45.15
CA VAL B 7 -21.45 -40.07 -46.25
C VAL B 7 -20.96 -38.71 -45.77
N LEU B 8 -20.31 -38.65 -44.61
CA LEU B 8 -19.97 -37.45 -43.82
C LEU B 8 -21.21 -36.66 -43.41
N ARG B 9 -22.39 -37.28 -43.41
CA ARG B 9 -23.58 -36.67 -42.85
C ARG B 9 -23.60 -36.85 -41.33
N ASP B 10 -23.39 -38.07 -40.88
CA ASP B 10 -23.59 -38.47 -39.49
C ASP B 10 -22.29 -38.47 -38.70
N ASN B 11 -21.39 -37.50 -38.96
CA ASN B 11 -20.15 -37.44 -38.21
C ASN B 11 -20.40 -37.07 -36.76
N ILE B 12 -20.88 -35.84 -36.53
CA ILE B 12 -21.17 -35.43 -35.17
C ILE B 12 -22.42 -36.12 -34.67
N GLN B 13 -23.28 -36.56 -35.58
CA GLN B 13 -24.42 -37.39 -35.20
C GLN B 13 -23.99 -38.77 -34.71
N GLY B 14 -22.76 -39.18 -35.03
CA GLY B 14 -22.18 -40.38 -34.44
C GLY B 14 -21.88 -40.27 -32.97
N ILE B 15 -21.85 -39.06 -32.42
CA ILE B 15 -21.87 -38.89 -30.97
C ILE B 15 -23.29 -39.21 -30.53
N THR B 16 -23.50 -40.41 -30.04
CA THR B 16 -24.87 -40.89 -29.96
C THR B 16 -25.56 -40.36 -28.71
N LYS B 17 -26.90 -40.41 -28.78
CA LYS B 17 -27.74 -40.06 -27.65
C LYS B 17 -27.46 -40.86 -26.39
N PRO B 18 -27.30 -42.20 -26.41
CA PRO B 18 -26.95 -42.85 -25.14
C PRO B 18 -25.53 -42.60 -24.70
N ALA B 19 -24.59 -42.28 -25.59
CA ALA B 19 -23.25 -41.95 -25.13
C ALA B 19 -23.23 -40.60 -24.43
N ILE B 20 -24.04 -39.65 -24.92
CA ILE B 20 -24.22 -38.40 -24.19
C ILE B 20 -24.89 -38.66 -22.85
N ARG B 21 -25.80 -39.63 -22.81
CA ARG B 21 -26.40 -39.98 -21.53
C ARG B 21 -25.41 -40.61 -20.58
N ARG B 22 -24.47 -41.41 -21.07
CA ARG B 22 -23.49 -42.03 -20.18
C ARG B 22 -22.52 -41.00 -19.64
N LEU B 23 -22.13 -40.02 -20.47
CA LEU B 23 -21.33 -38.90 -19.98
C LEU B 23 -22.09 -38.11 -18.92
N ALA B 24 -23.39 -37.91 -19.12
CA ALA B 24 -24.16 -37.18 -18.14
C ALA B 24 -24.36 -37.98 -16.86
N ARG B 25 -24.42 -39.30 -16.94
CA ARG B 25 -24.51 -40.08 -15.71
C ARG B 25 -23.19 -40.08 -14.98
N ARG B 26 -22.08 -39.98 -15.70
CA ARG B 26 -20.82 -39.82 -15.00
C ARG B 26 -20.73 -38.45 -14.36
N GLY B 27 -21.36 -37.46 -14.98
CA GLY B 27 -21.39 -36.13 -14.39
C GLY B 27 -22.27 -36.00 -13.17
N GLY B 28 -23.15 -36.97 -12.93
CA GLY B 28 -24.03 -36.93 -11.78
C GLY B 28 -25.45 -36.60 -12.11
N VAL B 29 -25.73 -36.23 -13.36
CA VAL B 29 -27.04 -35.77 -13.78
C VAL B 29 -28.07 -36.88 -13.67
N LYS B 30 -29.18 -36.58 -13.01
CA LYS B 30 -30.23 -37.58 -12.85
C LYS B 30 -31.25 -37.55 -13.99
N ARG B 31 -31.50 -36.40 -14.60
CA ARG B 31 -32.53 -36.32 -15.62
C ARG B 31 -32.16 -35.28 -16.65
N ILE B 32 -32.35 -35.60 -17.93
CA ILE B 32 -31.77 -34.87 -19.04
C ILE B 32 -32.90 -34.38 -19.95
N SER B 33 -32.77 -33.16 -20.44
CA SER B 33 -33.69 -32.61 -21.42
C SER B 33 -33.48 -33.23 -22.80
N GLY B 34 -34.13 -32.65 -23.80
CA GLY B 34 -34.06 -33.17 -25.14
C GLY B 34 -33.20 -32.32 -26.05
N LEU B 35 -32.76 -31.17 -25.55
CA LEU B 35 -31.89 -30.29 -26.31
C LEU B 35 -30.48 -30.21 -25.74
N ILE B 36 -30.26 -30.81 -24.57
CA ILE B 36 -28.93 -31.11 -24.04
C ILE B 36 -28.11 -31.86 -25.07
N TYR B 37 -28.76 -32.75 -25.82
CA TYR B 37 -28.09 -33.58 -26.81
C TYR B 37 -27.49 -32.74 -27.92
N GLU B 38 -28.27 -31.84 -28.49
CA GLU B 38 -27.75 -31.03 -29.59
C GLU B 38 -26.79 -29.96 -29.10
N GLU B 39 -27.04 -29.41 -27.92
CA GLU B 39 -26.13 -28.40 -27.40
C GLU B 39 -24.77 -29.01 -27.04
N THR B 40 -24.77 -30.23 -26.48
CA THR B 40 -23.53 -30.92 -26.17
C THR B 40 -22.78 -31.30 -27.42
N ARG B 41 -23.50 -31.67 -28.49
CA ARG B 41 -22.85 -31.86 -29.78
C ARG B 41 -22.18 -30.58 -30.29
N GLY B 42 -22.84 -29.44 -30.14
CA GLY B 42 -22.22 -28.19 -30.54
C GLY B 42 -21.01 -27.81 -29.71
N VAL B 43 -21.09 -28.03 -28.40
CA VAL B 43 -19.98 -27.73 -27.49
C VAL B 43 -18.77 -28.58 -27.81
N LEU B 44 -18.99 -29.88 -28.03
CA LEU B 44 -17.91 -30.80 -28.35
C LEU B 44 -17.24 -30.44 -29.67
N LYS B 45 -18.05 -30.01 -30.65
CA LYS B 45 -17.46 -29.66 -31.94
C LYS B 45 -16.60 -28.40 -31.83
N VAL B 46 -17.02 -27.41 -31.04
CA VAL B 46 -16.19 -26.19 -30.93
C VAL B 46 -14.89 -26.49 -30.19
N PHE B 47 -14.95 -27.31 -29.14
CA PHE B 47 -13.73 -27.67 -28.41
C PHE B 47 -12.76 -28.44 -29.28
N LEU B 48 -13.27 -29.36 -30.10
CA LEU B 48 -12.35 -30.08 -30.97
C LEU B 48 -11.84 -29.22 -32.10
N GLU B 49 -12.61 -28.24 -32.59
CA GLU B 49 -12.06 -27.32 -33.58
C GLU B 49 -10.86 -26.58 -33.03
N ASN B 50 -10.94 -26.12 -31.77
CA ASN B 50 -9.82 -25.40 -31.18
C ASN B 50 -8.59 -26.29 -31.01
N VAL B 51 -8.79 -27.49 -30.45
CA VAL B 51 -7.63 -28.34 -30.16
C VAL B 51 -6.99 -28.85 -31.45
N ILE B 52 -7.79 -29.26 -32.43
CA ILE B 52 -7.20 -29.76 -33.67
C ILE B 52 -6.62 -28.63 -34.50
N ARG B 53 -7.08 -27.40 -34.33
CA ARG B 53 -6.42 -26.26 -34.96
C ARG B 53 -5.02 -26.05 -34.41
N ASP B 54 -4.87 -26.12 -33.08
CA ASP B 54 -3.52 -25.95 -32.53
C ASP B 54 -2.60 -27.14 -32.86
N ALA B 55 -3.14 -28.36 -32.91
CA ALA B 55 -2.30 -29.51 -33.24
C ALA B 55 -1.85 -29.49 -34.69
N VAL B 56 -2.74 -29.07 -35.60
CA VAL B 56 -2.34 -28.93 -37.00
C VAL B 56 -1.36 -27.77 -37.17
N THR B 57 -1.43 -26.75 -36.31
CA THR B 57 -0.42 -25.69 -36.38
C THR B 57 0.97 -26.19 -35.99
N TYR B 58 1.07 -27.02 -34.95
CA TYR B 58 2.37 -27.60 -34.63
C TYR B 58 2.86 -28.55 -35.73
N THR B 59 1.94 -29.33 -36.31
CA THR B 59 2.33 -30.29 -37.33
C THR B 59 2.77 -29.59 -38.61
N GLU B 60 2.12 -28.49 -38.98
CA GLU B 60 2.60 -27.66 -40.08
C GLU B 60 3.94 -27.05 -39.76
N HIS B 61 4.16 -26.67 -38.50
CA HIS B 61 5.41 -26.02 -38.17
C HIS B 61 6.59 -26.97 -38.23
N ALA B 62 6.40 -28.23 -37.86
CA ALA B 62 7.53 -29.13 -37.89
C ALA B 62 7.80 -29.72 -39.26
N LYS B 63 7.03 -29.31 -40.28
CA LYS B 63 7.13 -29.79 -41.66
C LYS B 63 7.00 -31.32 -41.72
N ARG B 64 5.80 -31.76 -41.35
CA ARG B 64 5.49 -33.17 -41.27
C ARG B 64 3.99 -33.31 -41.50
N LYS B 65 3.55 -34.56 -41.67
CA LYS B 65 2.19 -34.84 -42.09
C LYS B 65 1.55 -35.88 -41.19
N THR B 66 1.88 -35.88 -39.90
CA THR B 66 1.31 -36.84 -38.97
C THR B 66 1.09 -36.14 -37.65
N VAL B 67 -0.17 -35.90 -37.32
CA VAL B 67 -0.52 -35.29 -36.04
C VAL B 67 -0.40 -36.33 -34.95
N THR B 68 0.56 -36.16 -34.06
CA THR B 68 0.93 -37.18 -33.10
C THR B 68 0.50 -36.79 -31.70
N ALA B 69 0.79 -37.70 -30.77
CA ALA B 69 0.30 -37.54 -29.40
C ALA B 69 0.98 -36.38 -28.70
N MET B 70 2.26 -36.12 -29.00
CA MET B 70 2.90 -34.99 -28.35
C MET B 70 2.40 -33.68 -28.90
N ASP B 71 1.99 -33.66 -30.16
CA ASP B 71 1.39 -32.46 -30.71
C ASP B 71 0.06 -32.17 -30.04
N VAL B 72 -0.74 -33.21 -29.81
CA VAL B 72 -2.00 -33.04 -29.09
C VAL B 72 -1.75 -32.60 -27.65
N VAL B 73 -0.73 -33.15 -26.98
CA VAL B 73 -0.48 -32.79 -25.59
C VAL B 73 0.04 -31.35 -25.48
N TYR B 74 0.86 -30.91 -26.43
CA TYR B 74 1.31 -29.52 -26.41
C TYR B 74 0.18 -28.55 -26.74
N ALA B 75 -0.73 -28.97 -27.61
CA ALA B 75 -1.89 -28.14 -27.92
C ALA B 75 -2.80 -28.00 -26.71
N LEU B 76 -3.06 -29.12 -26.02
CA LEU B 76 -3.87 -29.08 -24.82
C LEU B 76 -3.17 -28.34 -23.69
N LYS B 77 -1.84 -28.40 -23.63
CA LYS B 77 -1.13 -27.72 -22.56
C LYS B 77 -1.19 -26.22 -22.75
N ARG B 78 -1.06 -25.75 -23.97
CA ARG B 78 -1.23 -24.31 -24.13
C ARG B 78 -2.68 -23.90 -24.11
N GLN B 79 -3.61 -24.84 -24.26
CA GLN B 79 -5.00 -24.50 -24.09
C GLN B 79 -5.33 -24.17 -22.66
N GLY B 80 -4.65 -24.82 -21.72
CA GLY B 80 -4.93 -24.72 -20.29
C GLY B 80 -5.33 -26.02 -19.65
N ARG B 81 -5.62 -27.05 -20.43
CA ARG B 81 -6.02 -28.37 -19.94
C ARG B 81 -4.83 -29.31 -20.12
N THR B 82 -4.07 -29.55 -19.06
CA THR B 82 -2.89 -30.41 -19.19
C THR B 82 -3.36 -31.86 -19.33
N LEU B 83 -2.59 -32.66 -20.04
CA LEU B 83 -2.94 -34.07 -20.25
C LEU B 83 -1.80 -34.97 -19.79
N TYR B 84 -1.95 -35.61 -18.62
CA TYR B 84 -0.95 -36.56 -18.16
C TYR B 84 -1.22 -37.93 -18.75
N GLY B 85 -0.16 -38.62 -19.13
CA GLY B 85 -0.23 -40.04 -19.42
C GLY B 85 -0.10 -40.43 -20.86
N PHE B 86 0.10 -39.48 -21.77
CA PHE B 86 0.25 -39.81 -23.18
C PHE B 86 1.58 -39.36 -23.74
N GLY B 87 2.56 -39.11 -22.89
CA GLY B 87 3.87 -38.71 -23.32
C GLY B 87 4.52 -37.81 -22.29
N GLY B 88 5.83 -37.95 -22.11
CA GLY B 88 6.53 -37.14 -21.14
C GLY B 88 6.74 -35.72 -21.61
N ARG C 3 32.42 2.07 -43.72
CA ARG C 3 31.98 2.99 -42.67
C ARG C 3 31.32 4.23 -43.24
N ALA C 4 30.28 4.02 -44.03
CA ALA C 4 29.49 5.11 -44.60
C ALA C 4 28.39 5.48 -43.62
N LYS C 5 27.39 6.22 -44.08
CA LYS C 5 26.23 6.49 -43.24
C LYS C 5 25.46 5.20 -42.99
N ALA C 6 24.75 5.17 -41.87
CA ALA C 6 24.18 3.94 -41.35
C ALA C 6 22.69 4.12 -41.15
N LYS C 7 21.90 3.53 -42.03
CA LYS C 7 20.48 3.41 -41.78
C LYS C 7 20.26 2.49 -40.59
N THR C 8 19.31 2.87 -39.73
CA THR C 8 18.90 1.94 -38.69
C THR C 8 18.13 0.79 -39.33
N ARG C 9 18.13 -0.35 -38.63
CA ARG C 9 17.53 -1.56 -39.16
C ARG C 9 16.02 -1.42 -39.26
N SER C 10 15.42 -0.63 -38.37
CA SER C 10 14.01 -0.29 -38.47
C SER C 10 13.73 0.51 -39.74
N SER C 11 14.57 1.50 -40.04
CA SER C 11 14.38 2.31 -41.23
C SER C 11 14.62 1.52 -42.50
N ARG C 12 15.49 0.50 -42.44
CA ARG C 12 15.60 -0.42 -43.58
C ARG C 12 14.33 -1.22 -43.75
N ALA C 13 13.80 -1.77 -42.65
CA ALA C 13 12.64 -2.64 -42.74
C ALA C 13 11.32 -1.90 -42.91
N GLY C 14 11.33 -0.59 -42.88
CA GLY C 14 10.10 0.15 -43.10
C GLY C 14 9.16 0.13 -41.92
N LEU C 15 9.69 0.20 -40.71
CA LEU C 15 8.89 0.05 -39.51
C LEU C 15 9.09 1.26 -38.62
N GLN C 16 8.45 1.21 -37.47
CA GLN C 16 8.60 2.26 -36.47
C GLN C 16 9.16 1.75 -35.17
N PHE C 17 8.81 0.54 -34.76
CA PHE C 17 9.33 -0.06 -33.55
C PHE C 17 10.80 -0.42 -33.68
N PRO C 18 11.58 -0.28 -32.62
CA PRO C 18 13.03 -0.38 -32.73
C PRO C 18 13.49 -1.82 -32.90
N VAL C 19 13.92 -2.16 -34.11
CA VAL C 19 14.29 -3.53 -34.42
C VAL C 19 15.51 -3.96 -33.64
N GLY C 20 16.47 -3.05 -33.46
CA GLY C 20 17.62 -3.36 -32.64
C GLY C 20 17.29 -3.56 -31.17
N ARG C 21 16.31 -2.82 -30.66
CA ARG C 21 15.93 -2.98 -29.26
C ARG C 21 15.19 -4.28 -29.03
N VAL C 22 14.30 -4.65 -29.96
CA VAL C 22 13.65 -5.96 -29.85
C VAL C 22 14.67 -7.07 -30.02
N HIS C 23 15.70 -6.85 -30.83
CA HIS C 23 16.76 -7.85 -31.00
C HIS C 23 17.55 -8.03 -29.71
N ARG C 24 17.93 -6.94 -29.04
CA ARG C 24 18.69 -7.15 -27.81
C ARG C 24 17.81 -7.63 -26.66
N LEU C 25 16.51 -7.34 -26.66
CA LEU C 25 15.65 -7.89 -25.62
C LEU C 25 15.45 -9.39 -25.80
N LEU C 26 15.30 -9.84 -27.05
CA LEU C 26 15.31 -11.28 -27.32
C LEU C 26 16.65 -11.88 -26.95
N ARG C 27 17.73 -11.17 -27.26
CA ARG C 27 19.07 -11.73 -27.15
C ARG C 27 19.52 -11.86 -25.71
N LYS C 28 19.02 -11.01 -24.81
CA LYS C 28 19.40 -11.12 -23.42
C LYS C 28 18.32 -11.74 -22.55
N GLY C 29 17.12 -11.94 -23.07
CA GLY C 29 16.12 -12.57 -22.22
C GLY C 29 16.26 -14.07 -22.03
N ASN C 30 17.18 -14.72 -22.75
CA ASN C 30 17.33 -16.17 -22.81
C ASN C 30 16.03 -16.85 -23.22
N TYR C 31 15.68 -16.61 -24.48
CA TYR C 31 14.58 -17.30 -25.13
C TYR C 31 15.07 -18.39 -26.06
N ALA C 32 16.32 -18.33 -26.51
CA ALA C 32 16.98 -19.40 -27.24
C ALA C 32 18.47 -19.09 -27.26
N GLU C 33 19.24 -20.05 -27.78
CA GLU C 33 20.67 -19.79 -27.97
C GLU C 33 20.89 -18.75 -29.05
N ARG C 34 20.32 -18.95 -30.22
CA ARG C 34 20.60 -18.14 -31.39
C ARG C 34 19.35 -17.37 -31.77
N VAL C 35 19.42 -16.06 -31.74
CA VAL C 35 18.34 -15.24 -32.26
C VAL C 35 18.65 -14.95 -33.71
N GLY C 36 17.67 -15.19 -34.58
CA GLY C 36 17.87 -15.12 -36.00
C GLY C 36 18.01 -13.69 -36.49
N ALA C 37 17.96 -13.57 -37.81
CA ALA C 37 18.00 -12.24 -38.42
C ALA C 37 16.59 -11.73 -38.69
N GLY C 38 15.71 -12.58 -39.19
CA GLY C 38 14.34 -12.16 -39.43
C GLY C 38 13.51 -12.04 -38.18
N ALA C 39 14.03 -12.51 -37.05
CA ALA C 39 13.21 -12.55 -35.83
C ALA C 39 12.84 -11.19 -35.28
N PRO C 40 13.75 -10.22 -35.07
CA PRO C 40 13.27 -8.95 -34.52
C PRO C 40 12.49 -8.13 -35.53
N VAL C 41 12.78 -8.29 -36.82
CA VAL C 41 12.01 -7.59 -37.84
C VAL C 41 10.57 -8.10 -37.87
N TYR C 42 10.39 -9.41 -37.86
CA TYR C 42 9.06 -9.98 -37.91
C TYR C 42 8.28 -9.66 -36.66
N LEU C 43 8.95 -9.71 -35.51
CA LEU C 43 8.24 -9.45 -34.27
C LEU C 43 7.93 -7.98 -34.07
N ALA C 44 8.80 -7.09 -34.55
CA ALA C 44 8.49 -5.67 -34.50
C ALA C 44 7.35 -5.31 -35.43
N ALA C 45 7.24 -6.00 -36.57
CA ALA C 45 6.09 -5.77 -37.42
C ALA C 45 4.79 -6.23 -36.76
N VAL C 46 4.82 -7.36 -36.07
CA VAL C 46 3.63 -7.82 -35.35
C VAL C 46 3.24 -6.85 -34.24
N LEU C 47 4.23 -6.31 -33.52
CA LEU C 47 3.94 -5.37 -32.45
C LEU C 47 3.43 -4.05 -32.98
N GLU C 48 3.94 -3.61 -34.13
CA GLU C 48 3.41 -2.40 -34.76
C GLU C 48 1.98 -2.59 -35.21
N TYR C 49 1.64 -3.78 -35.70
CA TYR C 49 0.26 -4.02 -36.11
C TYR C 49 -0.69 -4.00 -34.92
N LEU C 50 -0.28 -4.60 -33.80
CA LEU C 50 -1.18 -4.63 -32.65
C LEU C 50 -1.34 -3.25 -32.01
N THR C 51 -0.25 -2.48 -31.93
CA THR C 51 -0.37 -1.12 -31.42
C THR C 51 -1.18 -0.25 -32.35
N ALA C 52 -1.08 -0.48 -33.66
CA ALA C 52 -1.89 0.27 -34.61
C ALA C 52 -3.36 -0.01 -34.42
N GLU C 53 -3.72 -1.27 -34.17
CA GLU C 53 -5.13 -1.61 -34.06
C GLU C 53 -5.75 -1.07 -32.77
N ILE C 54 -5.01 -1.18 -31.66
CA ILE C 54 -5.50 -0.64 -30.39
C ILE C 54 -5.66 0.88 -30.47
N LEU C 55 -4.65 1.58 -30.98
CA LEU C 55 -4.73 3.03 -30.99
C LEU C 55 -5.76 3.53 -32.00
N GLU C 56 -6.03 2.78 -33.07
CA GLU C 56 -7.08 3.12 -34.01
C GLU C 56 -8.45 3.11 -33.33
N LEU C 57 -8.76 2.01 -32.65
CA LEU C 57 -10.07 1.91 -32.00
C LEU C 57 -10.20 2.86 -30.81
N ALA C 58 -9.12 3.07 -30.06
CA ALA C 58 -9.16 4.01 -28.96
C ALA C 58 -9.29 5.44 -29.44
N GLY C 59 -8.72 5.77 -30.60
CA GLY C 59 -8.92 7.08 -31.17
C GLY C 59 -10.35 7.32 -31.61
N ASN C 60 -10.98 6.28 -32.16
CA ASN C 60 -12.40 6.42 -32.54
C ASN C 60 -13.28 6.63 -31.32
N ALA C 61 -13.05 5.88 -30.24
CA ALA C 61 -13.89 6.08 -29.06
C ALA C 61 -13.55 7.40 -28.35
N ALA C 62 -12.32 7.88 -28.48
CA ALA C 62 -11.98 9.19 -27.94
C ALA C 62 -12.69 10.30 -28.69
N ARG C 63 -12.81 10.17 -30.01
CA ARG C 63 -13.64 11.13 -30.76
C ARG C 63 -15.10 11.01 -30.36
N ASP C 64 -15.57 9.78 -30.11
CA ASP C 64 -16.98 9.60 -29.82
C ASP C 64 -17.38 10.10 -28.44
N ASN C 65 -16.47 10.19 -27.48
CA ASN C 65 -16.77 10.93 -26.27
C ASN C 65 -16.35 12.39 -26.33
N LYS C 66 -16.13 12.92 -27.54
CA LYS C 66 -15.91 14.35 -27.82
C LYS C 66 -14.66 14.91 -27.13
N LYS C 67 -13.64 14.09 -26.92
CA LYS C 67 -12.37 14.54 -26.40
C LYS C 67 -11.27 14.34 -27.44
N THR C 68 -10.14 15.00 -27.22
CA THR C 68 -8.99 14.86 -28.10
C THR C 68 -7.80 14.25 -27.38
N ARG C 69 -8.04 13.35 -26.44
CA ARG C 69 -6.95 12.78 -25.66
C ARG C 69 -7.37 11.39 -25.19
N ILE C 70 -6.50 10.42 -25.38
CA ILE C 70 -6.85 9.01 -25.21
C ILE C 70 -6.56 8.60 -23.78
N ILE C 71 -7.58 8.13 -23.07
CA ILE C 71 -7.48 7.86 -21.63
C ILE C 71 -7.72 6.37 -21.39
N PRO C 72 -7.44 5.84 -20.19
CA PRO C 72 -7.68 4.41 -19.95
C PRO C 72 -9.11 3.94 -20.14
N ARG C 73 -10.10 4.80 -19.88
CA ARG C 73 -11.48 4.47 -20.21
C ARG C 73 -11.66 4.25 -21.69
N HIS C 74 -10.99 5.05 -22.51
CA HIS C 74 -11.07 4.88 -23.95
C HIS C 74 -10.44 3.58 -24.40
N LEU C 75 -9.29 3.21 -23.80
CA LEU C 75 -8.73 1.91 -24.14
C LEU C 75 -9.60 0.76 -23.65
N GLN C 76 -10.25 0.91 -22.49
CA GLN C 76 -11.14 -0.13 -21.99
C GLN C 76 -12.32 -0.35 -22.94
N LEU C 77 -12.89 0.74 -23.47
CA LEU C 77 -14.01 0.61 -24.39
C LEU C 77 -13.57 0.02 -25.72
N ALA C 78 -12.38 0.41 -26.21
CA ALA C 78 -11.91 -0.12 -27.49
C ALA C 78 -11.57 -1.59 -27.40
N VAL C 79 -10.88 -1.99 -26.32
CA VAL C 79 -10.49 -3.36 -26.12
C VAL C 79 -11.69 -4.25 -25.89
N ARG C 80 -12.65 -3.83 -25.09
CA ARG C 80 -13.80 -4.69 -24.86
C ARG C 80 -14.90 -4.52 -25.91
N ASN C 81 -14.74 -3.63 -26.89
CA ASN C 81 -15.69 -3.57 -27.99
C ASN C 81 -15.14 -4.09 -29.32
N ASP C 82 -13.88 -4.46 -29.38
CA ASP C 82 -13.44 -5.34 -30.46
C ASP C 82 -13.45 -6.77 -29.93
N GLU C 83 -14.07 -7.67 -30.69
CA GLU C 83 -14.32 -9.01 -30.17
C GLU C 83 -13.05 -9.85 -30.11
N GLU C 84 -12.20 -9.73 -31.11
CA GLU C 84 -10.95 -10.48 -31.08
C GLU C 84 -9.98 -9.94 -30.04
N LEU C 85 -10.04 -8.64 -29.76
CA LEU C 85 -9.28 -8.11 -28.65
C LEU C 85 -9.87 -8.51 -27.30
N ASN C 86 -11.18 -8.71 -27.24
CA ASN C 86 -11.78 -9.27 -26.04
C ASN C 86 -11.31 -10.69 -25.81
N LYS C 87 -11.07 -11.44 -26.88
CA LYS C 87 -10.59 -12.80 -26.72
C LYS C 87 -9.10 -12.84 -26.37
N LEU C 88 -8.31 -11.95 -26.97
CA LEU C 88 -6.87 -11.94 -26.69
C LEU C 88 -6.57 -11.38 -25.31
N LEU C 89 -7.09 -10.20 -25.00
CA LEU C 89 -6.82 -9.52 -23.74
C LEU C 89 -7.81 -9.88 -22.64
N GLY C 90 -8.39 -11.08 -22.70
CA GLY C 90 -9.49 -11.45 -21.83
C GLY C 90 -9.15 -11.68 -20.38
N ARG C 91 -7.86 -11.72 -20.04
CA ARG C 91 -7.44 -11.84 -18.66
C ARG C 91 -7.01 -10.52 -18.04
N VAL C 92 -6.81 -9.50 -18.86
CA VAL C 92 -6.14 -8.28 -18.46
C VAL C 92 -7.10 -7.37 -17.73
N THR C 93 -6.67 -6.86 -16.58
CA THR C 93 -7.31 -5.72 -15.95
C THR C 93 -6.61 -4.45 -16.38
N ILE C 94 -7.32 -3.55 -17.03
CA ILE C 94 -6.78 -2.24 -17.35
C ILE C 94 -7.10 -1.31 -16.19
N ALA C 95 -6.08 -0.60 -15.69
CA ALA C 95 -6.25 0.29 -14.56
C ALA C 95 -7.09 1.50 -14.94
N GLN C 96 -7.86 2.00 -13.96
CA GLN C 96 -8.84 3.07 -14.12
C GLN C 96 -9.83 2.76 -15.24
N GLY C 97 -10.20 1.49 -15.35
CA GLY C 97 -10.89 1.03 -16.52
C GLY C 97 -12.37 1.33 -16.53
N GLY C 98 -13.10 0.81 -15.57
CA GLY C 98 -14.54 0.79 -15.66
C GLY C 98 -14.97 -0.35 -16.54
N VAL C 99 -16.28 -0.49 -16.70
CA VAL C 99 -16.79 -1.61 -17.47
C VAL C 99 -17.46 -1.10 -18.73
N LEU C 100 -17.91 -2.01 -19.58
CA LEU C 100 -18.83 -1.61 -20.63
C LEU C 100 -20.17 -1.28 -20.01
N PRO C 101 -20.78 -0.17 -20.38
CA PRO C 101 -22.10 0.13 -19.83
C PRO C 101 -23.18 -0.79 -20.41
N ASN C 102 -23.63 -1.75 -19.61
CA ASN C 102 -24.46 -2.83 -20.14
C ASN C 102 -25.31 -3.40 -19.03
N ILE C 103 -26.63 -3.27 -19.14
CA ILE C 103 -27.57 -3.73 -18.13
C ILE C 103 -28.41 -4.83 -18.77
N GLN C 104 -28.78 -5.84 -17.97
CA GLN C 104 -29.63 -6.92 -18.46
C GLN C 104 -31.05 -6.41 -18.72
N SER C 105 -31.77 -7.17 -19.54
CA SER C 105 -33.12 -6.82 -19.94
C SER C 105 -34.19 -7.35 -19.00
N VAL C 106 -33.83 -8.20 -18.05
CA VAL C 106 -34.77 -8.59 -17.01
C VAL C 106 -34.87 -7.49 -15.96
N LEU C 107 -33.75 -6.84 -15.65
CA LEU C 107 -33.72 -5.79 -14.64
C LEU C 107 -34.33 -4.49 -15.11
N LEU C 108 -34.41 -4.28 -16.42
CA LEU C 108 -35.11 -3.12 -16.95
C LEU C 108 -36.61 -3.26 -16.66
N PRO C 109 -37.30 -2.13 -16.43
CA PRO C 109 -38.72 -2.20 -16.06
C PRO C 109 -39.59 -2.62 -17.25
N LYS C 110 -40.86 -2.84 -16.93
CA LYS C 110 -41.82 -3.24 -17.95
C LYS C 110 -42.33 -2.02 -18.70
N LYS C 111 -43.23 -2.27 -19.65
CA LYS C 111 -43.95 -1.21 -20.34
C LYS C 111 -45.31 -0.93 -19.70
N THR C 112 -45.82 -1.88 -18.92
CA THR C 112 -47.10 -1.72 -18.25
C THR C 112 -46.91 -1.01 -16.90
N GLU C 113 -47.62 0.11 -16.74
CA GLU C 113 -47.71 0.82 -15.46
C GLU C 113 -48.97 1.67 -15.42
N LYS D 1 22.47 16.09 -10.06
CA LYS D 1 23.54 15.75 -10.97
C LYS D 1 23.62 14.22 -11.00
N ARG D 2 22.61 13.60 -10.37
CA ARG D 2 22.61 12.17 -10.14
C ARG D 2 22.36 11.36 -11.40
N ARG D 3 21.77 11.97 -12.44
CA ARG D 3 21.54 11.38 -13.76
C ARG D 3 20.71 10.09 -13.63
N LYS D 4 19.42 10.31 -13.33
CA LYS D 4 18.39 9.28 -13.15
C LYS D 4 18.52 8.14 -14.16
N THR D 5 18.68 6.93 -13.63
CA THR D 5 19.12 5.79 -14.43
C THR D 5 18.06 5.42 -15.45
N ARG D 6 18.51 5.18 -16.68
CA ARG D 6 17.61 5.09 -17.82
C ARG D 6 16.77 3.84 -17.74
N LYS D 7 15.45 4.01 -17.78
CA LYS D 7 14.52 2.92 -18.03
C LYS D 7 13.93 3.13 -19.41
N GLU D 8 14.18 2.19 -20.31
CA GLU D 8 13.89 2.36 -21.71
C GLU D 8 12.56 1.68 -22.04
N SER D 9 11.53 2.48 -22.29
CA SER D 9 10.18 2.04 -22.60
C SER D 9 9.89 2.25 -24.08
N TYR D 10 8.66 1.93 -24.47
CA TYR D 10 8.22 2.05 -25.85
C TYR D 10 7.33 3.28 -26.04
N ALA D 11 7.54 4.30 -25.23
CA ALA D 11 6.62 5.42 -25.17
C ALA D 11 6.67 6.25 -26.44
N ILE D 12 7.87 6.57 -26.92
CA ILE D 12 7.96 7.39 -28.10
C ILE D 12 7.54 6.63 -29.35
N TYR D 13 7.62 5.31 -29.34
CA TYR D 13 7.20 4.57 -30.52
C TYR D 13 5.69 4.43 -30.57
N VAL D 14 5.04 4.24 -29.42
CA VAL D 14 3.57 4.29 -29.37
C VAL D 14 3.08 5.66 -29.79
N TYR D 15 3.76 6.71 -29.36
CA TYR D 15 3.37 8.06 -29.75
C TYR D 15 3.57 8.31 -31.24
N LYS D 16 4.61 7.72 -31.82
CA LYS D 16 4.86 7.92 -33.24
C LYS D 16 3.85 7.18 -34.12
N VAL D 17 3.50 5.96 -33.73
CA VAL D 17 2.48 5.22 -34.46
C VAL D 17 1.10 5.88 -34.27
N LEU D 18 0.89 6.51 -33.11
CA LEU D 18 -0.33 7.28 -32.91
C LEU D 18 -0.37 8.49 -33.82
N LYS D 19 0.75 9.19 -33.99
CA LYS D 19 0.77 10.29 -34.94
C LYS D 19 0.78 9.83 -36.39
N GLN D 20 0.93 8.54 -36.66
CA GLN D 20 0.60 8.04 -38.00
C GLN D 20 -0.90 7.81 -38.16
N VAL D 21 -1.52 7.10 -37.22
CA VAL D 21 -2.90 6.68 -37.46
C VAL D 21 -3.93 7.75 -37.12
N HIS D 22 -3.56 8.76 -36.35
CA HIS D 22 -4.43 9.91 -36.09
C HIS D 22 -3.56 11.14 -36.03
N PRO D 23 -3.62 12.01 -37.04
CA PRO D 23 -2.60 13.05 -37.19
C PRO D 23 -2.66 14.16 -36.14
N ASP D 24 -3.75 14.26 -35.38
CA ASP D 24 -3.93 15.38 -34.48
C ASP D 24 -4.54 14.93 -33.15
N THR D 25 -4.00 13.86 -32.59
CA THR D 25 -4.52 13.27 -31.37
C THR D 25 -3.38 13.12 -30.37
N GLY D 26 -3.64 13.47 -29.10
CA GLY D 26 -2.69 13.29 -28.03
C GLY D 26 -3.10 12.11 -27.18
N ILE D 27 -2.16 11.69 -26.33
CA ILE D 27 -2.33 10.51 -25.51
C ILE D 27 -1.99 10.85 -24.07
N SER D 28 -2.86 10.43 -23.15
CA SER D 28 -2.61 10.71 -21.76
C SER D 28 -1.50 9.82 -21.24
N SER D 29 -0.90 10.23 -20.13
CA SER D 29 0.31 9.58 -19.66
C SER D 29 0.03 8.18 -19.12
N LYS D 30 -1.09 8.01 -18.43
CA LYS D 30 -1.38 6.67 -17.93
C LYS D 30 -1.80 5.75 -19.06
N ALA D 31 -2.39 6.30 -20.13
CA ALA D 31 -2.65 5.48 -21.30
C ALA D 31 -1.37 5.12 -22.02
N MET D 32 -0.36 5.99 -21.96
CA MET D 32 0.95 5.63 -22.51
C MET D 32 1.58 4.51 -21.69
N SER D 33 1.41 4.55 -20.37
CA SER D 33 1.92 3.46 -19.55
C SER D 33 1.19 2.15 -19.80
N ILE D 34 -0.12 2.21 -20.09
CA ILE D 34 -0.87 1.01 -20.40
C ILE D 34 -0.42 0.42 -21.73
N MET D 35 -0.21 1.26 -22.74
CA MET D 35 0.27 0.73 -24.02
C MET D 35 1.69 0.21 -23.93
N ASN D 36 2.50 0.79 -23.04
CA ASN D 36 3.83 0.26 -22.75
C ASN D 36 3.75 -1.15 -22.19
N SER D 37 2.90 -1.35 -21.17
CA SER D 37 2.76 -2.69 -20.60
C SER D 37 2.15 -3.66 -21.59
N PHE D 38 1.30 -3.17 -22.49
CA PHE D 38 0.72 -4.01 -23.52
C PHE D 38 1.78 -4.53 -24.48
N VAL D 39 2.70 -3.66 -24.91
CA VAL D 39 3.73 -4.08 -25.84
C VAL D 39 4.71 -5.04 -25.16
N ASN D 40 5.07 -4.78 -23.90
CA ASN D 40 5.92 -5.75 -23.20
C ASN D 40 5.21 -7.07 -22.95
N ASP D 41 3.90 -7.05 -22.73
CA ASP D 41 3.18 -8.29 -22.47
C ASP D 41 3.08 -9.14 -23.72
N VAL D 42 2.72 -8.52 -24.85
CA VAL D 42 2.60 -9.28 -26.09
C VAL D 42 3.96 -9.74 -26.57
N PHE D 43 5.01 -8.94 -26.36
CA PHE D 43 6.36 -9.39 -26.67
C PHE D 43 6.76 -10.59 -25.83
N GLU D 44 6.44 -10.59 -24.54
CA GLU D 44 6.86 -11.72 -23.73
C GLU D 44 6.07 -12.98 -24.05
N ARG D 45 4.79 -12.86 -24.40
CA ARG D 45 4.02 -14.02 -24.84
C ARG D 45 4.60 -14.62 -26.12
N ILE D 46 4.84 -13.78 -27.12
CA ILE D 46 5.27 -14.31 -28.42
C ILE D 46 6.68 -14.87 -28.35
N ALA D 47 7.57 -14.21 -27.59
CA ALA D 47 8.91 -14.76 -27.43
C ALA D 47 8.90 -16.05 -26.62
N GLY D 48 8.01 -16.16 -25.63
CA GLY D 48 7.95 -17.39 -24.87
C GLY D 48 7.42 -18.55 -25.69
N GLU D 49 6.47 -18.29 -26.57
CA GLU D 49 5.98 -19.34 -27.45
C GLU D 49 7.04 -19.79 -28.44
N ALA D 50 7.85 -18.85 -28.95
CA ALA D 50 8.95 -19.26 -29.81
C ALA D 50 10.02 -20.01 -29.04
N SER D 51 10.19 -19.73 -27.75
CA SER D 51 11.09 -20.52 -26.91
C SER D 51 10.61 -21.96 -26.80
N ARG D 52 9.31 -22.15 -26.56
CA ARG D 52 8.77 -23.49 -26.44
C ARG D 52 8.87 -24.26 -27.75
N LEU D 53 8.68 -23.58 -28.89
CA LEU D 53 8.82 -24.30 -30.15
C LEU D 53 10.28 -24.61 -30.48
N ALA D 54 11.21 -23.75 -30.09
CA ALA D 54 12.61 -24.07 -30.25
C ALA D 54 13.00 -25.29 -29.45
N HIS D 55 12.43 -25.44 -28.25
CA HIS D 55 12.66 -26.68 -27.51
C HIS D 55 11.99 -27.86 -28.19
N TYR D 56 10.77 -27.68 -28.71
CA TYR D 56 10.00 -28.83 -29.14
C TYR D 56 10.51 -29.42 -30.44
N ASN D 57 11.07 -28.61 -31.33
CA ASN D 57 11.56 -29.19 -32.56
C ASN D 57 12.97 -29.77 -32.42
N LYS D 58 13.54 -29.74 -31.21
CA LYS D 58 14.94 -30.06 -30.96
C LYS D 58 15.86 -29.23 -31.86
N ARG D 59 15.78 -27.92 -31.64
CA ARG D 59 16.52 -26.96 -32.43
C ARG D 59 16.98 -25.89 -31.43
N SER D 60 17.75 -24.92 -31.89
CA SER D 60 18.33 -23.96 -30.97
C SER D 60 18.33 -22.55 -31.54
N THR D 61 17.32 -22.20 -32.34
CA THR D 61 17.36 -20.93 -33.03
C THR D 61 15.94 -20.37 -33.20
N ILE D 62 15.71 -19.16 -32.71
CA ILE D 62 14.47 -18.44 -33.00
C ILE D 62 14.59 -17.77 -34.35
N THR D 63 13.77 -18.19 -35.30
CA THR D 63 13.82 -17.53 -36.60
C THR D 63 12.46 -16.92 -36.92
N SER D 64 12.38 -16.44 -38.16
CA SER D 64 11.15 -15.87 -38.67
C SER D 64 10.01 -16.87 -38.65
N ARG D 65 10.32 -18.14 -38.91
CA ARG D 65 9.25 -19.12 -38.95
C ARG D 65 8.74 -19.46 -37.55
N GLU D 66 9.61 -19.45 -36.54
CA GLU D 66 9.12 -19.66 -35.19
C GLU D 66 8.33 -18.47 -34.68
N ILE D 67 8.67 -17.25 -35.09
CA ILE D 67 7.80 -16.15 -34.72
C ILE D 67 6.48 -16.23 -35.46
N GLN D 68 6.48 -16.74 -36.70
CA GLN D 68 5.25 -16.88 -37.46
C GLN D 68 4.32 -17.91 -36.83
N THR D 69 4.88 -18.99 -36.31
CA THR D 69 4.04 -19.97 -35.64
C THR D 69 3.58 -19.49 -34.29
N ALA D 70 4.38 -18.66 -33.59
CA ALA D 70 3.92 -18.08 -32.34
C ALA D 70 2.76 -17.12 -32.56
N VAL D 71 2.79 -16.37 -33.66
CA VAL D 71 1.68 -15.50 -34.04
C VAL D 71 0.43 -16.31 -34.31
N ARG D 72 0.55 -17.36 -35.14
CA ARG D 72 -0.62 -18.17 -35.46
C ARG D 72 -1.18 -18.94 -34.26
N LEU D 73 -0.38 -19.17 -33.22
CA LEU D 73 -0.95 -19.81 -32.04
C LEU D 73 -1.56 -18.83 -31.06
N LEU D 74 -1.00 -17.64 -30.88
CA LEU D 74 -1.59 -16.77 -29.87
C LEU D 74 -2.70 -15.90 -30.41
N LEU D 75 -2.53 -15.30 -31.57
CA LEU D 75 -3.51 -14.32 -32.02
C LEU D 75 -4.73 -15.03 -32.60
N PRO D 76 -5.94 -14.62 -32.25
CA PRO D 76 -7.12 -15.20 -32.88
C PRO D 76 -7.27 -14.71 -34.30
N GLY D 77 -7.97 -15.51 -35.12
CA GLY D 77 -8.66 -15.11 -36.34
C GLY D 77 -8.10 -14.04 -37.27
N GLU D 78 -8.86 -12.94 -37.36
CA GLU D 78 -8.55 -11.86 -38.30
C GLU D 78 -7.27 -11.14 -37.90
N LEU D 79 -7.03 -10.97 -36.60
CA LEU D 79 -5.77 -10.41 -36.12
C LEU D 79 -4.58 -11.24 -36.55
N ALA D 80 -4.68 -12.56 -36.44
CA ALA D 80 -3.59 -13.43 -36.82
C ALA D 80 -3.35 -13.40 -38.31
N LYS D 81 -4.43 -13.37 -39.10
CA LYS D 81 -4.32 -13.26 -40.55
C LYS D 81 -3.56 -12.01 -40.96
N HIS D 82 -3.98 -10.85 -40.44
CA HIS D 82 -3.32 -9.63 -40.86
C HIS D 82 -1.92 -9.50 -40.27
N ALA D 83 -1.67 -10.09 -39.10
CA ALA D 83 -0.33 -9.97 -38.51
C ALA D 83 0.68 -10.84 -39.24
N VAL D 84 0.26 -12.04 -39.67
CA VAL D 84 1.12 -12.85 -40.53
C VAL D 84 1.38 -12.16 -41.86
N SER D 85 0.36 -11.48 -42.42
CA SER D 85 0.55 -10.73 -43.65
C SER D 85 1.56 -9.58 -43.47
N GLU D 86 1.39 -8.81 -42.39
CA GLU D 86 2.29 -7.70 -42.09
C GLU D 86 3.72 -8.17 -41.89
N GLY D 87 3.88 -9.29 -41.18
CA GLY D 87 5.22 -9.79 -40.92
C GLY D 87 5.93 -10.29 -42.16
N THR D 88 5.22 -11.05 -43.00
CA THR D 88 5.83 -11.56 -44.23
C THR D 88 6.19 -10.42 -45.17
N LYS D 89 5.33 -9.39 -45.22
CA LYS D 89 5.64 -8.19 -46.00
C LYS D 89 6.90 -7.51 -45.50
N ALA D 90 7.01 -7.34 -44.18
CA ALA D 90 8.13 -6.58 -43.62
C ALA D 90 9.43 -7.35 -43.75
N VAL D 91 9.40 -8.67 -43.63
CA VAL D 91 10.63 -9.45 -43.73
C VAL D 91 11.10 -9.54 -45.17
N THR D 92 10.18 -9.70 -46.13
CA THR D 92 10.61 -9.71 -47.52
C THR D 92 11.05 -8.33 -47.98
N LYS D 93 10.51 -7.25 -47.39
CA LYS D 93 11.01 -5.93 -47.72
C LYS D 93 12.39 -5.70 -47.12
N TYR D 94 12.61 -6.15 -45.89
CA TYR D 94 13.90 -5.98 -45.24
C TYR D 94 14.98 -6.80 -45.92
N THR D 95 14.66 -8.01 -46.34
CA THR D 95 15.65 -8.86 -46.97
C THR D 95 15.90 -8.43 -48.41
N SER D 96 14.84 -8.16 -49.16
CA SER D 96 14.99 -7.81 -50.57
C SER D 96 15.61 -6.43 -50.73
N ALA D 97 14.93 -5.40 -50.23
CA ALA D 97 15.45 -4.03 -50.29
C ALA D 97 16.49 -3.86 -49.18
N LYS D 98 17.68 -4.39 -49.44
CA LYS D 98 18.86 -4.31 -48.58
C LYS D 98 18.66 -4.83 -47.15
N LYS E 2 -47.96 14.32 -1.90
CA LYS E 2 -47.13 15.53 -1.91
C LYS E 2 -45.59 15.30 -1.91
N PRO E 3 -45.01 14.38 -1.12
CA PRO E 3 -43.57 14.12 -1.29
C PRO E 3 -43.32 13.32 -2.55
N HIS E 4 -42.30 13.72 -3.31
CA HIS E 4 -41.97 13.09 -4.58
C HIS E 4 -41.01 11.93 -4.34
N ARG E 5 -41.58 10.83 -3.84
CA ARG E 5 -40.82 9.61 -3.61
C ARG E 5 -40.85 8.74 -4.86
N TYR E 6 -39.70 8.24 -5.26
CA TYR E 6 -39.64 7.32 -6.38
C TYR E 6 -40.20 5.96 -6.00
N ARG E 7 -40.87 5.32 -6.95
CA ARG E 7 -41.17 3.91 -6.80
C ARG E 7 -39.86 3.14 -6.74
N PRO E 8 -39.74 2.11 -5.89
CA PRO E 8 -38.43 1.52 -5.61
C PRO E 8 -37.84 0.79 -6.81
N GLY E 9 -36.61 1.14 -7.12
CA GLY E 9 -35.94 0.62 -8.30
C GLY E 9 -35.29 1.70 -9.15
N THR E 10 -35.90 2.87 -9.21
CA THR E 10 -35.41 3.90 -10.13
C THR E 10 -34.12 4.53 -9.63
N VAL E 11 -33.99 4.65 -8.32
CA VAL E 11 -32.72 5.08 -7.72
C VAL E 11 -31.63 4.07 -8.04
N ALA E 12 -31.98 2.79 -8.00
CA ALA E 12 -31.01 1.75 -8.36
C ALA E 12 -30.59 1.85 -9.81
N LEU E 13 -31.54 2.14 -10.70
CA LEU E 13 -31.19 2.24 -12.12
C LEU E 13 -30.35 3.48 -12.43
N ARG E 14 -30.63 4.60 -11.77
CA ARG E 14 -29.79 5.76 -12.03
C ARG E 14 -28.43 5.61 -11.38
N GLU E 15 -28.33 4.86 -10.27
CA GLU E 15 -27.02 4.55 -9.71
C GLU E 15 -26.23 3.65 -10.63
N ILE E 16 -26.89 2.63 -11.21
CA ILE E 16 -26.23 1.72 -12.15
C ILE E 16 -25.68 2.49 -13.33
N ARG E 17 -26.45 3.43 -13.86
CA ARG E 17 -25.97 4.20 -15.00
C ARG E 17 -24.81 5.12 -14.62
N ARG E 18 -24.88 5.78 -13.45
CA ARG E 18 -23.78 6.70 -13.15
C ARG E 18 -22.50 5.97 -12.73
N TYR E 19 -22.59 4.83 -12.05
CA TYR E 19 -21.35 4.14 -11.70
C TYR E 19 -20.81 3.29 -12.83
N GLN E 20 -21.63 2.93 -13.83
CA GLN E 20 -21.02 2.37 -15.02
C GLN E 20 -20.41 3.45 -15.89
N LYS E 21 -20.94 4.68 -15.82
CA LYS E 21 -20.38 5.73 -16.65
C LYS E 21 -19.07 6.27 -16.09
N SER E 22 -18.99 6.44 -14.77
CA SER E 22 -17.75 6.96 -14.23
C SER E 22 -16.72 5.85 -14.08
N THR E 23 -15.52 6.22 -13.62
CA THR E 23 -14.45 5.24 -13.54
C THR E 23 -13.55 5.39 -12.31
N GLU E 24 -14.01 6.03 -11.24
CA GLU E 24 -13.15 6.23 -10.07
C GLU E 24 -13.04 4.94 -9.27
N LEU E 25 -12.26 4.99 -8.19
CA LEU E 25 -12.20 3.88 -7.27
C LEU E 25 -13.29 4.04 -6.23
N LEU E 26 -13.96 2.94 -5.90
CA LEU E 26 -15.20 3.02 -5.17
C LEU E 26 -15.05 2.73 -3.69
N ILE E 27 -13.92 2.23 -3.24
CA ILE E 27 -13.69 1.97 -1.83
C ILE E 27 -12.76 3.05 -1.30
N ARG E 28 -12.99 3.48 -0.06
CA ARG E 28 -12.24 4.60 0.48
C ARG E 28 -10.80 4.19 0.77
N LYS E 29 -9.87 5.06 0.36
CA LYS E 29 -8.46 4.67 0.27
C LYS E 29 -7.87 4.36 1.62
N LEU E 30 -8.23 5.10 2.63
CA LEU E 30 -7.60 4.88 3.93
C LEU E 30 -8.10 3.62 4.65
N PRO E 31 -9.40 3.25 4.64
CA PRO E 31 -9.74 1.93 5.18
C PRO E 31 -9.25 0.79 4.33
N PHE E 32 -9.17 0.95 3.01
CA PHE E 32 -8.57 -0.13 2.22
C PHE E 32 -7.09 -0.31 2.56
N GLN E 33 -6.38 0.79 2.78
CA GLN E 33 -4.97 0.70 3.14
C GLN E 33 -4.79 0.10 4.53
N ARG E 34 -5.69 0.41 5.46
CA ARG E 34 -5.61 -0.22 6.77
C ARG E 34 -5.89 -1.71 6.68
N LEU E 35 -6.79 -2.14 5.79
CA LEU E 35 -7.03 -3.56 5.60
C LEU E 35 -5.82 -4.27 5.02
N VAL E 36 -5.18 -3.66 4.02
CA VAL E 36 -4.01 -4.26 3.39
C VAL E 36 -2.86 -4.38 4.36
N ARG E 37 -2.65 -3.34 5.18
CA ARG E 37 -1.55 -3.42 6.14
C ARG E 37 -1.83 -4.41 7.26
N GLU E 38 -3.10 -4.60 7.62
CA GLU E 38 -3.47 -5.69 8.53
C GLU E 38 -3.13 -7.06 7.97
N ILE E 39 -3.56 -7.33 6.73
CA ILE E 39 -3.37 -8.64 6.15
C ILE E 39 -1.89 -8.90 5.88
N ALA E 40 -1.12 -7.87 5.57
CA ALA E 40 0.32 -8.05 5.46
C ALA E 40 0.96 -8.28 6.83
N GLN E 41 0.39 -7.71 7.89
CA GLN E 41 0.89 -7.98 9.22
C GLN E 41 0.63 -9.42 9.65
N ASP E 42 -0.36 -10.08 9.05
CA ASP E 42 -0.53 -11.50 9.38
C ASP E 42 0.58 -12.41 8.81
N PHE E 43 1.51 -11.91 7.99
CA PHE E 43 2.61 -12.72 7.48
C PHE E 43 3.96 -12.29 8.06
N LYS E 44 4.38 -11.05 7.80
CA LYS E 44 5.71 -10.59 8.14
C LYS E 44 5.57 -9.23 8.81
N THR E 45 5.88 -9.17 10.10
CA THR E 45 5.42 -8.13 11.00
C THR E 45 6.19 -6.81 10.87
N ASP E 46 6.98 -6.62 9.83
CA ASP E 46 7.84 -5.46 9.75
C ASP E 46 7.56 -4.56 8.57
N LEU E 47 6.65 -4.93 7.69
CA LEU E 47 6.75 -4.53 6.29
C LEU E 47 6.37 -3.08 6.07
N ARG E 48 6.48 -2.68 4.80
CA ARG E 48 6.32 -1.33 4.32
C ARG E 48 5.82 -1.40 2.90
N PHE E 49 5.04 -0.42 2.48
CA PHE E 49 4.46 -0.41 1.15
C PHE E 49 4.87 0.84 0.41
N GLN E 50 4.57 0.85 -0.88
CA GLN E 50 4.51 2.08 -1.63
C GLN E 50 3.06 2.41 -1.97
N SER E 51 2.82 3.70 -2.20
CA SER E 51 1.48 4.17 -2.51
C SER E 51 0.97 3.57 -3.80
N SER E 52 1.86 3.37 -4.76
CA SER E 52 1.49 2.65 -5.97
C SER E 52 1.21 1.18 -5.68
N ALA E 53 1.76 0.59 -4.63
CA ALA E 53 1.40 -0.79 -4.34
C ALA E 53 0.02 -0.90 -3.71
N VAL E 54 -0.33 0.06 -2.84
CA VAL E 54 -1.68 0.07 -2.29
C VAL E 54 -2.71 0.35 -3.39
N MET E 55 -2.42 1.28 -4.29
CA MET E 55 -3.33 1.51 -5.41
C MET E 55 -3.34 0.35 -6.39
N ALA E 56 -2.26 -0.44 -6.47
CA ALA E 56 -2.27 -1.64 -7.29
C ALA E 56 -3.24 -2.66 -6.73
N LEU E 57 -3.17 -2.90 -5.43
CA LEU E 57 -4.11 -3.82 -4.80
C LEU E 57 -5.54 -3.31 -4.86
N GLN E 58 -5.73 -1.99 -4.84
CA GLN E 58 -7.10 -1.49 -4.90
C GLN E 58 -7.68 -1.64 -6.29
N GLU E 59 -6.88 -1.39 -7.33
CA GLU E 59 -7.34 -1.66 -8.70
C GLU E 59 -7.67 -3.13 -8.88
N ALA E 60 -6.81 -4.01 -8.38
CA ALA E 60 -7.01 -5.44 -8.58
C ALA E 60 -8.25 -5.94 -7.86
N SER E 61 -8.43 -5.54 -6.60
CA SER E 61 -9.57 -6.04 -5.85
C SER E 61 -10.87 -5.43 -6.31
N GLU E 62 -10.88 -4.18 -6.75
CA GLU E 62 -12.14 -3.63 -7.20
C GLU E 62 -12.55 -4.21 -8.55
N ALA E 63 -11.59 -4.45 -9.45
CA ALA E 63 -11.98 -5.08 -10.71
C ALA E 63 -12.37 -6.54 -10.53
N TYR E 64 -11.76 -7.23 -9.55
CA TYR E 64 -12.18 -8.59 -9.25
C TYR E 64 -13.58 -8.65 -8.68
N LEU E 65 -13.91 -7.77 -7.73
CA LEU E 65 -15.26 -7.78 -7.19
C LEU E 65 -16.30 -7.37 -8.21
N VAL E 66 -15.95 -6.48 -9.14
CA VAL E 66 -16.90 -6.11 -10.18
C VAL E 66 -17.21 -7.30 -11.08
N ALA E 67 -16.18 -8.06 -11.48
CA ALA E 67 -16.43 -9.25 -12.30
C ALA E 67 -17.23 -10.31 -11.54
N LEU E 68 -16.96 -10.46 -10.23
CA LEU E 68 -17.71 -11.41 -9.43
C LEU E 68 -19.17 -11.02 -9.31
N PHE E 69 -19.45 -9.73 -9.14
CA PHE E 69 -20.84 -9.31 -9.03
C PHE E 69 -21.59 -9.41 -10.34
N GLU E 70 -20.90 -9.26 -11.47
CA GLU E 70 -21.55 -9.56 -12.76
C GLU E 70 -21.98 -11.03 -12.84
N ASP E 71 -21.07 -11.95 -12.49
CA ASP E 71 -21.46 -13.36 -12.60
C ASP E 71 -22.48 -13.75 -11.54
N THR E 72 -22.47 -13.07 -10.40
CA THR E 72 -23.52 -13.29 -9.41
C THR E 72 -24.85 -12.83 -9.92
N ASN E 73 -24.87 -11.74 -10.68
CA ASN E 73 -26.14 -11.27 -11.23
C ASN E 73 -26.66 -12.22 -12.30
N LEU E 74 -25.76 -12.86 -13.06
CA LEU E 74 -26.22 -13.86 -14.02
C LEU E 74 -26.83 -15.07 -13.32
N ALA E 75 -26.18 -15.56 -12.26
CA ALA E 75 -26.76 -16.69 -11.53
C ALA E 75 -28.08 -16.35 -10.86
N ALA E 76 -28.21 -15.13 -10.35
CA ALA E 76 -29.44 -14.71 -9.71
C ALA E 76 -30.57 -14.39 -10.68
N ILE E 77 -30.25 -14.00 -11.91
CA ILE E 77 -31.29 -13.94 -12.93
C ILE E 77 -31.74 -15.34 -13.30
N HIS E 78 -30.78 -16.26 -13.44
CA HIS E 78 -31.10 -17.63 -13.84
C HIS E 78 -31.94 -18.37 -12.81
N ALA E 79 -31.85 -18.00 -11.54
CA ALA E 79 -32.74 -18.61 -10.57
C ALA E 79 -34.13 -17.96 -10.51
N LYS E 80 -34.53 -17.22 -11.56
CA LYS E 80 -35.80 -16.49 -11.65
C LYS E 80 -35.98 -15.45 -10.55
N ARG E 81 -34.89 -14.88 -10.07
CA ARG E 81 -34.92 -13.85 -9.05
C ARG E 81 -34.39 -12.55 -9.62
N VAL E 82 -34.39 -11.53 -8.75
CA VAL E 82 -33.68 -10.28 -8.97
C VAL E 82 -32.65 -10.04 -7.87
N THR E 83 -33.03 -10.31 -6.64
CA THR E 83 -32.14 -10.17 -5.48
C THR E 83 -31.01 -11.18 -5.53
N ILE E 84 -29.78 -10.72 -5.55
CA ILE E 84 -28.66 -11.64 -5.46
C ILE E 84 -28.50 -12.09 -4.02
N MET E 85 -27.98 -13.31 -3.82
CA MET E 85 -27.97 -13.94 -2.51
C MET E 85 -26.64 -14.65 -2.26
N PRO E 86 -26.32 -15.07 -1.03
CA PRO E 86 -25.07 -15.83 -0.82
C PRO E 86 -24.97 -17.12 -1.59
N LYS E 87 -26.06 -17.78 -1.91
CA LYS E 87 -25.95 -18.98 -2.74
C LYS E 87 -25.60 -18.62 -4.16
N ASP E 88 -25.96 -17.42 -4.62
CA ASP E 88 -25.52 -16.96 -5.93
C ASP E 88 -24.03 -16.66 -5.93
N ILE E 89 -23.50 -16.05 -4.86
CA ILE E 89 -22.06 -15.81 -4.82
C ILE E 89 -21.29 -17.13 -4.73
N GLN E 90 -21.76 -18.07 -3.89
CA GLN E 90 -21.09 -19.36 -3.79
C GLN E 90 -21.16 -20.15 -5.08
N LEU E 91 -22.26 -20.00 -5.84
CA LEU E 91 -22.33 -20.69 -7.12
C LEU E 91 -21.37 -20.10 -8.13
N ALA E 92 -21.25 -18.77 -8.18
CA ALA E 92 -20.29 -18.17 -9.11
C ALA E 92 -18.87 -18.57 -8.79
N ARG E 93 -18.53 -18.61 -7.50
CA ARG E 93 -17.19 -19.00 -7.13
C ARG E 93 -16.99 -20.50 -7.05
N ARG E 94 -18.01 -21.30 -7.33
CA ARG E 94 -17.71 -22.72 -7.55
C ARG E 94 -17.67 -23.09 -9.02
N ILE E 95 -18.61 -22.60 -9.83
CA ILE E 95 -18.56 -22.86 -11.27
C ILE E 95 -17.33 -22.21 -11.90
N ARG E 96 -16.93 -21.04 -11.40
CA ARG E 96 -15.68 -20.46 -11.90
C ARG E 96 -14.49 -21.29 -11.42
N GLY E 97 -14.59 -21.88 -10.25
CA GLY E 97 -13.56 -22.75 -9.76
C GLY E 97 -12.51 -22.10 -8.93
N GLU E 98 -12.84 -21.02 -8.23
CA GLU E 98 -11.88 -20.41 -7.32
C GLU E 98 -11.90 -21.09 -5.96
N ARG E 99 -13.01 -21.70 -5.59
CA ARG E 99 -13.09 -22.45 -4.34
C ARG E 99 -12.77 -23.93 -4.57
N ALA E 100 -13.56 -24.59 -5.41
CA ALA E 100 -13.42 -26.03 -5.61
C ALA E 100 -13.69 -26.40 -7.06
N ALA F 1 -10.76 -1.67 31.16
CA ALA F 1 -11.67 -0.54 31.14
C ALA F 1 -11.84 0.00 29.72
N LYS F 2 -11.74 1.33 29.58
CA LYS F 2 -11.81 1.98 28.29
C LYS F 2 -10.46 2.08 27.59
N ARG F 3 -9.44 1.41 28.13
CA ARG F 3 -8.10 1.47 27.58
C ARG F 3 -7.85 0.46 26.48
N HIS F 4 -8.78 -0.46 26.23
CA HIS F 4 -8.50 -1.62 25.41
C HIS F 4 -8.65 -1.31 23.92
N ARG F 5 -7.94 -2.11 23.12
CA ARG F 5 -8.20 -2.20 21.69
C ARG F 5 -9.27 -3.22 21.36
N LYS F 6 -9.72 -3.99 22.35
CA LYS F 6 -10.90 -4.83 22.17
C LYS F 6 -12.15 -3.97 22.02
N VAL F 7 -12.21 -2.84 22.73
CA VAL F 7 -13.29 -1.87 22.53
C VAL F 7 -12.80 -0.89 21.46
N LEU F 8 -12.91 -1.35 20.21
CA LEU F 8 -12.56 -0.61 19.00
C LEU F 8 -13.04 -1.43 17.82
N ARG F 9 -13.44 -0.75 16.75
CA ARG F 9 -14.04 -1.41 15.60
C ARG F 9 -12.95 -2.05 14.74
N ASP F 10 -13.10 -3.35 14.44
CA ASP F 10 -12.10 -4.04 13.65
C ASP F 10 -12.15 -3.58 12.20
N ASN F 11 -11.15 -4.03 11.44
CA ASN F 11 -10.67 -3.31 10.28
C ASN F 11 -11.28 -3.78 8.98
N ILE F 12 -11.84 -5.00 8.94
CA ILE F 12 -12.57 -5.46 7.76
C ILE F 12 -13.90 -4.74 7.63
N GLN F 13 -14.45 -4.23 8.73
CA GLN F 13 -15.71 -3.50 8.68
C GLN F 13 -15.55 -2.13 8.03
N GLY F 14 -14.33 -1.66 7.80
CA GLY F 14 -14.13 -0.42 7.09
C GLY F 14 -14.48 -0.48 5.62
N ILE F 15 -14.61 -1.68 5.07
CA ILE F 15 -15.20 -1.80 3.75
C ILE F 15 -16.69 -1.61 3.95
N THR F 16 -17.15 -0.36 3.80
CA THR F 16 -18.44 0.03 4.29
C THR F 16 -19.55 -0.51 3.42
N LYS F 17 -20.73 -0.55 3.99
CA LYS F 17 -21.94 -1.08 3.40
C LYS F 17 -22.33 -0.35 2.11
N PRO F 18 -22.32 0.99 2.02
CA PRO F 18 -22.51 1.58 0.70
C PRO F 18 -21.35 1.41 -0.25
N ALA F 19 -20.15 1.06 0.22
CA ALA F 19 -19.06 0.83 -0.73
C ALA F 19 -19.27 -0.48 -1.49
N ILE F 20 -19.64 -1.54 -0.76
CA ILE F 20 -20.02 -2.81 -1.38
C ILE F 20 -21.24 -2.62 -2.26
N ARG F 21 -22.20 -1.81 -1.79
CA ARG F 21 -23.40 -1.55 -2.58
C ARG F 21 -23.06 -0.82 -3.87
N ARG F 22 -22.08 0.09 -3.84
CA ARG F 22 -21.67 0.80 -5.05
C ARG F 22 -20.93 -0.11 -6.01
N LEU F 23 -20.08 -0.99 -5.49
CA LEU F 23 -19.44 -1.99 -6.35
C LEU F 23 -20.47 -2.86 -7.06
N ALA F 24 -21.52 -3.24 -6.34
CA ALA F 24 -22.58 -4.02 -6.97
C ALA F 24 -23.37 -3.21 -7.99
N ARG F 25 -23.53 -1.90 -7.76
CA ARG F 25 -24.22 -1.09 -8.77
C ARG F 25 -23.40 -0.95 -10.04
N ARG F 26 -22.08 -0.84 -9.91
CA ARG F 26 -21.24 -0.92 -11.11
C ARG F 26 -21.33 -2.30 -11.75
N GLY F 27 -21.50 -3.34 -10.94
CA GLY F 27 -21.59 -4.68 -11.50
C GLY F 27 -22.87 -4.96 -12.25
N GLY F 28 -23.86 -4.08 -12.19
CA GLY F 28 -25.12 -4.28 -12.86
C GLY F 28 -26.25 -4.72 -11.96
N VAL F 29 -25.96 -5.03 -10.71
CA VAL F 29 -26.95 -5.61 -9.81
C VAL F 29 -28.02 -4.58 -9.46
N LYS F 30 -29.28 -4.96 -9.65
CA LYS F 30 -30.39 -4.08 -9.36
C LYS F 30 -30.83 -4.15 -7.92
N ARG F 31 -30.78 -5.30 -7.29
CA ARG F 31 -31.27 -5.39 -5.93
C ARG F 31 -30.41 -6.38 -5.15
N ILE F 32 -29.99 -5.97 -3.96
CA ILE F 32 -28.99 -6.67 -3.17
C ILE F 32 -29.67 -7.23 -1.95
N SER F 33 -29.21 -8.39 -1.47
CA SER F 33 -29.71 -8.88 -0.20
C SER F 33 -29.02 -8.19 0.95
N GLY F 34 -29.25 -8.70 2.15
CA GLY F 34 -28.61 -8.17 3.32
C GLY F 34 -27.45 -9.00 3.80
N LEU F 35 -27.17 -10.10 3.10
CA LEU F 35 -26.11 -11.00 3.48
C LEU F 35 -24.97 -11.00 2.48
N ILE F 36 -25.20 -10.37 1.32
CA ILE F 36 -24.18 -10.10 0.32
C ILE F 36 -23.00 -9.35 0.92
N TYR F 37 -23.28 -8.47 1.88
CA TYR F 37 -22.26 -7.64 2.50
C TYR F 37 -21.25 -8.48 3.27
N GLU F 38 -21.75 -9.38 4.13
CA GLU F 38 -20.88 -10.25 4.90
C GLU F 38 -20.14 -11.24 4.00
N GLU F 39 -20.86 -11.82 3.04
CA GLU F 39 -20.22 -12.78 2.14
C GLU F 39 -19.14 -12.12 1.29
N THR F 40 -19.36 -10.89 0.86
CA THR F 40 -18.39 -10.19 0.03
C THR F 40 -17.18 -9.77 0.86
N ARG F 41 -17.38 -9.45 2.13
CA ARG F 41 -16.23 -9.14 2.97
C ARG F 41 -15.36 -10.38 3.18
N GLY F 42 -15.98 -11.55 3.31
CA GLY F 42 -15.19 -12.78 3.37
C GLY F 42 -14.44 -13.08 2.09
N VAL F 43 -15.09 -12.86 0.94
CA VAL F 43 -14.46 -13.12 -0.35
C VAL F 43 -13.29 -12.17 -0.61
N LEU F 44 -13.47 -10.89 -0.27
CA LEU F 44 -12.40 -9.90 -0.41
C LEU F 44 -11.23 -10.22 0.51
N LYS F 45 -11.52 -10.71 1.72
CA LYS F 45 -10.46 -11.10 2.65
C LYS F 45 -9.59 -12.22 2.07
N VAL F 46 -10.23 -13.26 1.51
CA VAL F 46 -9.45 -14.38 0.96
C VAL F 46 -8.64 -13.95 -0.25
N PHE F 47 -9.23 -13.13 -1.13
CA PHE F 47 -8.51 -12.68 -2.32
C PHE F 47 -7.30 -11.83 -1.98
N LEU F 48 -7.45 -10.89 -1.05
CA LEU F 48 -6.29 -10.10 -0.66
C LEU F 48 -5.25 -10.92 0.07
N GLU F 49 -5.66 -11.96 0.80
CA GLU F 49 -4.68 -12.84 1.42
C GLU F 49 -3.80 -13.53 0.39
N ASN F 50 -4.40 -14.05 -0.68
CA ASN F 50 -3.61 -14.73 -1.70
C ASN F 50 -2.66 -13.79 -2.40
N VAL F 51 -3.13 -12.59 -2.77
CA VAL F 51 -2.27 -11.68 -3.53
C VAL F 51 -1.14 -11.14 -2.66
N ILE F 52 -1.44 -10.83 -1.40
CA ILE F 52 -0.40 -10.28 -0.53
C ILE F 52 0.58 -11.35 -0.11
N ARG F 53 0.15 -12.61 0.02
CA ARG F 53 1.10 -13.69 0.32
C ARG F 53 2.10 -13.88 -0.81
N ASP F 54 1.62 -13.81 -2.06
CA ASP F 54 2.56 -13.95 -3.16
C ASP F 54 3.47 -12.73 -3.30
N ALA F 55 2.96 -11.53 -3.02
CA ALA F 55 3.81 -10.34 -3.10
C ALA F 55 4.87 -10.31 -2.00
N VAL F 56 4.52 -10.79 -0.80
CA VAL F 56 5.49 -10.83 0.27
C VAL F 56 6.50 -11.95 0.03
N THR F 57 6.11 -13.02 -0.68
CA THR F 57 7.10 -14.01 -1.06
C THR F 57 8.14 -13.45 -2.02
N TYR F 58 7.69 -12.69 -3.03
CA TYR F 58 8.62 -11.96 -3.89
C TYR F 58 9.52 -11.00 -3.11
N THR F 59 8.93 -10.24 -2.19
CA THR F 59 9.67 -9.23 -1.46
C THR F 59 10.72 -9.86 -0.54
N GLU F 60 10.33 -10.85 0.27
CA GLU F 60 11.30 -11.55 1.09
C GLU F 60 12.33 -12.32 0.30
N HIS F 61 12.04 -12.71 -0.95
CA HIS F 61 13.11 -13.24 -1.76
C HIS F 61 14.11 -12.16 -2.13
N ALA F 62 13.64 -10.98 -2.51
CA ALA F 62 14.57 -10.02 -3.05
C ALA F 62 15.40 -9.29 -1.99
N LYS F 63 15.31 -9.72 -0.72
CA LYS F 63 16.01 -9.14 0.43
C LYS F 63 15.72 -7.64 0.56
N ARG F 64 14.46 -7.37 0.85
CA ARG F 64 13.99 -6.01 0.98
C ARG F 64 12.76 -6.03 1.86
N LYS F 65 12.38 -4.86 2.35
CA LYS F 65 11.24 -4.73 3.25
C LYS F 65 10.08 -4.01 2.60
N THR F 66 10.25 -3.53 1.37
CA THR F 66 9.31 -2.62 0.74
C THR F 66 8.58 -3.37 -0.36
N VAL F 67 7.34 -3.75 -0.07
CA VAL F 67 6.44 -4.23 -1.11
C VAL F 67 6.22 -3.12 -2.11
N THR F 68 6.44 -3.39 -3.38
CA THR F 68 6.33 -2.34 -4.38
C THR F 68 5.26 -2.66 -5.41
N ALA F 69 5.13 -1.73 -6.35
CA ALA F 69 4.19 -1.86 -7.45
C ALA F 69 4.50 -3.09 -8.28
N MET F 70 5.77 -3.29 -8.60
CA MET F 70 6.16 -4.42 -9.42
C MET F 70 6.00 -5.74 -8.70
N ASP F 71 6.16 -5.75 -7.38
CA ASP F 71 5.94 -6.99 -6.65
C ASP F 71 4.47 -7.38 -6.67
N VAL F 72 3.57 -6.41 -6.52
CA VAL F 72 2.17 -6.79 -6.59
C VAL F 72 1.76 -7.13 -8.02
N VAL F 73 2.37 -6.47 -9.02
CA VAL F 73 2.05 -6.80 -10.41
C VAL F 73 2.55 -8.20 -10.78
N TYR F 74 3.69 -8.62 -10.23
CA TYR F 74 4.16 -9.98 -10.49
C TYR F 74 3.31 -11.02 -9.79
N ALA F 75 2.85 -10.71 -8.58
CA ALA F 75 1.97 -11.64 -7.87
C ALA F 75 0.63 -11.77 -8.58
N LEU F 76 0.14 -10.68 -9.16
CA LEU F 76 -1.07 -10.73 -9.94
C LEU F 76 -0.85 -11.44 -11.26
N LYS F 77 0.36 -11.35 -11.83
CA LYS F 77 0.57 -11.99 -13.12
C LYS F 77 0.61 -13.49 -12.97
N ARG F 78 1.18 -14.00 -11.88
CA ARG F 78 1.06 -15.43 -11.71
C ARG F 78 -0.21 -15.84 -10.99
N GLN F 79 -1.00 -14.89 -10.54
CA GLN F 79 -2.33 -15.22 -10.07
C GLN F 79 -3.24 -15.62 -11.22
N GLY F 80 -3.04 -15.01 -12.38
CA GLY F 80 -3.94 -15.13 -13.51
C GLY F 80 -4.47 -13.76 -13.87
N ARG F 81 -4.86 -13.01 -12.85
CA ARG F 81 -5.43 -11.67 -12.99
C ARG F 81 -4.32 -10.69 -13.35
N THR F 82 -3.98 -10.62 -14.64
CA THR F 82 -2.95 -9.71 -15.09
C THR F 82 -3.42 -8.26 -15.00
N LEU F 83 -2.54 -7.37 -14.56
CA LEU F 83 -2.84 -5.95 -14.38
C LEU F 83 -1.93 -5.11 -15.26
N TYR F 84 -2.50 -4.12 -15.94
CA TYR F 84 -1.70 -3.19 -16.73
C TYR F 84 -1.69 -1.81 -16.12
N GLY F 85 -0.64 -1.08 -16.40
CA GLY F 85 -0.58 0.32 -16.06
C GLY F 85 0.52 0.65 -15.08
N PHE F 86 0.70 -0.18 -14.07
CA PHE F 86 1.54 0.17 -12.95
C PHE F 86 2.97 -0.30 -13.10
N GLY F 87 3.33 -0.85 -14.25
CA GLY F 87 4.70 -1.25 -14.47
C GLY F 87 4.88 -2.18 -15.64
N GLY F 88 6.04 -2.09 -16.30
CA GLY F 88 6.32 -2.84 -17.50
C GLY F 88 6.41 -4.34 -17.35
N LYS G 1 47.98 -41.73 -9.86
CA LYS G 1 46.95 -42.70 -10.24
C LYS G 1 45.68 -42.04 -10.71
N THR G 2 44.85 -42.79 -11.43
CA THR G 2 43.49 -42.35 -11.71
C THR G 2 42.72 -42.33 -10.39
N ARG G 3 42.26 -41.15 -9.99
CA ARG G 3 41.57 -40.99 -8.73
C ARG G 3 40.21 -41.69 -8.80
N ALA G 4 39.73 -42.15 -7.64
CA ALA G 4 38.58 -43.05 -7.54
C ALA G 4 37.32 -42.32 -7.94
N LYS G 5 36.96 -42.42 -9.21
CA LYS G 5 35.73 -41.83 -9.74
C LYS G 5 34.57 -42.64 -9.22
N ALA G 6 33.88 -42.09 -8.22
CA ALA G 6 32.69 -42.68 -7.65
C ALA G 6 31.87 -41.56 -7.04
N LYS G 7 30.87 -41.94 -6.24
CA LYS G 7 30.10 -41.05 -5.38
C LYS G 7 29.39 -39.96 -6.20
N THR G 8 28.41 -40.43 -6.98
CA THR G 8 27.53 -39.53 -7.71
C THR G 8 26.78 -38.61 -6.76
N ARG G 9 26.35 -37.47 -7.29
CA ARG G 9 25.77 -36.40 -6.50
C ARG G 9 24.42 -36.79 -5.88
N SER G 10 23.74 -37.79 -6.44
CA SER G 10 22.55 -38.32 -5.80
C SER G 10 22.88 -39.13 -4.56
N SER G 11 24.09 -39.67 -4.47
CA SER G 11 24.47 -40.49 -3.33
C SER G 11 24.83 -39.66 -2.12
N ARG G 12 25.36 -38.46 -2.33
CA ARG G 12 25.81 -37.65 -1.21
C ARG G 12 24.65 -37.03 -0.45
N ALA G 13 23.66 -36.49 -1.15
CA ALA G 13 22.55 -35.90 -0.43
C ALA G 13 21.57 -36.96 0.09
N GLY G 14 21.70 -38.21 -0.32
CA GLY G 14 20.72 -39.19 0.06
C GLY G 14 19.45 -39.08 -0.74
N LEU G 15 19.56 -38.82 -2.04
CA LEU G 15 18.42 -38.68 -2.92
C LEU G 15 18.34 -39.88 -3.84
N GLN G 16 17.15 -40.13 -4.37
CA GLN G 16 17.03 -41.16 -5.38
C GLN G 16 16.97 -40.60 -6.80
N PHE G 17 16.57 -39.35 -6.95
CA PHE G 17 16.50 -38.72 -8.26
C PHE G 17 17.87 -38.35 -8.80
N PRO G 18 18.06 -38.45 -10.11
CA PRO G 18 19.39 -38.25 -10.70
C PRO G 18 19.77 -36.78 -10.74
N VAL G 19 20.66 -36.38 -9.85
CA VAL G 19 21.02 -34.97 -9.75
C VAL G 19 21.79 -34.52 -10.97
N GLY G 20 22.56 -35.43 -11.58
CA GLY G 20 23.25 -35.09 -12.82
C GLY G 20 22.29 -34.85 -13.97
N ARG G 21 21.23 -35.65 -14.05
CA ARG G 21 20.23 -35.46 -15.09
C ARG G 21 19.44 -34.18 -14.88
N VAL G 22 19.11 -33.87 -13.62
CA VAL G 22 18.43 -32.61 -13.32
C VAL G 22 19.33 -31.42 -13.66
N HIS G 23 20.63 -31.55 -13.42
CA HIS G 23 21.53 -30.45 -13.68
C HIS G 23 21.72 -30.24 -15.18
N ARG G 24 21.76 -31.33 -15.94
CA ARG G 24 21.84 -31.21 -17.40
C ARG G 24 20.59 -30.57 -17.97
N LEU G 25 19.42 -30.92 -17.44
CA LEU G 25 18.18 -30.31 -17.93
C LEU G 25 18.10 -28.85 -17.56
N LEU G 26 18.51 -28.48 -16.35
CA LEU G 26 18.53 -27.06 -15.98
C LEU G 26 19.53 -26.27 -16.79
N ARG G 27 20.64 -26.87 -17.22
CA ARG G 27 21.56 -26.13 -18.07
C ARG G 27 20.99 -25.97 -19.47
N LYS G 28 20.77 -27.09 -20.17
CA LYS G 28 20.44 -26.96 -21.59
C LYS G 28 18.96 -26.71 -21.83
N GLY G 29 18.17 -26.44 -20.82
CA GLY G 29 16.81 -26.03 -21.11
C GLY G 29 16.63 -24.54 -21.32
N ASN G 30 17.71 -23.76 -21.29
CA ASN G 30 17.70 -22.29 -21.44
C ASN G 30 16.79 -21.61 -20.42
N TYR G 31 16.98 -21.95 -19.16
CA TYR G 31 16.21 -21.30 -18.10
C TYR G 31 16.90 -20.02 -17.65
N ALA G 32 18.12 -20.12 -17.15
CA ALA G 32 18.91 -18.93 -16.89
C ALA G 32 20.28 -19.10 -17.53
N GLU G 33 21.14 -18.12 -17.29
CA GLU G 33 22.43 -18.11 -17.97
C GLU G 33 23.41 -19.08 -17.36
N ARG G 34 23.38 -19.27 -16.04
CA ARG G 34 24.36 -20.12 -15.39
C ARG G 34 23.78 -20.70 -14.10
N VAL G 35 23.47 -21.98 -14.14
CA VAL G 35 22.84 -22.70 -13.05
C VAL G 35 23.84 -22.85 -11.91
N GLY G 36 23.36 -22.74 -10.68
CA GLY G 36 24.22 -22.82 -9.52
C GLY G 36 24.66 -24.23 -9.20
N ALA G 37 25.04 -24.42 -7.94
CA ALA G 37 25.52 -25.71 -7.47
C ALA G 37 24.53 -26.42 -6.56
N GLY G 38 23.88 -25.70 -5.67
CA GLY G 38 22.86 -26.31 -4.84
C GLY G 38 21.53 -26.50 -5.51
N ALA G 39 21.38 -25.94 -6.72
CA ALA G 39 20.08 -25.93 -7.39
C ALA G 39 19.57 -27.32 -7.76
N PRO G 40 20.29 -28.17 -8.52
CA PRO G 40 19.67 -29.45 -8.86
C PRO G 40 19.54 -30.38 -7.68
N VAL G 41 20.36 -30.21 -6.64
CA VAL G 41 20.21 -31.01 -5.43
C VAL G 41 18.91 -30.64 -4.73
N TYR G 42 18.64 -29.34 -4.58
CA TYR G 42 17.41 -28.89 -3.96
C TYR G 42 16.20 -29.34 -4.76
N LEU G 43 16.31 -29.25 -6.08
CA LEU G 43 15.17 -29.51 -6.93
C LEU G 43 14.86 -31.00 -7.01
N ALA G 44 15.90 -31.84 -7.03
CA ALA G 44 15.67 -33.27 -7.03
C ALA G 44 15.12 -33.73 -5.68
N ALA G 45 15.46 -33.02 -4.60
CA ALA G 45 14.84 -33.34 -3.32
C ALA G 45 13.36 -32.99 -3.31
N VAL G 46 12.98 -31.86 -3.92
CA VAL G 46 11.56 -31.48 -3.97
C VAL G 46 10.77 -32.48 -4.81
N LEU G 47 11.30 -32.87 -5.97
CA LEU G 47 10.59 -33.83 -6.83
C LEU G 47 10.52 -35.21 -6.18
N GLU G 48 11.55 -35.59 -5.42
CA GLU G 48 11.47 -36.86 -4.71
C GLU G 48 10.44 -36.81 -3.60
N TYR G 49 10.29 -35.65 -2.95
CA TYR G 49 9.22 -35.52 -1.97
C TYR G 49 7.84 -35.64 -2.60
N LEU G 50 7.64 -35.03 -3.76
CA LEU G 50 6.31 -35.07 -4.36
C LEU G 50 5.96 -36.47 -4.86
N THR G 51 6.91 -37.16 -5.48
CA THR G 51 6.65 -38.52 -5.93
C THR G 51 6.45 -39.47 -4.75
N ALA G 52 7.15 -39.23 -3.64
CA ALA G 52 6.96 -40.06 -2.46
C ALA G 52 5.59 -39.86 -1.85
N GLU G 53 5.12 -38.61 -1.83
CA GLU G 53 3.78 -38.33 -1.30
C GLU G 53 2.69 -38.97 -2.14
N ILE G 54 2.81 -38.88 -3.47
CA ILE G 54 1.74 -39.39 -4.33
C ILE G 54 1.74 -40.91 -4.35
N LEU G 55 2.92 -41.54 -4.39
CA LEU G 55 2.93 -42.99 -4.36
C LEU G 55 2.54 -43.53 -3.00
N GLU G 56 2.78 -42.79 -1.93
CA GLU G 56 2.24 -43.13 -0.62
C GLU G 56 0.73 -43.12 -0.63
N LEU G 57 0.13 -42.05 -1.17
CA LEU G 57 -1.32 -41.93 -1.15
C LEU G 57 -1.98 -42.91 -2.12
N ALA G 58 -1.28 -43.34 -3.16
CA ALA G 58 -1.88 -44.34 -4.04
C ALA G 58 -1.75 -45.73 -3.45
N GLY G 59 -0.62 -46.03 -2.82
CA GLY G 59 -0.47 -47.30 -2.15
C GLY G 59 -1.39 -47.46 -0.95
N ASN G 60 -1.80 -46.34 -0.34
CA ASN G 60 -2.91 -46.44 0.59
C ASN G 60 -4.21 -46.81 -0.13
N ALA G 61 -4.38 -46.35 -1.36
CA ALA G 61 -5.65 -46.53 -2.05
C ALA G 61 -5.74 -47.86 -2.78
N ALA G 62 -4.62 -48.50 -3.07
CA ALA G 62 -4.65 -49.84 -3.65
C ALA G 62 -4.92 -50.89 -2.60
N ARG G 63 -4.49 -50.64 -1.37
CA ARG G 63 -4.85 -51.43 -0.21
C ARG G 63 -6.34 -51.39 0.09
N ASP G 64 -6.97 -50.23 -0.11
CA ASP G 64 -8.38 -50.09 0.17
C ASP G 64 -9.23 -50.84 -0.85
N ASN G 65 -8.70 -51.02 -2.05
CA ASN G 65 -9.43 -51.65 -3.13
C ASN G 65 -9.03 -53.11 -3.31
N LYS G 66 -8.17 -53.62 -2.41
CA LYS G 66 -7.74 -55.02 -2.35
C LYS G 66 -7.06 -55.46 -3.65
N LYS G 67 -5.96 -54.78 -3.95
CA LYS G 67 -5.27 -55.00 -5.22
C LYS G 67 -3.85 -54.51 -5.04
N THR G 68 -2.86 -55.36 -5.35
CA THR G 68 -1.47 -55.05 -5.05
C THR G 68 -0.75 -54.37 -6.19
N ARG G 69 -1.45 -53.60 -7.02
CA ARG G 69 -0.81 -52.89 -8.10
C ARG G 69 -1.49 -51.54 -8.30
N ILE G 70 -0.70 -50.49 -8.43
CA ILE G 70 -1.19 -49.14 -8.60
C ILE G 70 -1.56 -48.90 -10.06
N ILE G 71 -2.77 -48.38 -10.27
CA ILE G 71 -3.36 -48.18 -11.60
C ILE G 71 -3.72 -46.69 -11.72
N PRO G 72 -4.03 -46.16 -12.91
CA PRO G 72 -4.39 -44.73 -12.99
C PRO G 72 -5.64 -44.37 -12.23
N ARG G 73 -6.58 -45.29 -12.07
CA ARG G 73 -7.70 -45.09 -11.17
C ARG G 73 -7.23 -44.81 -9.75
N HIS G 74 -6.20 -45.52 -9.30
CA HIS G 74 -5.67 -45.29 -7.97
C HIS G 74 -4.98 -43.95 -7.87
N LEU G 75 -4.24 -43.55 -8.91
CA LEU G 75 -3.60 -42.23 -8.86
C LEU G 75 -4.64 -41.11 -8.89
N GLN G 76 -5.74 -41.30 -9.62
CA GLN G 76 -6.83 -40.34 -9.62
C GLN G 76 -7.45 -40.20 -8.24
N LEU G 77 -7.75 -41.33 -7.59
CA LEU G 77 -8.36 -41.26 -6.26
C LEU G 77 -7.42 -40.63 -5.24
N ALA G 78 -6.13 -40.95 -5.30
CA ALA G 78 -5.17 -40.40 -4.36
C ALA G 78 -5.03 -38.88 -4.51
N VAL G 79 -4.81 -38.42 -5.74
CA VAL G 79 -4.63 -37.00 -6.00
C VAL G 79 -5.91 -36.23 -5.70
N ARG G 80 -7.05 -36.68 -6.19
CA ARG G 80 -8.24 -35.89 -6.00
C ARG G 80 -8.88 -36.06 -4.64
N ASN G 81 -8.39 -36.95 -3.78
CA ASN G 81 -8.86 -36.98 -2.41
C ASN G 81 -7.93 -36.27 -1.46
N ASP G 82 -6.64 -36.17 -1.73
CA ASP G 82 -5.84 -35.24 -0.94
C ASP G 82 -6.14 -33.82 -1.41
N GLU G 83 -6.50 -32.97 -0.46
CA GLU G 83 -6.99 -31.64 -0.80
C GLU G 83 -5.89 -30.75 -1.39
N GLU G 84 -4.69 -30.82 -0.83
CA GLU G 84 -3.62 -29.97 -1.31
C GLU G 84 -3.10 -30.43 -2.67
N LEU G 85 -3.04 -31.74 -2.89
CA LEU G 85 -2.71 -32.25 -4.21
C LEU G 85 -3.79 -31.94 -5.23
N ASN G 86 -5.06 -31.92 -4.81
CA ASN G 86 -6.13 -31.47 -5.70
C ASN G 86 -5.91 -30.03 -6.12
N LYS G 87 -5.58 -29.16 -5.17
CA LYS G 87 -5.39 -27.76 -5.51
C LYS G 87 -4.10 -27.53 -6.28
N LEU G 88 -3.13 -28.44 -6.16
CA LEU G 88 -1.95 -28.35 -7.00
C LEU G 88 -2.23 -28.79 -8.42
N LEU G 89 -2.83 -29.96 -8.60
CA LEU G 89 -3.06 -30.54 -9.92
C LEU G 89 -4.48 -30.30 -10.40
N GLY G 90 -5.05 -29.14 -10.11
CA GLY G 90 -6.44 -28.89 -10.42
C GLY G 90 -6.71 -28.69 -11.89
N ARG G 91 -5.73 -28.21 -12.64
CA ARG G 91 -5.92 -28.07 -14.07
C ARG G 91 -5.76 -29.38 -14.82
N VAL G 92 -5.18 -30.38 -14.17
CA VAL G 92 -4.63 -31.54 -14.85
C VAL G 92 -5.64 -32.68 -14.84
N THR G 93 -5.94 -33.22 -16.02
CA THR G 93 -6.71 -34.44 -16.11
C THR G 93 -5.77 -35.63 -16.34
N ILE G 94 -6.12 -36.75 -15.73
CA ILE G 94 -5.31 -37.96 -15.76
C ILE G 94 -6.00 -38.96 -16.66
N ALA G 95 -5.29 -39.43 -17.68
CA ALA G 95 -5.86 -40.32 -18.67
C ALA G 95 -6.20 -41.67 -18.06
N GLN G 96 -7.31 -42.25 -18.53
CA GLN G 96 -7.90 -43.50 -18.04
C GLN G 96 -8.20 -43.41 -16.55
N GLY G 97 -8.65 -42.23 -16.13
CA GLY G 97 -8.66 -41.91 -14.71
C GLY G 97 -10.00 -41.99 -14.02
N GLY G 98 -11.10 -41.83 -14.74
CA GLY G 98 -12.40 -41.83 -14.09
C GLY G 98 -12.62 -40.53 -13.30
N VAL G 99 -13.69 -40.53 -12.51
CA VAL G 99 -14.01 -39.41 -11.63
C VAL G 99 -14.24 -39.95 -10.23
N LEU G 100 -14.66 -39.06 -9.33
CA LEU G 100 -14.82 -39.54 -7.96
C LEU G 100 -16.25 -39.99 -7.73
N PRO G 101 -16.45 -40.92 -6.80
CA PRO G 101 -17.81 -41.28 -6.38
C PRO G 101 -18.45 -40.20 -5.52
N ASN G 102 -19.08 -39.22 -6.15
CA ASN G 102 -19.66 -38.08 -5.43
C ASN G 102 -21.03 -37.75 -6.02
N ILE G 103 -22.08 -38.16 -5.33
CA ILE G 103 -23.47 -37.88 -5.72
C ILE G 103 -23.94 -36.67 -4.91
N GLN G 104 -24.64 -35.76 -5.58
CA GLN G 104 -25.23 -34.62 -4.88
C GLN G 104 -26.29 -35.10 -3.90
N SER G 105 -26.36 -34.42 -2.75
CA SER G 105 -27.18 -34.93 -1.66
C SER G 105 -28.67 -34.75 -1.92
N VAL G 106 -29.05 -33.70 -2.66
CA VAL G 106 -30.46 -33.38 -2.84
C VAL G 106 -31.05 -34.09 -4.05
N LEU G 107 -30.28 -34.96 -4.70
CA LEU G 107 -30.82 -35.78 -5.78
C LEU G 107 -31.43 -37.08 -5.31
N LEU G 108 -30.87 -37.70 -4.28
CA LEU G 108 -31.37 -38.99 -3.86
C LEU G 108 -32.62 -38.83 -2.99
N PRO G 109 -33.73 -39.54 -3.29
CA PRO G 109 -34.90 -39.54 -2.43
C PRO G 109 -34.73 -40.49 -1.26
N ARG H 2 18.31 -50.94 -37.19
CA ARG H 2 19.42 -50.26 -36.53
C ARG H 2 19.10 -50.00 -35.06
N ARG H 3 20.10 -49.49 -34.33
CA ARG H 3 19.90 -49.15 -32.94
C ARG H 3 19.07 -47.89 -32.81
N LYS H 4 18.04 -47.94 -31.97
CA LYS H 4 17.10 -46.83 -31.84
C LYS H 4 17.64 -45.79 -30.86
N THR H 5 17.29 -44.53 -31.10
CA THR H 5 17.77 -43.45 -30.27
C THR H 5 17.09 -43.50 -28.91
N ARG H 6 17.86 -43.27 -27.86
CA ARG H 6 17.42 -43.53 -26.49
C ARG H 6 16.31 -42.57 -26.08
N LYS H 7 15.27 -43.12 -25.47
CA LYS H 7 14.28 -42.33 -24.74
C LYS H 7 14.65 -42.36 -23.27
N GLU H 8 14.91 -41.19 -22.69
CA GLU H 8 15.38 -41.09 -21.31
C GLU H 8 14.30 -40.47 -20.44
N SER H 9 14.05 -41.08 -19.29
CA SER H 9 12.92 -40.70 -18.46
C SER H 9 13.17 -41.14 -17.02
N TYR H 10 12.20 -40.85 -16.15
CA TYR H 10 12.34 -41.03 -14.72
C TYR H 10 11.75 -42.34 -14.23
N ALA H 11 11.81 -43.38 -15.05
CA ALA H 11 11.06 -44.60 -14.76
C ALA H 11 11.65 -45.36 -13.58
N ILE H 12 12.95 -45.63 -13.62
CA ILE H 12 13.57 -46.37 -12.53
C ILE H 12 13.63 -45.56 -11.25
N TYR H 13 13.60 -44.23 -11.34
CA TYR H 13 13.64 -43.44 -10.13
C TYR H 13 12.27 -43.41 -9.44
N VAL H 14 11.18 -43.35 -10.23
CA VAL H 14 9.84 -43.52 -9.67
C VAL H 14 9.70 -44.90 -9.05
N TYR H 15 10.21 -45.93 -9.74
CA TYR H 15 10.09 -47.29 -9.25
C TYR H 15 10.91 -47.50 -7.98
N LYS H 16 12.01 -46.78 -7.86
CA LYS H 16 12.86 -46.91 -6.69
C LYS H 16 12.22 -46.25 -5.47
N VAL H 17 11.57 -45.09 -5.67
CA VAL H 17 10.84 -44.47 -4.56
C VAL H 17 9.64 -45.31 -4.15
N LEU H 18 9.01 -45.97 -5.13
CA LEU H 18 7.91 -46.89 -4.82
C LEU H 18 8.39 -48.08 -4.00
N LYS H 19 9.56 -48.63 -4.34
CA LYS H 19 10.06 -49.75 -3.55
C LYS H 19 10.58 -49.31 -2.19
N GLN H 20 10.85 -48.03 -1.99
CA GLN H 20 11.06 -47.58 -0.61
C GLN H 20 9.75 -47.53 0.15
N VAL H 21 8.74 -46.85 -0.36
CA VAL H 21 7.56 -46.57 0.47
C VAL H 21 6.57 -47.72 0.55
N HIS H 22 6.57 -48.65 -0.39
CA HIS H 22 5.77 -49.87 -0.29
C HIS H 22 6.52 -51.02 -0.94
N PRO H 23 7.08 -51.94 -0.15
CA PRO H 23 7.94 -52.97 -0.73
C PRO H 23 7.22 -54.05 -1.50
N ASP H 24 5.91 -54.21 -1.33
CA ASP H 24 5.18 -55.28 -2.01
C ASP H 24 4.46 -54.84 -3.27
N THR H 25 4.18 -53.54 -3.41
CA THR H 25 3.34 -53.05 -4.48
C THR H 25 4.13 -52.96 -5.77
N GLY H 26 3.49 -53.29 -6.88
CA GLY H 26 4.02 -52.99 -8.19
C GLY H 26 3.28 -51.82 -8.80
N ILE H 27 3.89 -51.21 -9.81
CA ILE H 27 3.24 -50.13 -10.52
C ILE H 27 2.96 -50.63 -11.93
N SER H 28 1.98 -50.02 -12.58
CA SER H 28 1.60 -50.43 -13.92
C SER H 28 2.59 -49.84 -14.92
N SER H 29 2.26 -49.94 -16.20
CA SER H 29 3.06 -49.19 -17.17
C SER H 29 2.45 -47.84 -17.47
N LYS H 30 1.13 -47.80 -17.56
CA LYS H 30 0.42 -46.56 -17.79
C LYS H 30 0.59 -45.60 -16.61
N ALA H 31 0.57 -46.12 -15.39
CA ALA H 31 0.80 -45.27 -14.25
C ALA H 31 2.25 -44.81 -14.17
N MET H 32 3.17 -45.63 -14.67
CA MET H 32 4.57 -45.19 -14.76
C MET H 32 4.71 -44.03 -15.72
N SER H 33 3.99 -44.07 -16.83
CA SER H 33 4.03 -42.93 -17.75
C SER H 33 3.34 -41.70 -17.18
N ILE H 34 2.29 -41.89 -16.39
CA ILE H 34 1.66 -40.76 -15.69
C ILE H 34 2.65 -40.10 -14.74
N MET H 35 3.36 -40.89 -13.95
CA MET H 35 4.33 -40.32 -13.01
C MET H 35 5.48 -39.65 -13.74
N ASN H 36 5.87 -40.19 -14.89
CA ASN H 36 6.91 -39.56 -15.71
C ASN H 36 6.47 -38.18 -16.19
N SER H 37 5.26 -38.08 -16.75
CA SER H 37 4.77 -36.78 -17.21
C SER H 37 4.54 -35.83 -16.05
N PHE H 38 4.18 -36.36 -14.89
CA PHE H 38 4.01 -35.52 -13.71
C PHE H 38 5.32 -34.88 -13.28
N VAL H 39 6.40 -35.66 -13.30
CA VAL H 39 7.69 -35.14 -12.89
C VAL H 39 8.21 -34.14 -13.90
N ASN H 40 8.02 -34.40 -15.19
CA ASN H 40 8.37 -33.39 -16.19
C ASN H 40 7.55 -32.12 -16.05
N ASP H 41 6.29 -32.23 -15.65
CA ASP H 41 5.44 -31.06 -15.49
C ASP H 41 5.91 -30.19 -14.33
N VAL H 42 6.16 -30.82 -13.18
CA VAL H 42 6.55 -30.02 -12.01
C VAL H 42 7.96 -29.47 -12.17
N PHE H 43 8.82 -30.18 -12.89
CA PHE H 43 10.12 -29.63 -13.22
C PHE H 43 10.00 -28.41 -14.12
N GLU H 44 9.13 -28.45 -15.14
CA GLU H 44 8.98 -27.29 -16.00
C GLU H 44 8.37 -26.10 -15.28
N ARG H 45 7.45 -26.34 -14.33
CA ARG H 45 6.90 -25.24 -13.53
C ARG H 45 7.96 -24.60 -12.65
N ILE H 46 8.69 -25.42 -11.88
CA ILE H 46 9.60 -24.86 -10.89
C ILE H 46 10.79 -24.20 -11.56
N ALA H 47 11.29 -24.78 -12.65
CA ALA H 47 12.39 -24.10 -13.32
C ALA H 47 11.92 -22.88 -14.10
N GLY H 48 10.68 -22.84 -14.56
CA GLY H 48 10.17 -21.63 -15.17
C GLY H 48 10.04 -20.49 -14.17
N GLU H 49 9.60 -20.82 -12.96
CA GLU H 49 9.48 -19.78 -11.93
C GLU H 49 10.84 -19.33 -11.42
N ALA H 50 11.81 -20.26 -11.33
CA ALA H 50 13.17 -19.87 -11.00
C ALA H 50 13.75 -18.94 -12.05
N SER H 51 13.44 -19.17 -13.33
CA SER H 51 13.93 -18.25 -14.35
C SER H 51 13.21 -16.92 -14.33
N ARG H 52 11.95 -16.90 -13.92
CA ARG H 52 11.27 -15.61 -13.78
C ARG H 52 11.84 -14.79 -12.63
N LEU H 53 12.18 -15.46 -11.52
CA LEU H 53 12.85 -14.75 -10.42
C LEU H 53 14.23 -14.27 -10.83
N ALA H 54 14.93 -15.04 -11.65
CA ALA H 54 16.20 -14.61 -12.20
C ALA H 54 16.06 -13.35 -13.03
N HIS H 55 15.11 -13.32 -13.96
CA HIS H 55 14.97 -12.14 -14.80
C HIS H 55 14.34 -10.97 -14.06
N TYR H 56 13.67 -11.19 -12.93
CA TYR H 56 13.11 -10.04 -12.22
C TYR H 56 14.14 -9.40 -11.31
N ASN H 57 15.00 -10.18 -10.67
CA ASN H 57 15.98 -9.63 -9.77
C ASN H 57 17.26 -9.19 -10.46
N LYS H 58 17.24 -9.04 -11.79
CA LYS H 58 18.36 -8.59 -12.62
C LYS H 58 19.61 -9.45 -12.43
N ARG H 59 19.42 -10.73 -12.18
CA ARG H 59 20.50 -11.63 -11.80
C ARG H 59 20.60 -12.71 -12.87
N SER H 60 21.77 -13.34 -12.99
CA SER H 60 22.00 -14.30 -14.06
C SER H 60 22.19 -15.73 -13.57
N THR H 61 22.00 -16.00 -12.29
CA THR H 61 22.32 -17.31 -11.72
C THR H 61 21.16 -17.84 -10.91
N ILE H 62 20.60 -18.98 -11.33
CA ILE H 62 19.70 -19.77 -10.51
C ILE H 62 20.48 -20.36 -9.34
N THR H 63 20.06 -20.07 -8.12
CA THR H 63 20.66 -20.68 -6.95
C THR H 63 19.59 -21.41 -6.14
N SER H 64 20.03 -21.93 -4.99
CA SER H 64 19.11 -22.62 -4.10
C SER H 64 18.06 -21.68 -3.53
N ARG H 65 18.40 -20.40 -3.39
CA ARG H 65 17.42 -19.43 -2.91
C ARG H 65 16.30 -19.24 -3.93
N GLU H 66 16.64 -19.22 -5.23
CA GLU H 66 15.61 -19.11 -6.25
C GLU H 66 14.78 -20.37 -6.35
N ILE H 67 15.39 -21.54 -6.18
CA ILE H 67 14.56 -22.75 -6.21
C ILE H 67 13.65 -22.80 -4.98
N GLN H 68 14.11 -22.28 -3.85
CA GLN H 68 13.26 -22.28 -2.65
C GLN H 68 12.13 -21.28 -2.76
N THR H 69 12.38 -20.11 -3.34
CA THR H 69 11.29 -19.15 -3.54
C THR H 69 10.31 -19.65 -4.58
N ALA H 70 10.80 -20.33 -5.63
CA ALA H 70 9.88 -20.90 -6.60
C ALA H 70 9.04 -22.02 -6.00
N VAL H 71 9.59 -22.79 -5.06
CA VAL H 71 8.81 -23.81 -4.40
C VAL H 71 7.76 -23.19 -3.49
N ARG H 72 8.14 -22.17 -2.70
CA ARG H 72 7.18 -21.50 -1.83
C ARG H 72 6.05 -20.85 -2.60
N LEU H 73 6.33 -20.35 -3.80
CA LEU H 73 5.26 -19.82 -4.63
C LEU H 73 4.38 -20.93 -5.18
N LEU H 74 4.97 -21.93 -5.83
CA LEU H 74 4.17 -22.87 -6.61
C LEU H 74 3.46 -23.89 -5.74
N LEU H 75 4.16 -24.56 -4.85
CA LEU H 75 3.47 -25.56 -4.06
C LEU H 75 2.70 -24.88 -2.92
N PRO H 76 1.51 -25.35 -2.60
CA PRO H 76 0.73 -24.73 -1.53
C PRO H 76 1.03 -25.33 -0.17
N GLY H 77 0.73 -24.54 0.86
CA GLY H 77 0.53 -24.98 2.24
C GLY H 77 1.54 -25.96 2.85
N GLU H 78 0.98 -27.08 3.32
CA GLU H 78 1.76 -28.09 4.04
C GLU H 78 2.80 -28.72 3.13
N LEU H 79 2.46 -28.91 1.85
CA LEU H 79 3.41 -29.45 0.89
C LEU H 79 4.58 -28.52 0.68
N ALA H 80 4.30 -27.22 0.64
CA ALA H 80 5.35 -26.22 0.51
C ALA H 80 6.29 -26.27 1.70
N LYS H 81 5.72 -26.39 2.90
CA LYS H 81 6.54 -26.42 4.11
C LYS H 81 7.44 -27.65 4.15
N HIS H 82 6.89 -28.83 3.89
CA HIS H 82 7.75 -30.01 3.93
C HIS H 82 8.67 -30.13 2.73
N ALA H 83 8.32 -29.53 1.60
CA ALA H 83 9.23 -29.52 0.47
C ALA H 83 10.46 -28.67 0.74
N VAL H 84 10.25 -27.49 1.34
CA VAL H 84 11.38 -26.67 1.78
C VAL H 84 12.19 -27.38 2.84
N SER H 85 11.54 -28.16 3.71
CA SER H 85 12.26 -28.95 4.70
C SER H 85 13.19 -29.98 4.05
N GLU H 86 12.66 -30.74 3.07
CA GLU H 86 13.48 -31.72 2.35
C GLU H 86 14.60 -31.06 1.60
N GLY H 87 14.36 -29.86 1.06
CA GLY H 87 15.40 -29.18 0.31
C GLY H 87 16.55 -28.73 1.18
N THR H 88 16.25 -28.10 2.31
CA THR H 88 17.32 -27.65 3.20
C THR H 88 18.09 -28.82 3.77
N LYS H 89 17.39 -29.92 4.08
CA LYS H 89 18.07 -31.12 4.55
C LYS H 89 19.03 -31.66 3.51
N ALA H 90 18.59 -31.73 2.25
CA ALA H 90 19.44 -32.29 1.20
C ALA H 90 20.63 -31.41 0.89
N VAL H 91 20.45 -30.09 0.89
CA VAL H 91 21.57 -29.22 0.53
C VAL H 91 22.60 -29.15 1.65
N THR H 92 22.14 -29.16 2.91
CA THR H 92 23.12 -29.17 4.01
C THR H 92 23.84 -30.50 4.10
N LYS H 93 23.15 -31.61 3.81
CA LYS H 93 23.86 -32.89 3.81
C LYS H 93 24.81 -33.01 2.64
N TYR H 94 24.47 -32.35 1.52
CA TYR H 94 25.34 -32.39 0.35
C TYR H 94 26.60 -31.57 0.56
N THR H 95 26.46 -30.38 1.12
CA THR H 95 27.63 -29.53 1.34
C THR H 95 28.48 -30.07 2.49
N SER H 96 27.83 -30.56 3.55
CA SER H 96 28.55 -30.95 4.75
C SER H 96 29.36 -32.23 4.53
N ALA H 97 28.68 -33.33 4.22
CA ALA H 97 29.34 -34.63 4.07
C ALA H 97 30.02 -34.66 2.70
N LYS H 98 31.36 -34.54 2.72
CA LYS H 98 32.23 -34.48 1.54
C LYS H 98 31.81 -33.36 0.59
N LEU K 1 33.48 38.31 7.96
CA LEU K 1 33.05 39.71 8.13
C LEU K 1 32.23 40.16 6.91
N LEU K 2 31.17 39.41 6.62
CA LEU K 2 30.33 39.66 5.45
C LEU K 2 29.23 40.68 5.70
N ASP K 3 29.31 41.43 6.80
CA ASP K 3 28.27 42.38 7.16
C ASP K 3 28.22 43.55 6.18
N GLN K 4 29.38 44.15 5.89
CA GLN K 4 29.43 45.21 4.90
C GLN K 4 29.06 44.72 3.51
N THR K 5 29.38 43.47 3.19
CA THR K 5 29.04 42.94 1.87
C THR K 5 27.54 42.78 1.73
N LYS K 6 26.87 42.22 2.74
CA LYS K 6 25.42 42.09 2.67
C LYS K 6 24.72 43.44 2.83
N ASP K 7 25.36 44.42 3.46
CA ASP K 7 24.78 45.76 3.48
C ASP K 7 24.93 46.46 2.14
N THR K 8 26.00 46.19 1.40
CA THR K 8 26.07 46.64 0.00
C THR K 8 25.04 45.92 -0.85
N ARG K 9 24.79 44.64 -0.56
CA ARG K 9 23.75 43.92 -1.30
C ARG K 9 22.36 44.47 -1.00
N ILE K 10 22.12 44.91 0.24
CA ILE K 10 20.83 45.50 0.53
C ILE K 10 20.77 46.95 0.00
N THR K 11 21.93 47.60 -0.14
CA THR K 11 21.99 48.89 -0.82
C THR K 11 21.63 48.75 -2.29
N HIS K 12 22.05 47.63 -2.90
CA HIS K 12 21.62 47.34 -4.27
C HIS K 12 20.13 47.00 -4.32
N LEU K 13 19.71 45.93 -3.65
CA LEU K 13 18.38 45.36 -3.82
C LEU K 13 17.39 45.82 -2.76
N LEU K 14 17.58 47.01 -2.20
CA LEU K 14 16.51 47.63 -1.43
C LEU K 14 15.37 48.08 -2.32
N ARG K 15 15.68 48.67 -3.47
CA ARG K 15 14.65 49.32 -4.26
C ARG K 15 13.89 48.37 -5.19
N GLN K 16 13.91 47.07 -4.91
CA GLN K 16 13.02 46.12 -5.57
C GLN K 16 11.56 46.52 -5.34
N THR K 17 11.11 46.50 -4.08
CA THR K 17 9.74 46.86 -3.77
C THR K 17 9.47 48.34 -3.99
N ASN K 18 10.50 49.18 -4.01
CA ASN K 18 10.32 50.59 -4.28
C ASN K 18 10.00 50.83 -5.76
N ALA K 19 10.82 50.28 -6.65
CA ALA K 19 10.65 50.55 -8.08
C ALA K 19 9.53 49.70 -8.68
N PHE K 20 9.44 48.43 -8.30
CA PHE K 20 8.43 47.56 -8.90
C PHE K 20 7.02 47.91 -8.41
N LEU K 21 6.80 47.88 -7.09
CA LEU K 21 5.49 48.11 -6.43
C LEU K 21 4.37 47.23 -6.98
N ASP K 74 26.48 50.06 5.91
CA ASP K 74 26.02 49.79 7.26
C ASP K 74 24.63 49.14 7.21
N TYR K 75 24.29 48.35 8.24
CA TYR K 75 22.96 47.76 8.30
C TYR K 75 21.90 48.78 8.69
N TYR K 76 22.30 49.90 9.31
CA TYR K 76 21.35 50.98 9.51
C TYR K 76 20.99 51.67 8.21
N ASN K 77 21.86 51.63 7.20
CA ASN K 77 21.66 52.43 5.99
C ASN K 77 20.46 51.96 5.17
N VAL K 78 19.91 50.79 5.47
CA VAL K 78 18.63 50.38 4.91
C VAL K 78 17.45 50.62 5.86
N ALA K 79 17.63 50.47 7.18
CA ALA K 79 16.54 50.59 8.12
C ALA K 79 16.49 51.95 8.81
N HIS K 80 17.51 52.78 8.64
CA HIS K 80 17.55 54.10 9.25
C HIS K 80 17.92 55.14 8.19
N ARG K 81 17.61 54.84 6.92
CA ARG K 81 17.87 55.80 5.84
C ARG K 81 16.89 56.96 5.86
N ILE K 82 15.76 56.80 6.52
CA ILE K 82 14.79 57.87 6.70
C ILE K 82 14.50 57.97 8.20
N LYS K 83 14.32 59.19 8.69
CA LYS K 83 14.16 59.45 10.12
C LYS K 83 12.83 60.16 10.31
N GLU K 84 11.75 59.40 10.42
CA GLU K 84 10.46 60.01 10.69
C GLU K 84 9.65 59.13 11.64
N ASP K 85 9.25 59.74 12.75
CA ASP K 85 8.69 59.03 13.90
C ASP K 85 7.51 59.83 14.44
N ILE K 86 6.45 59.13 14.82
CA ILE K 86 5.32 59.74 15.52
C ILE K 86 5.07 58.93 16.78
N LYS K 87 5.18 59.57 17.93
CA LYS K 87 5.11 58.87 19.20
C LYS K 87 3.70 58.82 19.76
N LYS K 88 2.91 59.87 19.56
CA LYS K 88 1.55 59.91 20.07
C LYS K 88 0.67 58.91 19.32
N GLN K 89 -0.15 58.17 20.08
CA GLN K 89 -0.96 57.12 19.50
C GLN K 89 -2.06 57.73 18.63
N PRO K 90 -2.55 56.99 17.62
CA PRO K 90 -3.57 57.56 16.72
C PRO K 90 -4.91 57.75 17.42
N SER K 91 -5.80 58.44 16.70
CA SER K 91 -6.98 59.03 17.32
C SER K 91 -8.03 57.97 17.65
N ILE K 92 -8.29 57.06 16.71
CA ILE K 92 -9.45 56.18 16.80
C ILE K 92 -9.07 54.86 17.44
N LEU K 93 -7.98 54.85 18.19
CA LEU K 93 -7.59 53.69 18.99
C LEU K 93 -8.32 53.76 20.32
N VAL K 94 -9.59 53.37 20.29
CA VAL K 94 -10.52 53.61 21.38
C VAL K 94 -10.51 52.40 22.31
N GLY K 95 -10.85 52.62 23.58
CA GLY K 95 -10.98 51.53 24.52
C GLY K 95 -9.74 51.28 25.35
N GLY K 96 -9.06 52.33 25.77
CA GLY K 96 -7.80 52.23 26.47
C GLY K 96 -6.69 52.89 25.67
N THR K 97 -5.47 52.71 26.17
CA THR K 97 -4.29 53.27 25.52
C THR K 97 -3.20 52.23 25.51
N LEU K 98 -2.05 52.60 24.97
CA LEU K 98 -0.92 51.71 24.87
C LEU K 98 -0.04 51.82 26.11
N LYS K 99 0.88 50.87 26.26
CA LYS K 99 2.00 51.06 27.17
C LYS K 99 3.08 51.86 26.44
N ASP K 100 4.26 51.92 27.05
CA ASP K 100 5.36 52.65 26.42
C ASP K 100 6.04 51.79 25.35
N TYR K 101 6.27 50.51 25.64
CA TYR K 101 6.93 49.63 24.68
C TYR K 101 6.05 49.36 23.48
N GLN K 102 4.73 49.38 23.65
CA GLN K 102 3.82 49.26 22.53
C GLN K 102 3.94 50.46 21.61
N ILE K 103 4.11 51.65 22.18
CA ILE K 103 4.34 52.86 21.40
C ILE K 103 5.68 52.78 20.66
N LYS K 104 6.70 52.23 21.33
CA LYS K 104 8.03 52.10 20.71
C LYS K 104 8.00 51.09 19.55
N GLY K 105 7.27 50.00 19.72
CA GLY K 105 7.12 49.06 18.63
C GLY K 105 6.29 49.61 17.49
N LEU K 106 5.27 50.40 17.80
CA LEU K 106 4.50 51.12 16.79
C LEU K 106 5.39 52.06 15.99
N GLN K 107 6.27 52.79 16.70
CA GLN K 107 7.24 53.67 16.07
C GLN K 107 8.16 52.90 15.13
N TRP K 108 8.64 51.73 15.58
CA TRP K 108 9.52 50.92 14.75
C TRP K 108 8.80 50.38 13.52
N MET K 109 7.52 50.05 13.65
CA MET K 109 6.82 49.49 12.49
C MET K 109 6.41 50.57 11.50
N VAL K 110 6.15 51.79 11.99
CA VAL K 110 6.02 52.94 11.09
C VAL K 110 7.33 53.17 10.34
N SER K 111 8.46 53.01 11.05
CA SER K 111 9.76 53.12 10.38
C SER K 111 9.96 52.00 9.37
N LEU K 112 9.44 50.81 9.66
CA LEU K 112 9.50 49.70 8.70
C LEU K 112 8.74 50.02 7.44
N PHE K 113 7.54 50.61 7.58
CA PHE K 113 6.79 50.99 6.39
C PHE K 113 7.47 52.11 5.64
N ASN K 114 8.11 53.04 6.35
CA ASN K 114 8.83 54.11 5.69
C ASN K 114 10.09 53.60 5.02
N ASN K 115 10.76 52.60 5.61
CA ASN K 115 11.91 51.96 4.99
C ASN K 115 11.51 50.97 3.91
N HIS K 116 10.20 50.74 3.74
CA HIS K 116 9.63 49.89 2.69
C HIS K 116 10.10 48.45 2.77
N LEU K 117 10.44 48.01 3.98
CA LEU K 117 10.96 46.68 4.22
C LEU K 117 9.88 45.78 4.80
N ASN K 118 10.19 44.50 4.85
CA ASN K 118 9.31 43.51 5.43
C ASN K 118 9.88 43.10 6.78
N GLY K 119 9.28 43.61 7.86
CA GLY K 119 9.81 43.44 9.20
C GLY K 119 9.18 42.28 9.94
N ILE K 120 9.69 42.05 11.15
CA ILE K 120 9.29 40.94 11.99
C ILE K 120 9.14 41.46 13.41
N LEU K 121 7.96 41.28 13.99
CA LEU K 121 7.77 41.47 15.42
C LEU K 121 7.90 40.10 16.07
N ALA K 122 8.74 40.00 17.09
CA ALA K 122 9.02 38.71 17.71
C ALA K 122 9.07 38.83 19.23
N ASP K 123 8.20 39.68 19.79
CA ASP K 123 8.25 39.91 21.23
C ASP K 123 7.58 38.77 21.98
N GLU K 124 7.55 38.88 23.30
CA GLU K 124 7.28 37.74 24.17
C GLU K 124 5.78 37.62 24.43
N MET K 125 5.38 36.49 25.01
CA MET K 125 3.98 36.21 25.32
C MET K 125 3.48 37.15 26.40
N GLY K 126 2.28 37.70 26.19
CA GLY K 126 1.68 38.61 27.14
C GLY K 126 2.20 40.02 27.02
N LEU K 127 2.36 40.54 25.80
CA LEU K 127 2.87 41.89 25.58
C LEU K 127 2.09 42.64 24.51
N GLY K 128 0.88 42.19 24.17
CA GLY K 128 0.03 42.92 23.27
C GLY K 128 0.48 42.97 21.83
N LYS K 129 0.50 41.82 21.15
CA LYS K 129 0.90 41.79 19.75
C LYS K 129 -0.24 42.26 18.85
N THR K 130 -1.45 41.79 19.16
CA THR K 130 -2.63 42.10 18.35
C THR K 130 -2.94 43.59 18.36
N ILE K 131 -2.77 44.23 19.51
CA ILE K 131 -3.06 45.64 19.62
C ILE K 131 -2.02 46.47 18.90
N GLN K 132 -0.76 46.01 18.87
CA GLN K 132 0.24 46.68 18.05
C GLN K 132 -0.06 46.52 16.57
N THR K 133 -0.58 45.36 16.17
CA THR K 133 -0.92 45.15 14.77
C THR K 133 -2.07 46.04 14.33
N ILE K 134 -3.13 46.10 15.14
CA ILE K 134 -4.26 46.97 14.79
C ILE K 134 -3.88 48.44 14.92
N SER K 135 -2.90 48.77 15.78
CA SER K 135 -2.39 50.14 15.81
C SER K 135 -1.64 50.48 14.53
N LEU K 136 -0.88 49.52 14.00
CA LEU K 136 -0.24 49.69 12.70
C LEU K 136 -1.28 49.91 11.62
N LEU K 137 -2.36 49.12 11.66
CA LEU K 137 -3.36 49.22 10.61
C LEU K 137 -4.13 50.52 10.69
N THR K 138 -4.43 51.00 11.89
CA THR K 138 -5.12 52.28 11.98
C THR K 138 -4.19 53.46 11.75
N TYR K 139 -2.88 53.31 11.95
CA TYR K 139 -1.96 54.34 11.48
C TYR K 139 -1.94 54.38 9.96
N LEU K 140 -1.91 53.21 9.33
CA LEU K 140 -1.81 53.14 7.88
C LEU K 140 -3.12 53.58 7.24
N TYR K 141 -4.21 53.46 7.98
CA TYR K 141 -5.48 54.08 7.60
C TYR K 141 -5.41 55.59 7.71
N GLU K 142 -5.07 56.09 8.91
CA GLU K 142 -5.29 57.50 9.23
C GLU K 142 -4.24 58.40 8.60
N MET K 143 -2.96 58.20 8.94
CA MET K 143 -1.93 59.11 8.49
C MET K 143 -1.46 58.79 7.07
N LYS K 144 -1.26 57.51 6.77
CA LYS K 144 -0.70 57.14 5.48
C LYS K 144 -1.74 57.16 4.36
N ASN K 145 -3.03 57.08 4.71
CA ASN K 145 -4.16 57.35 3.82
C ASN K 145 -4.31 56.37 2.67
N ILE K 146 -3.62 55.24 2.68
CA ILE K 146 -3.85 54.27 1.61
C ILE K 146 -5.07 53.42 1.94
N ARG K 147 -5.35 53.24 3.24
CA ARG K 147 -6.61 52.74 3.83
C ARG K 147 -7.11 51.42 3.23
N GLY K 148 -6.20 50.57 2.78
CA GLY K 148 -6.58 49.23 2.40
C GLY K 148 -5.86 48.71 1.17
N PRO K 149 -6.02 47.41 0.87
CA PRO K 149 -6.71 46.41 1.70
C PRO K 149 -5.75 45.59 2.57
N TYR K 150 -6.20 45.15 3.75
CA TYR K 150 -5.32 44.62 4.79
C TYR K 150 -5.69 43.17 5.07
N LEU K 151 -4.99 42.24 4.44
CA LEU K 151 -5.17 40.83 4.77
C LEU K 151 -4.52 40.53 6.11
N VAL K 152 -5.22 39.79 6.96
CA VAL K 152 -4.61 39.18 8.13
C VAL K 152 -4.96 37.69 8.13
N ILE K 153 -4.04 36.89 8.66
CA ILE K 153 -4.21 35.46 8.77
C ILE K 153 -3.92 35.06 10.20
N VAL K 154 -4.89 34.49 10.88
CA VAL K 154 -4.68 34.09 12.27
C VAL K 154 -5.09 32.63 12.40
N PRO K 155 -4.73 31.92 13.47
CA PRO K 155 -5.32 30.60 13.68
C PRO K 155 -6.78 30.69 14.07
N LEU K 156 -7.48 29.57 13.90
CA LEU K 156 -8.91 29.53 14.19
C LEU K 156 -9.19 29.61 15.67
N SER K 157 -8.25 29.21 16.52
CA SER K 157 -8.43 29.32 17.96
C SER K 157 -8.27 30.74 18.47
N THR K 158 -7.90 31.69 17.60
CA THR K 158 -7.68 33.07 17.99
C THR K 158 -8.55 34.07 17.24
N LEU K 159 -9.22 33.66 16.17
CA LEU K 159 -9.90 34.61 15.28
C LEU K 159 -11.09 35.28 15.96
N SER K 160 -11.71 34.59 16.92
CA SER K 160 -12.74 35.21 17.73
C SER K 160 -12.19 36.38 18.52
N ASN K 161 -11.01 36.20 19.12
CA ASN K 161 -10.39 37.25 19.91
C ASN K 161 -9.93 38.39 19.00
N TRP K 162 -9.44 38.08 17.81
CA TRP K 162 -9.02 39.11 16.87
C TRP K 162 -10.19 39.97 16.38
N SER K 163 -11.30 39.32 16.02
CA SER K 163 -12.46 40.09 15.57
C SER K 163 -13.12 40.83 16.73
N SER K 164 -12.95 40.33 17.96
CA SER K 164 -13.42 41.06 19.12
C SER K 164 -12.58 42.31 19.36
N GLU K 165 -11.25 42.18 19.27
CA GLU K 165 -10.39 43.34 19.50
C GLU K 165 -10.41 44.32 18.35
N PHE K 166 -10.96 43.94 17.20
CA PHE K 166 -11.29 44.94 16.20
C PHE K 166 -12.41 45.87 16.68
N ALA K 167 -13.30 45.38 17.54
CA ALA K 167 -14.42 46.20 17.96
C ALA K 167 -14.00 47.24 18.99
N LYS K 168 -13.10 46.87 19.90
CA LYS K 168 -12.60 47.83 20.88
C LYS K 168 -11.75 48.90 20.21
N TRP K 169 -10.64 48.48 19.62
CA TRP K 169 -9.56 49.39 19.28
C TRP K 169 -9.71 50.04 17.92
N ALA K 170 -10.61 49.55 17.08
CA ALA K 170 -10.81 50.20 15.78
C ALA K 170 -12.22 49.97 15.26
N PRO K 171 -13.23 50.68 15.77
CA PRO K 171 -14.61 50.43 15.32
C PRO K 171 -14.89 50.90 13.91
N THR K 172 -14.15 51.87 13.39
CA THR K 172 -14.46 52.44 12.09
C THR K 172 -14.02 51.55 10.94
N LEU K 173 -13.19 50.54 11.19
CA LEU K 173 -12.66 49.73 10.12
C LEU K 173 -13.65 48.65 9.71
N ARG K 174 -13.63 48.32 8.42
CA ARG K 174 -14.52 47.31 7.86
C ARG K 174 -13.83 45.95 7.85
N THR K 175 -14.43 44.99 8.55
CA THR K 175 -13.82 43.69 8.84
C THR K 175 -14.71 42.57 8.34
N ILE K 176 -14.06 41.53 7.81
CA ILE K 176 -14.75 40.35 7.28
C ILE K 176 -14.12 39.11 7.88
N SER K 177 -14.94 38.25 8.47
CA SER K 177 -14.50 36.97 9.00
C SER K 177 -14.72 35.87 7.97
N PHE K 178 -14.08 34.73 8.19
CA PHE K 178 -14.30 33.53 7.40
C PHE K 178 -14.41 32.31 8.30
N LYS K 179 -15.36 31.44 7.99
CA LYS K 179 -15.67 30.27 8.78
C LYS K 179 -16.16 29.17 7.86
N GLY K 180 -16.82 28.17 8.41
CA GLY K 180 -17.31 27.07 7.60
C GLY K 180 -18.51 27.47 6.77
N SER K 181 -19.17 26.45 6.16
CA SER K 181 -20.44 26.58 5.43
C SER K 181 -20.36 27.53 4.25
N PRO K 182 -19.90 27.03 3.08
CA PRO K 182 -19.89 27.85 1.85
C PRO K 182 -21.25 28.44 1.47
N ASN K 183 -22.35 27.85 1.94
CA ASN K 183 -23.67 28.47 1.90
C ASN K 183 -23.65 29.84 2.57
N GLU K 184 -22.95 29.98 3.70
CA GLU K 184 -22.75 31.30 4.26
C GLU K 184 -21.72 32.10 3.46
N ARG K 185 -20.65 31.45 3.04
CA ARG K 185 -19.53 32.18 2.47
C ARG K 185 -19.75 32.68 1.05
N LYS K 186 -20.80 32.23 0.36
CA LYS K 186 -21.01 32.66 -1.03
C LYS K 186 -21.39 34.13 -1.11
N ALA K 187 -22.16 34.61 -0.14
CA ALA K 187 -22.51 36.01 -0.07
C ALA K 187 -21.30 36.87 0.24
N LYS K 188 -20.43 36.41 1.14
CA LYS K 188 -19.23 37.17 1.45
C LYS K 188 -18.25 37.14 0.29
N GLN K 189 -18.25 36.06 -0.49
CA GLN K 189 -17.46 36.00 -1.71
C GLN K 189 -17.90 37.05 -2.71
N ALA K 190 -19.21 37.13 -2.97
CA ALA K 190 -19.72 38.16 -3.86
C ALA K 190 -19.53 39.56 -3.30
N LYS K 191 -19.49 39.70 -1.97
CA LYS K 191 -19.23 40.99 -1.36
C LYS K 191 -17.76 41.40 -1.53
N ILE K 192 -16.85 40.44 -1.41
CA ILE K 192 -15.43 40.75 -1.43
C ILE K 192 -14.89 40.84 -2.85
N ARG K 193 -15.60 40.31 -3.85
CA ARG K 193 -15.22 40.65 -5.22
C ARG K 193 -15.65 42.06 -5.61
N ALA K 194 -16.57 42.68 -4.86
CA ALA K 194 -17.04 44.01 -5.18
C ALA K 194 -16.05 45.11 -4.82
N GLY K 195 -15.24 44.90 -3.79
CA GLY K 195 -14.23 45.88 -3.42
C GLY K 195 -14.45 46.55 -2.08
N GLU K 196 -15.55 46.27 -1.39
CA GLU K 196 -15.87 46.94 -0.13
C GLU K 196 -15.32 46.08 1.01
N PHE K 197 -14.02 46.25 1.28
CA PHE K 197 -13.32 45.51 2.34
C PHE K 197 -11.98 46.19 2.56
N ASP K 198 -11.59 46.30 3.83
CA ASP K 198 -10.21 46.64 4.16
C ASP K 198 -9.54 45.52 4.95
N VAL K 199 -10.09 45.14 6.10
CA VAL K 199 -9.49 44.12 6.94
C VAL K 199 -10.20 42.81 6.65
N VAL K 200 -9.45 41.80 6.22
CA VAL K 200 -9.99 40.49 5.87
C VAL K 200 -9.31 39.48 6.77
N LEU K 201 -9.96 39.13 7.87
CA LEU K 201 -9.57 37.96 8.64
C LEU K 201 -9.81 36.71 7.82
N THR K 202 -8.94 35.72 8.04
CA THR K 202 -9.08 34.39 7.47
C THR K 202 -8.28 33.46 8.34
N THR K 203 -8.22 32.19 7.96
CA THR K 203 -7.30 31.30 8.66
C THR K 203 -6.40 30.60 7.65
N PHE K 204 -5.66 29.60 8.13
CA PHE K 204 -4.65 28.94 7.31
C PHE K 204 -5.28 28.16 6.17
N GLU K 205 -6.31 27.38 6.47
CA GLU K 205 -6.86 26.45 5.48
C GLU K 205 -7.65 27.17 4.40
N TYR K 206 -8.27 28.29 4.74
CA TYR K 206 -9.02 29.02 3.73
C TYR K 206 -8.14 29.81 2.78
N ILE K 207 -6.83 29.91 3.03
CA ILE K 207 -5.91 30.45 2.04
C ILE K 207 -5.91 29.57 0.79
N ILE K 208 -5.58 28.29 0.95
CA ILE K 208 -5.62 27.41 -0.19
C ILE K 208 -7.07 27.11 -0.61
N LYS K 209 -8.02 27.08 0.32
CA LYS K 209 -9.40 26.82 -0.09
C LYS K 209 -10.09 28.03 -0.69
N GLU K 210 -9.48 29.21 -0.69
CA GLU K 210 -9.98 30.38 -1.38
C GLU K 210 -8.87 31.03 -2.19
N ARG K 211 -7.96 30.21 -2.69
CA ARG K 211 -7.02 30.52 -3.77
C ARG K 211 -7.57 31.44 -4.85
N ALA K 212 -8.79 31.17 -5.34
CA ALA K 212 -9.36 32.01 -6.39
C ALA K 212 -9.74 33.39 -5.87
N LEU K 213 -10.32 33.44 -4.67
CA LEU K 213 -10.62 34.70 -3.98
C LEU K 213 -9.38 35.56 -3.83
N LEU K 214 -8.31 34.97 -3.27
CA LEU K 214 -7.11 35.77 -3.07
C LEU K 214 -6.34 36.03 -4.36
N SER K 215 -6.59 35.25 -5.41
CA SER K 215 -5.96 35.55 -6.69
C SER K 215 -6.62 36.75 -7.36
N LYS K 216 -7.94 36.84 -7.29
CA LYS K 216 -8.64 37.93 -7.96
C LYS K 216 -8.59 39.26 -7.20
N VAL K 217 -7.76 39.39 -6.17
CA VAL K 217 -7.58 40.64 -5.45
C VAL K 217 -6.11 41.01 -5.46
N LYS K 218 -5.84 42.30 -5.67
CA LYS K 218 -4.52 42.87 -5.50
C LYS K 218 -4.49 43.56 -4.13
N TRP K 219 -3.71 43.03 -3.21
CA TRP K 219 -3.62 43.57 -1.86
C TRP K 219 -2.72 44.80 -1.84
N VAL K 220 -2.48 45.31 -0.64
CA VAL K 220 -1.39 46.23 -0.36
C VAL K 220 -0.49 45.71 0.75
N HIS K 221 -1.07 45.30 1.86
CA HIS K 221 -0.26 44.96 3.02
C HIS K 221 -0.93 43.83 3.78
N MET K 222 -0.23 42.69 3.89
CA MET K 222 -0.68 41.58 4.70
C MET K 222 0.15 41.49 5.97
N ILE K 223 -0.48 41.01 7.04
CA ILE K 223 0.19 40.77 8.31
C ILE K 223 -0.35 39.45 8.83
N ILE K 224 0.47 38.41 8.85
CA ILE K 224 0.03 37.10 9.21
C ILE K 224 0.52 36.81 10.63
N ASP K 225 0.12 35.68 11.18
CA ASP K 225 0.36 35.40 12.59
C ASP K 225 0.87 33.96 12.72
N GLU K 226 1.35 33.63 13.92
CA GLU K 226 1.64 32.26 14.36
C GLU K 226 2.72 31.61 13.49
N GLY K 227 3.93 32.14 13.62
CA GLY K 227 5.05 31.81 12.76
C GLY K 227 5.57 30.39 12.86
N HIS K 228 5.27 29.68 13.94
CA HIS K 228 5.82 28.34 14.07
C HIS K 228 5.04 27.29 13.30
N ARG K 229 4.04 27.68 12.51
CA ARG K 229 3.56 26.84 11.42
C ARG K 229 4.13 27.29 10.08
N MET K 230 4.49 28.57 9.96
CA MET K 230 5.19 29.10 8.81
C MET K 230 6.66 28.69 8.77
N LYS K 231 7.15 28.03 9.83
CA LYS K 231 8.56 27.67 9.97
C LYS K 231 9.04 26.55 9.03
N ASN K 232 8.26 26.11 8.07
CA ASN K 232 8.68 25.09 7.12
C ASN K 232 8.65 25.68 5.73
N ALA K 233 9.73 25.51 4.98
CA ALA K 233 9.86 26.20 3.70
C ALA K 233 9.08 25.50 2.60
N GLN K 234 9.06 24.17 2.62
CA GLN K 234 8.36 23.39 1.60
C GLN K 234 6.92 23.07 2.00
N SER K 235 6.40 23.78 2.98
CA SER K 235 5.00 23.64 3.40
C SER K 235 4.06 24.06 2.27
N LYS K 236 2.85 23.48 2.28
CA LYS K 236 1.87 23.80 1.24
C LYS K 236 1.40 25.24 1.33
N LEU K 237 1.21 25.74 2.56
CA LEU K 237 0.82 27.13 2.71
C LEU K 237 1.97 28.07 2.34
N SER K 238 3.20 27.65 2.61
CA SER K 238 4.33 28.49 2.21
C SER K 238 4.53 28.49 0.69
N LEU K 239 4.24 27.36 0.02
CA LEU K 239 4.32 27.34 -1.44
C LEU K 239 3.20 28.15 -2.07
N THR K 240 1.98 28.11 -1.50
CA THR K 240 0.93 28.96 -2.03
C THR K 240 1.21 30.43 -1.75
N LEU K 241 1.90 30.73 -0.64
CA LEU K 241 2.27 32.11 -0.43
C LEU K 241 3.45 32.54 -1.30
N ASN K 242 4.29 31.61 -1.76
CA ASN K 242 5.26 31.98 -2.78
C ASN K 242 4.57 32.23 -4.12
N THR K 243 3.60 31.40 -4.49
CA THR K 243 2.84 31.60 -5.72
C THR K 243 1.51 32.32 -5.45
N HIS K 244 1.54 33.27 -4.51
CA HIS K 244 0.36 34.02 -4.10
C HIS K 244 0.17 35.29 -4.89
N TYR K 245 1.23 35.79 -5.52
CA TYR K 245 1.40 37.20 -5.88
C TYR K 245 1.29 38.07 -4.62
N HIS K 246 2.33 37.93 -3.79
CA HIS K 246 2.65 38.90 -2.75
C HIS K 246 2.51 40.34 -3.26
N ALA K 247 1.76 41.16 -2.53
CA ALA K 247 1.55 42.51 -3.03
C ALA K 247 2.74 43.43 -2.71
N ASP K 248 2.87 43.85 -1.45
CA ASP K 248 4.02 44.66 -1.07
C ASP K 248 4.78 44.14 0.15
N TYR K 249 4.08 43.97 1.27
CA TYR K 249 4.71 43.77 2.57
C TYR K 249 4.06 42.60 3.28
N ARG K 250 4.80 41.97 4.19
CA ARG K 250 4.28 40.90 5.03
C ARG K 250 5.03 40.91 6.36
N LEU K 251 4.34 40.53 7.43
CA LEU K 251 4.92 40.46 8.76
C LEU K 251 4.55 39.14 9.39
N ILE K 252 5.55 38.34 9.76
CA ILE K 252 5.31 37.27 10.70
C ILE K 252 5.08 37.91 12.08
N LEU K 253 4.44 37.15 12.96
CA LEU K 253 4.22 37.62 14.32
C LEU K 253 4.31 36.42 15.24
N THR K 254 5.46 36.21 15.85
CA THR K 254 5.64 35.03 16.68
C THR K 254 6.08 35.42 18.07
N GLY K 255 5.52 34.74 19.06
CA GLY K 255 6.08 34.82 20.39
C GLY K 255 7.34 34.01 20.56
N THR K 256 7.59 33.09 19.63
CA THR K 256 8.72 32.18 19.71
C THR K 256 9.61 32.34 18.49
N PRO K 257 10.90 32.59 18.69
CA PRO K 257 11.88 32.46 17.59
C PRO K 257 12.17 31.00 17.24
N LEU K 258 13.31 30.77 16.58
CA LEU K 258 13.85 29.44 16.28
C LEU K 258 13.71 28.45 17.44
N GLN K 259 13.11 27.31 17.12
CA GLN K 259 12.88 26.25 18.08
C GLN K 259 13.03 24.92 17.37
N ASN K 260 14.03 24.14 17.82
CA ASN K 260 14.34 22.81 17.30
C ASN K 260 14.57 22.83 15.80
N ASN K 261 15.52 23.68 15.38
CA ASN K 261 15.79 23.86 13.97
C ASN K 261 17.17 24.49 13.87
N LEU K 262 17.58 24.73 12.65
CA LEU K 262 18.68 25.57 12.25
C LEU K 262 18.25 27.03 12.51
N PRO K 263 19.11 28.06 12.34
CA PRO K 263 18.64 29.43 12.55
C PRO K 263 17.58 29.91 11.56
N GLU K 264 17.23 31.19 11.62
CA GLU K 264 15.87 31.69 11.41
C GLU K 264 15.45 31.71 9.92
N LEU K 265 16.00 30.77 9.15
CA LEU K 265 15.93 30.64 7.70
C LEU K 265 14.53 30.78 7.13
N TRP K 266 13.64 29.85 7.48
CA TRP K 266 12.31 29.60 6.92
C TRP K 266 11.53 30.82 6.50
N ALA K 267 11.55 31.83 7.35
CA ALA K 267 10.93 33.12 7.13
C ALA K 267 11.97 34.21 7.01
N LEU K 268 12.81 34.35 8.03
CA LEU K 268 13.58 35.56 8.19
C LEU K 268 14.86 35.56 7.37
N LEU K 269 15.06 34.55 6.52
CA LEU K 269 16.20 34.49 5.62
C LEU K 269 15.81 34.00 4.24
N ASN K 270 14.58 33.50 4.06
CA ASN K 270 14.07 33.30 2.70
C ASN K 270 12.77 34.07 2.47
N PHE K 271 11.74 33.84 3.29
CA PHE K 271 10.37 34.16 2.92
C PHE K 271 10.06 35.65 3.05
N VAL K 272 10.42 36.23 4.19
CA VAL K 272 9.96 37.58 4.51
C VAL K 272 10.67 38.60 3.63
N LEU K 273 11.99 38.49 3.51
CA LEU K 273 12.75 39.37 2.64
C LEU K 273 13.30 38.58 1.46
N PRO K 274 12.84 38.87 0.24
CA PRO K 274 13.23 38.05 -0.92
C PRO K 274 14.64 38.27 -1.44
N LYS K 275 15.38 39.27 -0.93
CA LYS K 275 16.79 39.38 -1.26
C LYS K 275 17.61 38.29 -0.56
N ILE K 276 17.14 37.87 0.62
CA ILE K 276 17.96 37.02 1.48
C ILE K 276 17.97 35.58 0.97
N PHE K 277 17.09 35.22 0.02
CA PHE K 277 17.23 33.99 -0.77
C PHE K 277 18.59 33.97 -1.42
N ASN K 278 18.74 34.87 -2.39
CA ASN K 278 19.91 34.94 -3.24
C ASN K 278 21.16 35.40 -2.50
N SER K 279 21.02 35.90 -1.28
CA SER K 279 22.25 36.13 -0.54
C SER K 279 22.67 34.98 0.39
N VAL K 280 21.77 34.46 1.23
CA VAL K 280 22.23 33.59 2.33
C VAL K 280 21.70 32.15 2.19
N LYS K 281 21.20 31.75 1.00
CA LYS K 281 20.90 30.32 0.78
C LYS K 281 22.15 29.44 0.86
N SER K 282 23.34 29.99 0.61
CA SER K 282 24.57 29.23 0.75
C SER K 282 25.22 29.39 2.11
N PHE K 283 25.11 30.57 2.72
CA PHE K 283 25.76 30.87 3.99
C PHE K 283 24.89 30.50 5.19
N ASP K 284 23.72 29.90 4.97
CA ASP K 284 22.99 29.24 6.04
C ASP K 284 23.85 28.25 6.81
N GLU K 285 24.57 27.37 6.11
CA GLU K 285 25.43 26.40 6.76
C GLU K 285 26.65 27.08 7.38
N TRP K 286 27.18 28.10 6.71
CA TRP K 286 28.39 28.78 7.18
C TRP K 286 28.15 29.57 8.46
N PHE K 287 26.93 30.07 8.66
CA PHE K 287 26.61 30.76 9.90
C PHE K 287 25.85 29.88 10.89
N ASN K 288 25.46 28.68 10.50
CA ASN K 288 24.96 27.69 11.47
C ASN K 288 26.05 26.75 11.96
N THR K 289 27.25 26.83 11.39
CA THR K 289 28.34 25.93 11.77
C THR K 289 28.96 26.27 13.11
N PRO K 290 28.54 27.33 13.79
CA PRO K 290 29.06 27.62 15.12
C PRO K 290 28.50 26.63 16.14
N PHE K 291 27.17 26.59 16.27
CA PHE K 291 26.41 25.71 17.18
C PHE K 291 26.83 25.83 18.64
N ASP K 298 35.13 20.62 20.07
CA ASP K 298 34.50 21.71 19.35
C ASP K 298 33.75 22.63 20.33
N LYS K 299 34.38 22.92 21.47
CA LYS K 299 33.73 23.64 22.56
C LYS K 299 34.39 24.96 22.91
N ILE K 300 35.72 25.03 22.91
CA ILE K 300 36.42 26.23 23.34
C ILE K 300 36.85 27.05 22.12
N GLU K 301 37.63 26.44 21.23
CA GLU K 301 38.22 27.18 20.12
C GLU K 301 37.16 27.55 19.08
N LEU K 302 36.30 26.60 18.71
CA LEU K 302 35.28 26.91 17.72
C LEU K 302 34.16 27.75 18.33
N SER K 303 33.42 27.18 19.28
CA SER K 303 32.15 27.78 19.70
C SER K 303 32.32 29.03 20.55
N GLU K 304 33.47 29.19 21.21
CA GLU K 304 33.68 30.30 22.13
C GLU K 304 34.75 31.27 21.67
N GLU K 305 35.85 30.79 21.09
CA GLU K 305 36.94 31.70 20.74
C GLU K 305 36.69 32.40 19.40
N GLU K 306 36.60 31.64 18.31
CA GLU K 306 36.56 32.32 17.02
C GLU K 306 35.15 32.58 16.53
N THR K 307 34.19 31.67 16.75
CA THR K 307 32.86 31.86 16.21
C THR K 307 31.97 32.67 17.15
N LEU K 308 32.54 33.23 18.23
CA LEU K 308 31.84 34.29 18.95
C LEU K 308 31.62 35.48 18.03
N LEU K 309 32.58 35.76 17.14
CA LEU K 309 32.38 36.78 16.12
C LEU K 309 31.31 36.39 15.12
N VAL K 310 31.15 35.09 14.84
CA VAL K 310 30.06 34.63 13.97
C VAL K 310 28.71 34.86 14.64
N ILE K 311 28.65 34.59 15.94
CA ILE K 311 27.44 34.87 16.74
C ILE K 311 27.13 36.35 16.72
N ARG K 312 28.16 37.19 16.90
CA ARG K 312 27.98 38.64 16.86
C ARG K 312 27.56 39.13 15.47
N ARG K 313 28.02 38.47 14.40
CA ARG K 313 27.54 38.85 13.07
C ARG K 313 26.09 38.46 12.86
N LEU K 314 25.68 37.32 13.43
CA LEU K 314 24.26 36.96 13.40
C LEU K 314 23.43 37.95 14.17
N HIS K 315 23.92 38.42 15.32
CA HIS K 315 23.24 39.47 16.06
C HIS K 315 23.17 40.77 15.28
N LYS K 316 24.24 41.10 14.55
CA LYS K 316 24.27 42.35 13.80
C LYS K 316 23.33 42.30 12.61
N VAL K 317 23.21 41.14 11.97
CA VAL K 317 22.29 41.05 10.84
C VAL K 317 20.85 40.83 11.33
N LEU K 318 20.66 40.46 12.60
CA LEU K 318 19.32 40.32 13.16
C LEU K 318 19.00 41.40 14.19
N ARG K 319 19.70 42.54 14.14
CA ARG K 319 19.22 43.76 14.79
C ARG K 319 18.13 44.51 14.01
N PRO K 320 18.30 44.89 12.72
CA PRO K 320 17.32 45.83 12.15
C PRO K 320 16.01 45.20 11.75
N PHE K 321 15.96 43.91 11.45
CA PHE K 321 14.76 43.31 10.89
C PHE K 321 13.75 42.93 11.96
N LEU K 322 14.16 42.87 13.22
CA LEU K 322 13.38 42.22 14.25
C LEU K 322 13.04 43.21 15.36
N LEU K 323 12.31 42.71 16.36
CA LEU K 323 11.98 43.45 17.56
C LEU K 323 11.57 42.44 18.61
N ARG K 324 12.13 42.55 19.81
CA ARG K 324 11.76 41.62 20.86
C ARG K 324 11.89 42.28 22.22
N ARG K 325 10.81 42.24 22.98
CA ARG K 325 10.74 42.85 24.29
C ARG K 325 10.47 41.76 25.31
N LEU K 326 10.82 42.02 26.56
CA LEU K 326 10.71 40.98 27.58
C LEU K 326 9.70 41.34 28.65
N LYS K 327 9.06 40.29 29.18
CA LYS K 327 7.94 40.44 30.10
C LYS K 327 8.40 40.94 31.47
N LYS K 328 9.59 40.53 31.91
CA LYS K 328 10.12 41.01 33.18
C LYS K 328 10.60 42.45 33.10
N ASP K 329 10.80 42.98 31.90
CA ASP K 329 11.38 44.30 31.74
C ASP K 329 10.36 45.42 31.74
N VAL K 330 9.08 45.13 31.48
CA VAL K 330 8.07 46.17 31.46
C VAL K 330 6.90 45.87 32.40
N GLU K 331 6.16 44.79 32.16
CA GLU K 331 4.99 44.54 32.98
C GLU K 331 5.34 43.88 34.30
N LYS K 332 6.21 42.85 34.25
CA LYS K 332 6.68 41.99 35.34
C LYS K 332 5.60 41.57 36.33
N GLU K 333 4.38 41.31 35.82
CA GLU K 333 3.28 40.90 36.66
C GLU K 333 3.40 39.43 37.07
N LEU K 334 4.10 38.63 36.29
CA LEU K 334 4.49 37.28 36.68
C LEU K 334 5.49 37.35 37.83
N PRO K 335 5.23 36.69 38.95
CA PRO K 335 6.22 36.66 40.04
C PRO K 335 7.52 35.95 39.70
N ASP K 336 7.48 34.67 39.37
CA ASP K 336 8.71 33.89 39.28
C ASP K 336 8.48 32.61 38.50
N LYS K 337 9.54 31.82 38.38
CA LYS K 337 9.48 30.44 37.90
C LYS K 337 10.63 29.68 38.54
N VAL K 338 10.36 28.45 38.96
CA VAL K 338 11.32 27.61 39.66
C VAL K 338 11.43 26.31 38.87
N GLU K 339 12.40 26.24 37.96
CA GLU K 339 12.56 25.10 37.08
C GLU K 339 13.37 24.03 37.81
N LYS K 340 12.68 23.16 38.52
CA LYS K 340 13.33 22.04 39.21
C LYS K 340 13.19 20.77 38.39
N VAL K 341 14.14 19.87 38.55
CA VAL K 341 14.10 18.56 37.94
C VAL K 341 14.35 17.51 39.01
N VAL K 342 13.85 16.32 38.75
CA VAL K 342 14.14 15.14 39.57
C VAL K 342 14.54 14.04 38.59
N LYS K 343 14.73 12.83 39.11
CA LYS K 343 14.99 11.69 38.25
C LYS K 343 14.49 10.42 38.92
N CYS K 344 13.71 9.64 38.18
CA CYS K 344 13.18 8.36 38.65
C CYS K 344 14.21 7.28 38.35
N LYS K 345 13.80 6.01 38.47
CA LYS K 345 14.66 4.91 38.08
C LYS K 345 13.81 3.85 37.40
N MET K 346 14.49 2.82 36.89
CA MET K 346 13.82 1.74 36.19
C MET K 346 13.01 0.88 37.16
N SER K 347 12.21 -0.01 36.58
CA SER K 347 11.43 -0.97 37.35
C SER K 347 11.50 -2.29 36.60
N ALA K 348 10.60 -3.22 36.95
CA ALA K 348 10.66 -4.64 36.62
C ALA K 348 10.96 -4.99 35.17
N LEU K 349 10.04 -4.63 34.28
CA LEU K 349 10.29 -4.86 32.86
C LEU K 349 11.25 -3.83 32.31
N GLN K 350 11.36 -2.67 32.95
CA GLN K 350 12.25 -1.60 32.54
C GLN K 350 13.70 -1.87 32.90
N GLN K 351 13.99 -2.92 33.67
CA GLN K 351 15.33 -3.21 34.16
C GLN K 351 16.24 -3.78 33.09
N ILE K 352 17.33 -4.39 33.55
CA ILE K 352 18.31 -5.11 32.72
C ILE K 352 17.66 -6.19 31.84
N MET K 353 16.48 -6.69 32.26
CA MET K 353 15.65 -7.57 31.42
C MET K 353 15.25 -6.90 30.09
N TYR K 354 15.11 -5.58 30.07
CA TYR K 354 14.61 -4.92 28.86
C TYR K 354 15.60 -5.00 27.70
N GLN K 355 16.90 -5.04 27.97
CA GLN K 355 17.86 -5.10 26.88
C GLN K 355 17.82 -6.45 26.17
N GLN K 356 17.35 -7.50 26.85
CA GLN K 356 17.09 -8.78 26.20
C GLN K 356 15.94 -8.66 25.18
N MET K 357 14.97 -7.78 25.44
CA MET K 357 13.91 -7.54 24.47
C MET K 357 14.45 -6.90 23.20
N LEU K 358 15.33 -5.90 23.34
CA LEU K 358 16.02 -5.40 22.15
C LEU K 358 16.97 -6.44 21.56
N LYS K 359 17.56 -7.31 22.39
CA LYS K 359 18.51 -8.29 21.88
C LYS K 359 17.81 -9.39 21.08
N TYR K 360 16.52 -9.60 21.26
CA TYR K 360 15.83 -10.57 20.43
C TYR K 360 14.75 -9.97 19.51
N ARG K 361 14.47 -8.67 19.60
CA ARG K 361 13.69 -8.04 18.54
C ARG K 361 14.61 -7.43 17.48
N ARG K 362 15.56 -6.60 17.92
CA ARG K 362 16.45 -5.89 17.00
C ARG K 362 17.90 -6.32 17.15
N LEU K 363 18.47 -6.25 18.35
CA LEU K 363 19.88 -6.55 18.53
C LEU K 363 20.13 -8.06 18.53
N GLY K 378 9.38 -7.67 16.41
CA GLY K 378 10.12 -6.44 16.21
C GLY K 378 9.27 -5.31 15.68
N PHE K 379 9.35 -4.16 16.33
CA PHE K 379 8.53 -3.01 15.99
C PHE K 379 9.38 -1.93 15.35
N ASN K 380 8.85 -1.30 14.30
CA ASN K 380 9.62 -0.38 13.49
C ASN K 380 9.88 0.92 14.26
N ASN K 381 10.97 1.60 13.86
CA ASN K 381 11.61 2.81 14.41
C ASN K 381 11.55 2.89 15.95
N GLN K 382 12.30 1.97 16.59
CA GLN K 382 12.22 1.68 18.02
C GLN K 382 12.35 2.88 18.96
N ILE K 383 12.86 4.02 18.49
CA ILE K 383 12.96 5.21 19.32
C ILE K 383 11.58 5.71 19.71
N MET K 384 10.60 5.53 18.84
CA MET K 384 9.21 5.74 19.24
C MET K 384 8.75 4.67 20.23
N GLN K 385 9.24 3.44 20.06
CA GLN K 385 8.84 2.35 20.93
C GLN K 385 9.59 2.35 22.26
N LEU K 386 10.84 2.83 22.28
CA LEU K 386 11.60 2.90 23.52
C LEU K 386 11.00 3.91 24.49
N LYS K 387 10.32 4.93 23.97
CA LYS K 387 9.70 5.91 24.86
C LYS K 387 8.48 5.34 25.56
N LYS K 388 7.87 4.29 25.00
CA LYS K 388 6.69 3.70 25.63
C LYS K 388 7.04 3.04 26.95
N ILE K 389 8.19 2.38 27.01
CA ILE K 389 8.54 1.69 28.25
C ILE K 389 9.02 2.65 29.33
N CYS K 390 9.44 3.85 28.96
CA CYS K 390 9.87 4.79 30.00
C CYS K 390 8.72 5.66 30.44
N ASN K 391 7.72 5.85 29.57
CA ASN K 391 6.48 6.42 30.06
C ASN K 391 5.78 5.41 30.96
N HIS K 392 5.34 4.28 30.39
CA HIS K 392 4.71 3.18 31.13
C HIS K 392 4.60 1.90 30.29
N PRO K 393 5.06 0.77 30.81
CA PRO K 393 4.94 -0.49 30.05
C PRO K 393 3.50 -0.99 29.99
N PHE K 394 3.35 -2.10 29.26
CA PHE K 394 2.10 -2.66 28.75
C PHE K 394 1.08 -1.63 28.22
N VAL K 395 1.58 -0.62 27.51
CA VAL K 395 0.72 0.06 26.56
C VAL K 395 0.42 -0.84 25.37
N PHE K 396 1.26 -1.86 25.15
CA PHE K 396 0.95 -2.92 24.23
C PHE K 396 -0.29 -3.68 24.66
N GLU K 397 -0.46 -3.86 25.98
CA GLU K 397 -1.52 -4.59 26.68
C GLU K 397 -1.55 -6.07 26.34
N GLU K 398 -0.56 -6.55 25.59
CA GLU K 398 -0.39 -7.96 25.35
C GLU K 398 0.35 -8.61 26.50
N VAL K 399 1.26 -7.85 27.14
CA VAL K 399 1.97 -8.32 28.31
C VAL K 399 1.31 -7.90 29.60
N GLU K 400 0.35 -6.96 29.54
CA GLU K 400 -0.54 -6.71 30.67
C GLU K 400 -1.27 -7.99 31.07
N ASP K 401 -1.81 -8.70 30.08
CA ASP K 401 -2.42 -10.00 30.32
C ASP K 401 -1.42 -11.03 30.80
N GLN K 402 -0.12 -10.85 30.49
CA GLN K 402 0.88 -11.72 31.07
C GLN K 402 1.13 -11.39 32.55
N ILE K 403 0.87 -10.15 32.96
CA ILE K 403 0.90 -9.88 34.40
C ILE K 403 -0.51 -9.97 34.99
N ASN K 404 -1.46 -9.19 34.48
CA ASN K 404 -2.82 -9.17 35.01
C ASN K 404 -3.78 -9.59 33.89
N PRO K 405 -4.05 -10.90 33.75
CA PRO K 405 -5.00 -11.33 32.72
C PRO K 405 -6.45 -11.07 33.07
N THR K 406 -6.76 -10.81 34.33
CA THR K 406 -8.12 -10.50 34.75
C THR K 406 -8.51 -9.05 34.48
N ARG K 407 -7.55 -8.24 34.02
CA ARG K 407 -7.67 -6.79 33.71
C ARG K 407 -8.35 -5.99 34.82
N GLU K 408 -8.19 -6.44 36.06
CA GLU K 408 -8.72 -5.74 37.22
C GLU K 408 -7.59 -4.95 37.87
N THR K 409 -7.83 -3.66 38.06
CA THR K 409 -6.79 -2.75 38.51
C THR K 409 -6.50 -2.95 39.99
N ASN K 410 -5.23 -2.91 40.36
CA ASN K 410 -4.78 -3.21 41.71
C ASN K 410 -3.38 -2.66 41.93
N ASP K 411 -2.90 -2.78 43.16
CA ASP K 411 -1.63 -2.19 43.56
C ASP K 411 -0.46 -2.98 42.97
N ASP K 412 0.60 -2.27 42.61
CA ASP K 412 1.83 -2.82 42.02
C ASP K 412 1.56 -3.64 40.75
N ILE K 413 0.56 -3.24 39.97
CA ILE K 413 0.46 -3.63 38.58
C ILE K 413 0.38 -2.41 37.67
N TRP K 414 -0.45 -1.43 38.04
CA TRP K 414 -0.25 -0.09 37.49
C TRP K 414 1.09 0.48 37.91
N ARG K 415 1.52 0.17 39.15
CA ARG K 415 2.68 0.79 39.78
C ARG K 415 3.99 0.09 39.42
N VAL K 416 4.04 -0.54 38.24
CA VAL K 416 5.25 -1.20 37.77
C VAL K 416 6.06 -0.29 36.83
N ALA K 417 5.64 0.96 36.68
CA ALA K 417 6.47 1.97 36.03
C ALA K 417 7.08 2.87 37.09
N GLY K 418 8.35 3.25 36.88
CA GLY K 418 9.11 3.90 37.93
C GLY K 418 8.64 5.31 38.25
N LYS K 419 8.00 5.97 37.29
CA LYS K 419 7.46 7.30 37.56
C LYS K 419 6.23 7.23 38.45
N PHE K 420 5.58 6.07 38.49
CA PHE K 420 4.28 5.96 39.14
C PHE K 420 4.41 5.78 40.64
N GLU K 421 5.52 5.17 41.09
CA GLU K 421 5.84 5.19 42.51
C GLU K 421 6.08 6.62 42.97
N LEU K 422 6.74 7.42 42.13
CA LEU K 422 6.91 8.83 42.45
C LEU K 422 5.58 9.56 42.43
N LEU K 423 4.65 9.13 41.59
CA LEU K 423 3.32 9.74 41.57
C LEU K 423 2.57 9.48 42.87
N ASP K 424 2.45 8.22 43.28
CA ASP K 424 1.68 8.02 44.50
C ASP K 424 2.49 8.29 45.77
N ARG K 425 3.76 8.70 45.64
CA ARG K 425 4.36 9.46 46.73
C ARG K 425 3.93 10.93 46.70
N ILE K 426 4.15 11.60 45.57
CA ILE K 426 4.09 13.07 45.55
C ILE K 426 2.66 13.58 45.48
N LEU K 427 1.83 13.02 44.59
CA LEU K 427 0.46 13.52 44.40
C LEU K 427 -0.45 13.49 45.62
N PRO K 428 -0.45 12.47 46.51
CA PRO K 428 -1.23 12.60 47.74
C PRO K 428 -0.72 13.67 48.69
N LYS K 429 0.56 14.02 48.62
CA LYS K 429 1.09 15.01 49.55
C LYS K 429 1.01 16.44 49.03
N LEU K 430 0.95 16.65 47.70
CA LEU K 430 0.49 17.94 47.21
C LEU K 430 -1.01 18.09 47.37
N LYS K 431 -1.73 16.96 47.35
CA LYS K 431 -3.11 16.95 47.81
C LYS K 431 -3.20 17.32 49.29
N ALA K 432 -2.19 16.95 50.08
CA ALA K 432 -2.15 17.36 51.48
C ALA K 432 -1.86 18.84 51.65
N THR K 433 -1.20 19.45 50.67
CA THR K 433 -0.92 20.90 50.72
C THR K 433 -1.93 21.71 49.92
N GLY K 434 -2.59 21.11 48.93
CA GLY K 434 -3.55 21.85 48.15
C GLY K 434 -2.94 22.78 47.13
N HIS K 435 -2.28 22.22 46.11
CA HIS K 435 -1.87 22.97 44.93
C HIS K 435 -2.58 22.40 43.71
N ARG K 436 -2.97 23.29 42.81
CA ARG K 436 -3.68 22.91 41.60
C ARG K 436 -2.67 22.57 40.51
N VAL K 437 -2.73 21.35 40.01
CA VAL K 437 -1.60 20.71 39.36
C VAL K 437 -1.92 20.42 37.90
N LEU K 438 -1.07 20.89 37.00
CA LEU K 438 -1.16 20.58 35.59
C LEU K 438 -0.25 19.39 35.31
N ILE K 439 -0.83 18.26 34.91
CA ILE K 439 -0.07 17.05 34.61
C ILE K 439 -0.09 16.84 33.11
N PHE K 440 1.10 16.86 32.51
CA PHE K 440 1.25 16.80 31.07
C PHE K 440 1.68 15.42 30.61
N PHE K 441 1.41 15.15 29.33
CA PHE K 441 1.74 13.88 28.71
C PHE K 441 1.99 14.10 27.23
N GLN K 442 2.78 13.20 26.66
CA GLN K 442 2.60 12.80 25.27
C GLN K 442 1.90 11.44 25.29
N MET K 443 1.62 10.91 24.10
CA MET K 443 1.20 9.51 23.91
C MET K 443 -0.05 9.14 24.68
N THR K 444 -1.23 9.61 24.23
CA THR K 444 -2.49 9.61 24.97
C THR K 444 -2.95 8.25 25.51
N GLN K 445 -2.33 7.14 25.11
CA GLN K 445 -2.57 5.89 25.83
C GLN K 445 -2.06 5.97 27.26
N ILE K 446 -0.99 6.72 27.49
CA ILE K 446 -0.56 6.99 28.85
C ILE K 446 -1.61 7.82 29.58
N MET K 447 -2.28 8.73 28.87
CA MET K 447 -3.37 9.49 29.48
C MET K 447 -4.55 8.59 29.82
N ASP K 448 -4.79 7.56 29.00
CA ASP K 448 -5.87 6.62 29.30
C ASP K 448 -5.54 5.75 30.51
N ILE K 449 -4.29 5.31 30.61
CA ILE K 449 -3.87 4.50 31.75
C ILE K 449 -3.83 5.34 33.02
N MET K 450 -3.44 6.61 32.91
CA MET K 450 -3.50 7.50 34.05
C MET K 450 -4.93 7.80 34.45
N GLU K 451 -5.85 7.84 33.50
CA GLU K 451 -7.27 7.93 33.79
C GLU K 451 -7.76 6.72 34.58
N ASP K 452 -7.34 5.53 34.15
CA ASP K 452 -7.75 4.30 34.82
C ASP K 452 -7.23 4.25 36.26
N PHE K 453 -5.97 4.64 36.47
CA PHE K 453 -5.47 4.72 37.84
C PHE K 453 -6.17 5.82 38.64
N LEU K 454 -6.41 6.96 38.02
CA LEU K 454 -6.86 8.08 38.82
C LEU K 454 -8.35 7.96 39.14
N ARG K 455 -9.04 7.02 38.50
CA ARG K 455 -10.29 6.48 39.02
C ARG K 455 -10.09 5.31 39.99
N TYR K 456 -8.96 4.57 39.90
CA TYR K 456 -8.68 3.55 40.90
C TYR K 456 -8.40 4.15 42.27
N ILE K 457 -7.84 5.35 42.31
CA ILE K 457 -7.58 6.03 43.58
C ILE K 457 -8.71 7.01 43.93
N ASN K 458 -9.51 7.42 42.94
CA ASN K 458 -10.67 8.32 43.10
C ASN K 458 -10.28 9.66 43.75
N ILE K 459 -9.45 10.42 43.04
CA ILE K 459 -9.25 11.82 43.37
C ILE K 459 -9.48 12.64 42.10
N LYS K 460 -9.95 13.87 42.28
CA LYS K 460 -10.63 14.60 41.21
C LYS K 460 -9.65 15.12 40.17
N TYR K 461 -10.06 15.05 38.90
CA TYR K 461 -9.25 15.48 37.78
C TYR K 461 -10.15 15.75 36.59
N LEU K 462 -9.54 16.31 35.54
CA LEU K 462 -10.20 16.52 34.27
C LEU K 462 -9.21 16.20 33.15
N ARG K 463 -9.74 16.01 31.95
CA ARG K 463 -8.96 15.55 30.81
C ARG K 463 -9.19 16.47 29.62
N LEU K 464 -8.13 16.73 28.87
CA LEU K 464 -8.24 17.43 27.60
C LEU K 464 -7.34 16.75 26.59
N ASP K 465 -7.76 16.73 25.34
CA ASP K 465 -7.05 15.99 24.31
C ASP K 465 -7.18 16.73 22.99
N GLY K 466 -7.00 16.01 21.90
CA GLY K 466 -7.31 16.50 20.57
C GLY K 466 -8.69 16.12 20.05
N HIS K 467 -9.53 15.50 20.88
CA HIS K 467 -10.84 15.01 20.44
C HIS K 467 -11.99 15.73 21.11
N THR K 468 -11.74 16.87 21.76
CA THR K 468 -12.74 17.53 22.57
C THR K 468 -13.65 18.44 21.75
N LYS K 469 -13.30 18.69 20.48
CA LYS K 469 -14.10 19.42 19.46
C LYS K 469 -14.33 20.88 19.82
N SER K 470 -13.49 21.43 20.72
CA SER K 470 -13.30 22.85 21.05
C SER K 470 -14.46 23.48 21.82
N ASP K 471 -15.61 22.81 21.86
CA ASP K 471 -16.75 23.34 22.60
C ASP K 471 -16.58 23.07 24.08
N GLU K 472 -16.35 21.80 24.43
CA GLU K 472 -16.03 21.45 25.80
C GLU K 472 -14.67 22.01 26.22
N ARG K 473 -13.78 22.30 25.25
CA ARG K 473 -12.55 23.00 25.58
C ARG K 473 -12.83 24.41 26.09
N SER K 474 -13.66 25.16 25.38
CA SER K 474 -14.00 26.50 25.85
C SER K 474 -14.87 26.45 27.10
N GLU K 475 -15.63 25.37 27.28
CA GLU K 475 -16.51 25.23 28.44
C GLU K 475 -15.73 24.85 29.70
N LEU K 476 -14.71 24.00 29.56
CA LEU K 476 -14.09 23.29 30.67
C LEU K 476 -13.25 24.21 31.57
N LEU K 477 -12.99 25.43 31.11
CA LEU K 477 -12.28 26.42 31.91
C LEU K 477 -13.07 26.79 33.15
N ARG K 478 -14.39 26.81 33.06
CA ARG K 478 -15.20 27.09 34.25
C ARG K 478 -15.26 25.89 35.18
N LEU K 479 -15.30 24.68 34.63
CA LEU K 479 -15.33 23.48 35.45
C LEU K 479 -14.03 23.30 36.21
N PHE K 480 -12.91 23.72 35.63
CA PHE K 480 -11.65 23.64 36.36
C PHE K 480 -11.46 24.86 37.26
N ASN K 481 -11.87 26.03 36.80
CA ASN K 481 -11.62 27.28 37.51
C ASN K 481 -12.81 27.75 38.33
N ALA K 482 -13.54 26.83 38.94
CA ALA K 482 -14.50 27.23 39.97
C ALA K 482 -13.73 27.75 41.19
N PRO K 483 -14.25 28.74 41.91
CA PRO K 483 -13.51 29.28 43.07
C PRO K 483 -13.34 28.30 44.21
N ASP K 484 -14.17 27.25 44.27
CA ASP K 484 -14.01 26.17 45.23
C ASP K 484 -13.86 24.83 44.53
N SER K 485 -13.19 24.83 43.37
CA SER K 485 -13.09 23.63 42.55
C SER K 485 -12.23 22.59 43.22
N GLU K 486 -12.85 21.47 43.61
CA GLU K 486 -12.13 20.39 44.25
C GLU K 486 -11.39 19.51 43.26
N TYR K 487 -11.53 19.77 41.97
CA TYR K 487 -10.55 19.32 41.00
C TYR K 487 -9.24 20.04 41.28
N LEU K 488 -8.20 19.30 41.67
CA LEU K 488 -6.90 19.91 41.90
C LEU K 488 -5.89 19.53 40.82
N CYS K 489 -5.68 18.24 40.59
CA CYS K 489 -4.84 17.87 39.47
C CYS K 489 -5.64 17.95 38.17
N PHE K 490 -4.91 17.95 37.05
CA PHE K 490 -5.52 18.20 35.76
C PHE K 490 -4.64 17.61 34.67
N ILE K 491 -5.14 16.57 34.00
CA ILE K 491 -4.41 15.90 32.93
C ILE K 491 -4.41 16.79 31.70
N LEU K 492 -3.27 16.88 31.03
CA LEU K 492 -3.19 17.51 29.73
C LEU K 492 -2.29 16.71 28.80
N SER K 493 -2.43 17.01 27.52
CA SER K 493 -1.42 16.72 26.53
C SER K 493 -0.60 17.98 26.28
N THR K 494 0.67 17.80 25.97
CA THR K 494 1.56 18.95 25.76
C THR K 494 1.22 19.64 24.45
N ARG K 495 0.93 18.86 23.41
CA ARG K 495 0.59 19.43 22.11
C ARG K 495 -0.79 20.09 22.11
N ALA K 496 -1.67 19.69 23.01
CA ALA K 496 -3.08 20.01 22.90
C ALA K 496 -3.38 21.46 23.29
N GLY K 497 -4.50 21.95 22.80
CA GLY K 497 -4.98 23.28 23.14
C GLY K 497 -4.67 24.33 22.11
N GLY K 498 -3.45 24.32 21.59
CA GLY K 498 -3.01 25.27 20.60
C GLY K 498 -3.02 26.71 21.09
N LEU K 499 -2.39 26.96 22.24
CA LEU K 499 -2.37 28.25 22.95
C LEU K 499 -3.77 28.76 23.26
N GLY K 500 -4.69 27.84 23.53
CA GLY K 500 -6.06 28.23 23.79
C GLY K 500 -6.54 27.81 25.16
N LEU K 501 -5.61 27.37 26.00
CA LEU K 501 -5.99 27.01 27.37
C LEU K 501 -6.30 28.27 28.18
N ASN K 502 -5.40 29.26 28.12
CA ASN K 502 -5.62 30.62 28.63
C ASN K 502 -5.89 30.61 30.15
N LEU K 503 -5.18 29.72 30.83
CA LEU K 503 -5.39 29.43 32.24
C LEU K 503 -4.38 30.22 33.07
N GLN K 504 -4.77 30.52 34.31
CA GLN K 504 -3.85 31.17 35.24
C GLN K 504 -3.90 30.63 36.67
N THR K 505 -4.90 29.83 37.04
CA THR K 505 -5.16 29.57 38.45
C THR K 505 -4.34 28.43 39.03
N ALA K 506 -3.82 27.53 38.20
CA ALA K 506 -3.03 26.43 38.72
C ALA K 506 -1.65 26.92 39.14
N ASP K 507 -0.97 26.11 39.96
CA ASP K 507 0.28 26.57 40.57
C ASP K 507 1.38 25.51 40.70
N THR K 508 1.27 24.36 40.03
CA THR K 508 2.31 23.34 40.04
C THR K 508 2.20 22.54 38.76
N VAL K 509 3.32 22.32 38.07
CA VAL K 509 3.34 21.58 36.82
C VAL K 509 4.31 20.42 36.98
N ILE K 510 3.84 19.21 36.76
CA ILE K 510 4.71 18.05 36.66
C ILE K 510 4.58 17.45 35.27
N ILE K 511 5.70 16.96 34.74
CA ILE K 511 5.81 16.58 33.34
C ILE K 511 6.43 15.19 33.26
N PHE K 512 5.78 14.29 32.51
CA PHE K 512 6.27 12.93 32.39
C PHE K 512 7.40 12.82 31.36
N ASP K 513 7.09 13.12 30.11
CA ASP K 513 8.09 13.04 29.06
C ASP K 513 8.24 14.40 28.40
N THR K 514 9.40 14.58 27.77
CA THR K 514 9.78 15.86 27.20
C THR K 514 9.64 15.81 25.69
N ASP K 515 9.21 16.93 25.10
CA ASP K 515 9.09 17.01 23.66
C ASP K 515 10.45 17.06 23.00
N TRP K 516 10.43 17.12 21.67
CA TRP K 516 11.64 17.39 20.92
C TRP K 516 11.95 18.88 20.83
N ASN K 517 11.07 19.72 21.34
CA ASN K 517 11.14 21.16 21.11
C ASN K 517 11.25 21.87 22.45
N PRO K 518 11.64 23.12 22.43
CA PRO K 518 11.35 23.97 23.59
C PRO K 518 10.03 24.69 23.42
N HIS K 519 9.16 24.23 22.52
CA HIS K 519 7.83 24.79 22.55
C HIS K 519 7.03 24.21 23.70
N GLN K 520 7.45 23.06 24.22
CA GLN K 520 6.93 22.57 25.48
C GLN K 520 7.23 23.55 26.61
N ASP K 521 8.45 24.07 26.65
CA ASP K 521 8.82 25.19 27.51
C ASP K 521 7.91 26.37 27.21
N LEU K 522 8.02 26.96 26.04
CA LEU K 522 7.37 28.24 25.80
C LEU K 522 5.87 28.12 25.48
N GLN K 523 5.25 26.96 25.73
CA GLN K 523 3.80 26.89 25.86
C GLN K 523 3.38 26.38 27.22
N ALA K 524 3.83 25.19 27.64
CA ALA K 524 3.31 24.57 28.84
C ALA K 524 3.88 25.19 30.11
N GLN K 525 5.02 25.87 30.03
CA GLN K 525 5.39 26.73 31.14
C GLN K 525 4.49 27.96 31.18
N ASP K 526 4.18 28.51 30.01
CA ASP K 526 3.40 29.74 29.91
C ASP K 526 1.92 29.54 30.13
N ARG K 527 1.46 28.29 30.28
CA ARG K 527 0.10 28.05 30.72
C ARG K 527 -0.14 28.48 32.16
N ALA K 528 0.92 28.68 32.94
CA ALA K 528 0.82 29.31 34.25
C ALA K 528 1.69 30.54 34.39
N HIS K 529 2.62 30.78 33.47
CA HIS K 529 3.47 31.97 33.54
C HIS K 529 2.81 33.21 32.97
N ARG K 530 1.57 33.12 32.50
CA ARG K 530 0.91 34.26 31.91
C ARG K 530 0.29 35.14 33.00
N ILE K 531 -0.56 36.07 32.59
CA ILE K 531 -1.15 37.04 33.51
C ILE K 531 -2.20 36.37 34.37
N GLY K 532 -2.16 36.63 35.67
CA GLY K 532 -3.22 36.20 36.57
C GLY K 532 -2.80 35.26 37.68
N GLN K 533 -1.53 34.88 37.79
CA GLN K 533 -1.06 34.00 38.85
C GLN K 533 -0.12 34.75 39.78
N LYS K 534 -0.27 34.51 41.09
CA LYS K 534 0.58 35.14 42.09
C LYS K 534 1.28 34.12 42.99
N ASN K 535 1.20 32.84 42.65
CA ASN K 535 1.86 31.79 43.42
C ASN K 535 3.29 31.61 42.94
N GLU K 536 3.94 30.54 43.37
CA GLU K 536 5.30 30.21 42.97
C GLU K 536 5.25 28.92 42.17
N VAL K 537 5.43 29.03 40.85
CA VAL K 537 5.18 27.93 39.93
C VAL K 537 6.35 26.96 40.06
N ARG K 538 6.12 25.83 40.73
CA ARG K 538 7.15 24.85 40.97
C ARG K 538 7.04 23.77 39.90
N ILE K 539 7.94 23.81 38.92
CA ILE K 539 7.92 22.90 37.79
C ILE K 539 8.79 21.69 38.15
N LEU K 540 8.28 20.49 37.91
CA LEU K 540 9.06 19.28 38.04
C LEU K 540 9.15 18.60 36.68
N ARG K 541 10.17 17.77 36.51
CA ARG K 541 10.40 17.10 35.24
C ARG K 541 10.86 15.69 35.53
N LEU K 542 10.27 14.71 34.86
CA LEU K 542 10.54 13.32 35.16
C LEU K 542 11.45 12.68 34.12
N ILE K 543 12.29 11.77 34.61
CA ILE K 543 13.28 11.08 33.79
C ILE K 543 13.75 9.88 34.59
N THR K 544 14.05 8.78 33.90
CA THR K 544 14.54 7.57 34.54
C THR K 544 16.06 7.49 34.44
N THR K 545 16.62 6.43 35.04
CA THR K 545 18.05 6.17 35.01
C THR K 545 18.43 5.49 33.70
N ASN K 546 19.21 6.18 32.88
CA ASN K 546 19.92 5.62 31.71
C ASN K 546 18.95 5.08 30.66
N SER K 547 17.99 5.91 30.28
CA SER K 547 17.07 5.62 29.19
C SER K 547 17.47 6.40 27.96
N VAL K 548 16.74 6.19 26.86
CA VAL K 548 16.91 7.05 25.69
C VAL K 548 16.27 8.41 25.95
N GLU K 549 15.32 8.46 26.89
CA GLU K 549 14.65 9.71 27.22
C GLU K 549 15.63 10.71 27.83
N GLU K 550 16.70 10.20 28.46
CA GLU K 550 17.80 11.05 28.87
C GLU K 550 18.45 11.74 27.68
N VAL K 551 18.69 11.00 26.58
CA VAL K 551 19.39 11.66 25.48
C VAL K 551 18.44 12.58 24.72
N ILE K 552 17.12 12.31 24.75
CA ILE K 552 16.15 13.31 24.31
C ILE K 552 16.27 14.58 25.15
N LEU K 553 16.33 14.42 26.48
CA LEU K 553 16.42 15.54 27.41
C LEU K 553 17.66 16.38 27.16
N GLU K 554 18.85 15.76 27.21
CA GLU K 554 20.08 16.53 27.06
C GLU K 554 20.25 17.05 25.64
N ARG K 555 19.91 16.22 24.63
CA ARG K 555 19.97 16.64 23.23
C ARG K 555 19.13 17.88 22.97
N ALA K 556 17.82 17.79 23.26
CA ALA K 556 16.89 18.88 23.04
C ALA K 556 17.28 20.11 23.86
N TYR K 557 17.46 19.95 25.18
CA TYR K 557 17.71 21.10 26.04
C TYR K 557 19.06 21.76 25.73
N LYS K 558 20.15 21.02 25.86
CA LYS K 558 21.44 21.67 25.79
C LYS K 558 21.87 21.96 24.35
N LYS K 559 21.48 21.12 23.38
CA LYS K 559 21.77 21.44 21.99
C LYS K 559 20.65 22.24 21.34
N LEU K 560 19.65 22.67 22.10
CA LEU K 560 18.66 23.66 21.67
C LEU K 560 18.53 24.78 22.67
N ASP K 561 19.61 25.07 23.38
CA ASP K 561 19.80 26.37 24.02
C ASP K 561 20.29 27.44 23.05
N ILE K 562 20.25 27.17 21.73
CA ILE K 562 20.56 28.13 20.69
C ILE K 562 19.62 29.33 20.77
N ASP K 563 18.38 29.12 21.22
CA ASP K 563 17.44 30.19 21.50
C ASP K 563 17.89 31.11 22.63
N GLY K 564 18.87 30.69 23.44
CA GLY K 564 19.50 31.61 24.38
C GLY K 564 20.17 32.77 23.70
N LYS K 565 20.74 32.54 22.50
CA LYS K 565 21.33 33.62 21.73
C LYS K 565 20.27 34.61 21.28
N VAL K 566 19.07 34.15 20.95
CA VAL K 566 18.04 35.08 20.50
C VAL K 566 17.36 35.76 21.69
N ILE K 567 17.26 35.07 22.85
CA ILE K 567 16.69 35.73 24.02
C ILE K 567 17.68 36.74 24.59
N GLN K 568 18.98 36.58 24.28
CA GLN K 568 19.94 37.65 24.51
C GLN K 568 19.92 38.69 23.41
N ALA K 569 19.50 38.30 22.21
CA ALA K 569 19.38 39.24 21.11
C ALA K 569 18.25 40.23 21.34
N GLY K 570 17.23 39.82 22.10
CA GLY K 570 16.09 40.69 22.34
C GLY K 570 16.42 41.95 23.12
N LYS K 571 17.37 41.87 24.04
CA LYS K 571 17.64 42.99 24.94
C LYS K 571 18.42 44.11 24.27
N PHE K 572 19.02 43.88 23.10
CA PHE K 572 19.45 44.96 22.23
C PHE K 572 18.63 45.01 20.94
N ASP K 573 17.67 44.11 20.78
CA ASP K 573 16.67 44.28 19.75
C ASP K 573 15.64 45.31 20.16
N ASN K 574 15.56 45.57 21.47
CA ASN K 574 14.86 46.68 22.08
C ASN K 574 15.68 47.97 21.94
N LYS K 575 15.43 48.94 22.81
CA LYS K 575 16.02 50.29 22.77
C LYS K 575 17.56 50.30 22.74
N SER K 576 18.21 49.17 23.06
CA SER K 576 19.58 48.83 22.68
C SER K 576 20.62 49.77 23.28
N THR K 577 20.76 49.67 24.60
CA THR K 577 22.02 50.02 25.22
C THR K 577 23.10 49.07 24.70
N SER K 578 24.05 49.62 23.96
CA SER K 578 24.88 48.84 23.04
C SER K 578 25.93 47.97 23.72
N GLU K 579 26.01 47.95 25.05
CA GLU K 579 26.90 47.06 25.78
C GLU K 579 26.32 45.66 25.96
N GLU K 580 25.14 45.41 25.40
CA GLU K 580 24.37 44.19 25.69
C GLU K 580 25.07 42.96 25.15
N GLN K 581 25.24 42.90 23.82
CA GLN K 581 25.83 41.75 23.11
C GLN K 581 27.31 41.56 23.39
N GLU K 582 27.93 42.38 24.23
CA GLU K 582 29.23 42.07 24.79
C GLU K 582 29.09 41.60 26.24
N ALA K 583 28.61 42.46 27.13
CA ALA K 583 28.67 42.18 28.55
C ALA K 583 27.60 41.19 28.98
N LEU K 584 26.35 41.45 28.63
CA LEU K 584 25.34 40.50 29.05
C LEU K 584 25.26 39.29 28.13
N LEU K 585 25.87 39.36 26.94
CA LEU K 585 26.13 38.13 26.21
C LEU K 585 27.20 37.29 26.90
N ARG K 586 28.16 37.94 27.59
CA ARG K 586 29.07 37.17 28.45
C ARG K 586 28.33 36.60 29.66
N SER K 587 27.30 37.30 30.16
CA SER K 587 26.49 36.73 31.21
C SER K 587 25.66 35.56 30.70
N LEU K 588 25.31 35.57 29.41
CA LEU K 588 24.75 34.38 28.77
C LEU K 588 25.80 33.29 28.64
N LEU K 589 27.03 33.67 28.31
CA LEU K 589 28.14 32.72 28.23
C LEU K 589 28.50 32.14 29.59
N ASP K 590 28.04 32.74 30.69
CA ASP K 590 28.04 32.03 31.97
C ASP K 590 27.22 30.75 31.88
N ALA K 591 26.06 30.82 31.25
CA ALA K 591 25.29 29.59 31.02
C ALA K 591 25.99 28.70 30.00
N GLU K 592 26.55 29.30 28.95
CA GLU K 592 27.28 28.49 27.96
C GLU K 592 28.57 27.89 28.49
N GLU K 593 29.09 28.35 29.62
CA GLU K 593 30.24 27.69 30.22
C GLU K 593 29.84 26.71 31.32
N GLU K 594 28.74 26.94 32.05
CA GLU K 594 28.20 25.92 32.93
C GLU K 594 27.21 24.98 32.25
N ARG K 595 27.26 24.88 30.91
CA ARG K 595 26.62 23.76 30.23
C ARG K 595 27.14 22.41 30.73
N ARG K 596 28.39 22.08 30.40
CA ARG K 596 28.93 20.78 30.75
C ARG K 596 29.71 20.83 32.08
N LYS K 597 29.74 21.99 32.74
CA LYS K 597 30.23 22.00 34.12
C LYS K 597 29.26 21.29 35.06
N LYS K 598 28.00 21.18 34.67
CA LYS K 598 27.00 20.45 35.43
C LYS K 598 26.91 18.98 35.03
N ARG K 599 27.94 18.43 34.39
CA ARG K 599 27.84 17.08 33.86
C ARG K 599 28.05 16.03 34.96
N GLU K 600 29.24 16.01 35.55
CA GLU K 600 29.57 14.96 36.51
C GLU K 600 30.13 15.56 37.80
N LEU K 609 16.60 10.50 43.92
CA LEU K 609 15.71 9.52 44.52
C LEU K 609 15.83 9.56 46.03
N LYS K 610 15.06 10.45 46.66
CA LYS K 610 15.05 10.56 48.11
C LYS K 610 13.72 11.15 48.55
N ASP K 611 13.13 10.57 49.59
CA ASP K 611 11.82 11.00 50.05
C ASP K 611 11.86 12.40 50.66
N SER K 612 12.84 12.66 51.54
CA SER K 612 12.92 13.96 52.19
C SER K 612 13.37 15.05 51.22
N GLU K 613 14.26 14.71 50.29
CA GLU K 613 14.80 15.70 49.35
C GLU K 613 13.73 16.15 48.36
N ILE K 614 13.01 15.20 47.76
CA ILE K 614 11.93 15.54 46.84
C ILE K 614 10.77 16.18 47.60
N ASN K 615 10.51 15.73 48.83
CA ASN K 615 9.45 16.30 49.64
C ASN K 615 9.76 17.74 50.03
N GLU K 616 11.04 18.08 50.16
CA GLU K 616 11.41 19.47 50.36
C GLU K 616 11.30 20.28 49.07
N ILE K 617 11.81 19.74 47.95
CA ILE K 617 11.86 20.55 46.74
C ILE K 617 10.52 20.61 45.99
N LEU K 618 9.50 19.92 46.48
CA LEU K 618 8.15 20.23 46.02
C LEU K 618 7.52 21.34 46.84
N ALA K 619 7.88 21.44 48.12
CA ALA K 619 7.22 22.35 49.05
C ALA K 619 7.63 23.79 48.78
N ARG K 620 6.94 24.70 49.46
CA ARG K 620 7.22 26.13 49.38
C ARG K 620 7.68 26.72 50.70
N ASN K 621 6.90 26.56 51.76
CA ASN K 621 7.14 27.27 53.00
C ASN K 621 7.00 26.30 54.17
N ASP K 622 7.11 26.84 55.38
CA ASP K 622 7.24 26.01 56.57
C ASP K 622 5.91 25.45 57.07
N GLU K 623 4.78 26.02 56.64
CA GLU K 623 3.51 25.35 56.92
C GLU K 623 3.18 24.26 55.91
N GLU K 624 3.89 24.23 54.78
CA GLU K 624 3.90 23.02 53.96
C GLU K 624 4.90 22.01 54.50
N MET K 625 6.01 22.49 55.06
CA MET K 625 6.92 21.62 55.80
C MET K 625 6.22 20.96 56.98
N ALA K 626 5.32 21.72 57.62
CA ALA K 626 4.58 21.19 58.76
C ALA K 626 3.63 20.07 58.35
N VAL K 627 2.92 20.23 57.23
CA VAL K 627 1.99 19.18 56.85
C VAL K 627 2.69 17.98 56.23
N LEU K 628 3.85 18.18 55.57
CA LEU K 628 4.58 17.02 55.08
C LEU K 628 5.21 16.24 56.24
N THR K 629 5.76 16.94 57.23
CA THR K 629 6.27 16.24 58.40
C THR K 629 5.15 15.69 59.27
N ARG K 630 3.95 16.26 59.18
CA ARG K 630 2.81 15.70 59.90
C ARG K 630 2.34 14.42 59.24
N MET K 631 2.34 14.36 57.91
CA MET K 631 2.13 13.10 57.19
C MET K 631 3.21 12.08 57.54
N ASP K 632 4.45 12.55 57.67
CA ASP K 632 5.55 11.68 58.07
C ASP K 632 5.33 11.11 59.47
N GLU K 633 4.92 11.95 60.41
CA GLU K 633 4.67 11.49 61.78
C GLU K 633 3.41 10.62 61.86
N ASP K 634 2.46 10.82 60.95
CA ASP K 634 1.27 9.97 60.93
C ASP K 634 1.60 8.59 60.40
N ARG K 635 2.45 8.48 59.38
CA ARG K 635 2.85 7.17 58.91
C ARG K 635 4.11 6.67 59.59
N SER K 636 4.59 7.37 60.62
CA SER K 636 5.70 6.88 61.44
C SER K 636 5.25 5.80 62.42
N LYS K 637 4.08 5.97 63.02
CA LYS K 637 3.51 4.94 63.90
C LYS K 637 3.04 3.71 63.12
N LYS K 638 2.79 3.86 61.83
CA LYS K 638 2.53 2.75 60.92
C LYS K 638 3.88 2.39 60.25
N GLU K 639 3.91 1.34 59.44
CA GLU K 639 5.10 1.01 58.66
C GLU K 639 5.41 2.12 57.68
N GLU K 640 4.52 2.33 56.71
CA GLU K 640 4.68 3.40 55.73
C GLU K 640 3.37 4.16 55.56
N LYS K 645 3.66 -6.70 50.06
CA LYS K 645 3.98 -5.84 48.92
C LYS K 645 5.17 -4.95 49.21
N SER K 646 5.88 -4.54 48.16
CA SER K 646 7.07 -3.71 48.31
C SER K 646 6.96 -2.45 47.46
N ARG K 647 8.08 -1.73 47.35
CA ARG K 647 8.08 -0.44 46.67
C ARG K 647 7.95 -0.63 45.15
N LEU K 648 8.86 -1.39 44.56
CA LEU K 648 8.81 -1.68 43.13
C LEU K 648 8.95 -3.17 42.85
N LEU K 649 8.07 -3.66 41.99
CA LEU K 649 8.16 -5.02 41.50
C LEU K 649 9.41 -5.18 40.64
N GLU K 650 9.95 -6.40 40.60
CA GLU K 650 11.23 -6.66 39.94
C GLU K 650 11.06 -7.68 38.81
N LYS K 651 12.19 -8.02 38.20
CA LYS K 651 12.25 -8.96 37.10
C LYS K 651 11.93 -10.37 37.56
N LYS K 667 6.10 -12.34 38.91
CA LYS K 667 7.19 -11.72 39.65
C LYS K 667 8.53 -12.08 39.02
N ARG K 668 9.09 -13.23 39.40
CA ARG K 668 10.45 -13.56 38.98
C ARG K 668 10.53 -14.16 37.58
N GLU K 669 10.00 -15.37 37.41
CA GLU K 669 10.20 -16.09 36.15
C GLU K 669 9.25 -15.61 35.05
N GLU K 670 8.19 -14.88 35.42
CA GLU K 670 7.29 -14.33 34.41
C GLU K 670 7.98 -13.30 33.55
N SER K 671 8.92 -12.55 34.12
CA SER K 671 9.64 -11.53 33.36
C SER K 671 10.60 -12.16 32.36
N GLU K 672 11.37 -13.17 32.78
CA GLU K 672 12.21 -13.89 31.82
C GLU K 672 11.45 -14.86 30.93
N SER K 673 10.15 -15.03 31.15
CA SER K 673 9.31 -15.79 30.23
C SER K 673 8.44 -14.92 29.34
N ALA K 674 8.45 -13.60 29.57
CA ALA K 674 7.55 -12.68 28.84
C ALA K 674 7.87 -12.60 27.36
N ALA K 675 9.08 -12.15 27.02
CA ALA K 675 9.42 -11.84 25.64
C ALA K 675 10.44 -12.79 25.04
N VAL K 676 10.57 -14.00 25.60
CA VAL K 676 11.43 -15.01 24.99
C VAL K 676 10.66 -15.91 24.03
N TYR K 677 9.33 -15.92 24.10
CA TYR K 677 8.51 -16.73 23.21
C TYR K 677 7.89 -15.93 22.08
N ASN K 678 8.07 -14.61 22.06
CA ASN K 678 7.44 -13.77 21.04
C ASN K 678 8.22 -13.80 19.72
N GLY K 679 9.45 -13.32 19.75
CA GLY K 679 10.27 -13.29 18.55
C GLY K 679 11.74 -13.03 18.76
#